data_5X1H
#
_entry.id   5X1H
#
_cell.length_a   155.357
_cell.length_b   155.357
_cell.length_c   527.711
_cell.angle_alpha   90.000
_cell.angle_beta   90.000
_cell.angle_gamma   120.000
#
_symmetry.space_group_name_H-M   'P 65 2 2'
#
loop_
_entity.id
_entity.type
_entity.pdbx_description
1 polymer 'IcmJ (DotN)'
2 polymer 'IcmJ (DotN)'
3 non-polymer 'ZINC ION'
#
loop_
_entity_poly.entity_id
_entity_poly.type
_entity_poly.pdbx_seq_one_letter_code
_entity_poly.pdbx_strand_id
1 'polypeptide(L)'
;MADNQQRCELKLIASPGSWRLYSARKIDERFKSYEQKIFQRDRYTCQFCGFQARLYQDIVNLDGDYTNNRLSNLVTACCF
CAQCFFVESVGVGGYGGGTLIYLPELTQAELNSLCHVLFCAITNDTGYKSSAQNIYRSFKFRSQIVEEKFGEGTSDPAIF
GQLMIDSGVNSEEIREKLFKNIRLLPSRAKFRKQIEKWAASALEEIAD
;
A,C,E,G,I,K,M,O,S,U,W
2 'polypeptide(L)'
;RCELKLIASPGSWRLYSARKIDERFKSYEQKIFQRDRYTCQFCGFQARLYQDIVNLDGDYTNNRLSNLVTACCFCAQCFF
VESVGVGGYGGGTLIYLPELTQAELNSLCHVLFCAITNDTGYKSSAQNIYRSFKFRSQIVEEKFGEGTSDPAIFGQLMID
SGVNSEEIREKLFKNIRLLPSRAKFRKQIEKWAAS
;
Q
#
loop_
_chem_comp.id
_chem_comp.type
_chem_comp.name
_chem_comp.formula
ZN non-polymer 'ZINC ION' 'Zn 2'
#
# COMPACT_ATOMS: atom_id res chain seq x y z
N ARG A 7 29.32 -17.22 -35.02
CA ARG A 7 27.86 -17.24 -35.01
C ARG A 7 27.32 -18.59 -35.46
N CYS A 8 26.05 -18.60 -35.88
CA CYS A 8 25.43 -19.77 -36.47
C CYS A 8 25.02 -19.47 -37.90
N GLU A 9 24.04 -20.20 -38.42
CA GLU A 9 23.54 -20.02 -39.79
C GLU A 9 22.07 -19.67 -39.74
N LEU A 10 21.72 -18.47 -40.21
CA LEU A 10 20.34 -18.03 -40.29
C LEU A 10 19.77 -18.40 -41.65
N LYS A 11 18.55 -18.94 -41.65
CA LYS A 11 17.91 -19.40 -42.87
C LYS A 11 16.40 -19.24 -42.74
N LEU A 12 15.78 -18.67 -43.77
CA LEU A 12 14.33 -18.57 -43.80
C LEU A 12 13.72 -19.97 -43.82
N ILE A 13 12.66 -20.15 -43.03
CA ILE A 13 12.07 -21.48 -42.82
C ILE A 13 10.56 -21.36 -42.78
N ALA A 14 9.87 -22.22 -43.51
CA ALA A 14 8.41 -22.32 -43.50
C ALA A 14 8.02 -23.68 -42.93
N SER A 15 8.27 -23.86 -41.62
CA SER A 15 7.91 -25.09 -40.96
C SER A 15 6.39 -25.28 -40.98
N PRO A 16 5.92 -26.52 -40.86
CA PRO A 16 4.47 -26.78 -40.98
C PRO A 16 3.66 -26.15 -39.85
N GLY A 17 4.01 -26.45 -38.61
CA GLY A 17 3.28 -25.91 -37.48
C GLY A 17 4.12 -25.73 -36.23
N SER A 18 5.40 -25.41 -36.42
CA SER A 18 6.29 -25.23 -35.28
C SER A 18 5.98 -23.96 -34.48
N TRP A 19 5.35 -22.97 -35.10
CA TRP A 19 5.02 -21.75 -34.38
C TRP A 19 3.97 -22.02 -33.31
N ARG A 20 2.96 -22.82 -33.63
CA ARG A 20 1.98 -23.22 -32.62
C ARG A 20 2.61 -23.97 -31.46
N LEU A 21 3.79 -24.56 -31.68
CA LEU A 21 4.57 -25.18 -30.61
C LEU A 21 5.55 -24.18 -30.00
N TYR A 22 6.16 -23.34 -30.83
CA TYR A 22 7.05 -22.30 -30.33
C TYR A 22 6.31 -21.30 -29.46
N SER A 23 5.07 -20.97 -29.84
CA SER A 23 4.28 -20.04 -29.04
C SER A 23 3.78 -20.71 -27.76
N ALA A 24 3.33 -21.96 -27.86
CA ALA A 24 2.81 -22.67 -26.70
C ALA A 24 3.89 -22.92 -25.65
N ARG A 25 5.17 -22.95 -26.05
CA ARG A 25 6.24 -23.13 -25.08
C ARG A 25 6.58 -21.83 -24.37
N LYS A 26 6.51 -20.70 -25.10
CA LYS A 26 6.88 -19.41 -24.52
C LYS A 26 5.96 -18.99 -23.39
N ILE A 27 4.76 -19.57 -23.31
CA ILE A 27 3.79 -19.21 -22.29
C ILE A 27 3.74 -20.26 -21.17
N ASP A 28 4.80 -21.03 -21.00
CA ASP A 28 4.86 -22.11 -20.02
C ASP A 28 5.78 -21.73 -18.88
N GLU A 29 5.37 -22.03 -17.65
CA GLU A 29 6.16 -21.67 -16.48
C GLU A 29 7.41 -22.52 -16.35
N ARG A 30 7.33 -23.80 -16.73
CA ARG A 30 8.49 -24.68 -16.66
C ARG A 30 9.61 -24.19 -17.57
N PHE A 31 9.26 -23.53 -18.67
CA PHE A 31 10.27 -22.96 -19.56
C PHE A 31 10.83 -21.67 -19.00
N LYS A 32 9.98 -20.81 -18.42
CA LYS A 32 10.42 -19.53 -17.90
C LYS A 32 11.42 -19.66 -16.76
N SER A 33 11.48 -20.82 -16.11
CA SER A 33 12.43 -21.02 -15.02
C SER A 33 13.87 -20.97 -15.53
N TYR A 34 14.23 -21.90 -16.41
CA TYR A 34 15.56 -21.92 -17.00
C TYR A 34 15.64 -21.11 -18.29
N GLU A 35 14.58 -20.36 -18.62
CA GLU A 35 14.66 -19.42 -19.74
C GLU A 35 15.77 -18.40 -19.51
N GLN A 36 16.03 -18.06 -18.24
CA GLN A 36 17.07 -17.09 -17.92
C GLN A 36 18.47 -17.66 -18.17
N LYS A 37 18.64 -18.97 -18.02
CA LYS A 37 19.96 -19.57 -18.20
C LYS A 37 20.47 -19.40 -19.62
N ILE A 38 19.59 -19.57 -20.61
CA ILE A 38 20.00 -19.41 -22.00
C ILE A 38 20.41 -17.97 -22.26
N PHE A 39 19.66 -17.01 -21.69
CA PHE A 39 20.02 -15.60 -21.84
C PHE A 39 21.36 -15.32 -21.16
N GLN A 40 21.54 -15.83 -19.93
CA GLN A 40 22.80 -15.64 -19.23
C GLN A 40 23.95 -16.33 -19.96
N ARG A 41 23.67 -17.45 -20.62
CA ARG A 41 24.71 -18.17 -21.35
C ARG A 41 25.19 -17.38 -22.56
N ASP A 42 24.26 -17.04 -23.46
CA ASP A 42 24.60 -16.27 -24.65
C ASP A 42 24.83 -14.79 -24.37
N ARG A 43 24.82 -14.38 -23.10
CA ARG A 43 25.10 -13.00 -22.70
C ARG A 43 24.13 -12.01 -23.34
N TYR A 44 22.85 -12.39 -23.39
CA TYR A 44 21.79 -11.55 -23.94
C TYR A 44 22.15 -11.03 -25.33
N THR A 45 22.73 -11.92 -26.15
CA THR A 45 23.17 -11.58 -27.49
C THR A 45 22.56 -12.57 -28.48
N CYS A 46 22.00 -12.05 -29.57
CA CYS A 46 21.49 -12.92 -30.62
C CYS A 46 22.62 -13.68 -31.27
N GLN A 47 22.46 -15.00 -31.37
CA GLN A 47 23.48 -15.86 -31.97
C GLN A 47 23.43 -15.88 -33.49
N PHE A 48 22.75 -14.93 -34.11
CA PHE A 48 22.66 -14.84 -35.56
C PHE A 48 23.11 -13.50 -36.11
N CYS A 49 22.78 -12.40 -35.43
CA CYS A 49 23.18 -11.07 -35.89
C CYS A 49 23.89 -10.26 -34.82
N GLY A 50 24.23 -10.87 -33.69
CA GLY A 50 25.05 -10.21 -32.69
C GLY A 50 24.41 -9.03 -32.01
N PHE A 51 23.08 -8.95 -31.98
CA PHE A 51 22.39 -7.85 -31.31
C PHE A 51 22.34 -8.13 -29.81
N GLN A 52 22.84 -7.17 -29.02
CA GLN A 52 22.91 -7.31 -27.58
C GLN A 52 21.88 -6.38 -26.94
N ALA A 53 21.00 -6.95 -26.12
CA ALA A 53 19.99 -6.21 -25.39
C ALA A 53 19.41 -7.10 -24.31
N ARG A 54 19.10 -6.52 -23.16
CA ARG A 54 18.52 -7.25 -22.02
C ARG A 54 17.01 -7.10 -21.97
N LEU A 55 16.35 -7.08 -23.12
CA LEU A 55 14.91 -6.89 -23.19
C LEU A 55 14.40 -7.37 -24.54
N TYR A 56 13.28 -8.09 -24.52
CA TYR A 56 12.59 -8.54 -25.73
C TYR A 56 13.49 -9.40 -26.61
N GLN A 57 14.03 -10.46 -26.02
CA GLN A 57 14.83 -11.45 -26.74
C GLN A 57 14.08 -12.77 -26.75
N ASP A 58 14.20 -13.49 -27.86
CA ASP A 58 13.52 -14.76 -28.05
C ASP A 58 14.51 -15.92 -27.98
N ILE A 59 13.98 -17.10 -27.67
CA ILE A 59 14.75 -18.34 -27.67
C ILE A 59 14.11 -19.28 -28.66
N VAL A 60 14.87 -19.70 -29.67
CA VAL A 60 14.38 -20.59 -30.71
C VAL A 60 15.18 -21.88 -30.68
N ASN A 61 14.63 -22.90 -31.34
CA ASN A 61 15.32 -24.17 -31.51
C ASN A 61 16.05 -24.17 -32.85
N LEU A 62 17.31 -24.60 -32.83
CA LEU A 62 18.13 -24.58 -34.04
C LEU A 62 17.58 -25.54 -35.09
N ASP A 63 17.41 -26.81 -34.73
CA ASP A 63 17.02 -27.85 -35.67
C ASP A 63 15.56 -27.78 -36.08
N GLY A 64 14.81 -26.78 -35.63
CA GLY A 64 13.42 -26.63 -36.04
C GLY A 64 12.45 -27.63 -35.45
N ASP A 65 12.93 -28.61 -34.67
CA ASP A 65 12.07 -29.57 -34.00
C ASP A 65 11.91 -29.15 -32.54
N TYR A 66 10.66 -29.05 -32.09
CA TYR A 66 10.36 -28.58 -30.75
C TYR A 66 9.98 -29.70 -29.80
N THR A 67 10.16 -30.95 -30.22
CA THR A 67 10.14 -32.09 -29.32
C THR A 67 11.53 -32.42 -28.79
N ASN A 68 12.53 -31.60 -29.14
CA ASN A 68 13.87 -31.68 -28.58
C ASN A 68 14.18 -30.34 -27.93
N ASN A 69 14.56 -30.37 -26.64
CA ASN A 69 14.71 -29.13 -25.89
C ASN A 69 15.99 -29.12 -25.06
N ARG A 70 17.02 -29.84 -25.50
CA ARG A 70 18.30 -29.77 -24.81
C ARG A 70 18.90 -28.38 -24.94
N LEU A 71 19.61 -27.95 -23.89
CA LEU A 71 20.16 -26.60 -23.86
C LEU A 71 21.13 -26.35 -25.01
N SER A 72 21.82 -27.40 -25.47
CA SER A 72 22.75 -27.26 -26.58
C SER A 72 22.07 -26.92 -27.89
N ASN A 73 20.74 -26.91 -27.93
CA ASN A 73 19.98 -26.59 -29.13
C ASN A 73 19.28 -25.24 -29.06
N LEU A 74 18.76 -24.87 -27.89
CA LEU A 74 18.06 -23.60 -27.74
C LEU A 74 19.07 -22.45 -27.73
N VAL A 75 18.94 -21.55 -28.70
CA VAL A 75 19.84 -20.41 -28.82
C VAL A 75 19.03 -19.13 -28.68
N THR A 76 19.73 -18.06 -28.30
CA THR A 76 19.12 -16.74 -28.14
C THR A 76 19.10 -16.03 -29.49
N ALA A 77 17.93 -15.50 -29.86
CA ALA A 77 17.76 -14.83 -31.13
C ALA A 77 16.89 -13.60 -30.95
N CYS A 78 17.35 -12.47 -31.47
CA CYS A 78 16.53 -11.26 -31.48
C CYS A 78 15.29 -11.48 -32.33
N CYS A 79 14.23 -10.74 -32.02
CA CYS A 79 12.94 -10.97 -32.66
C CYS A 79 12.98 -10.73 -34.16
N PHE A 80 13.99 -10.01 -34.67
CA PHE A 80 14.16 -9.90 -36.12
C PHE A 80 14.52 -11.25 -36.73
N CYS A 81 15.56 -11.90 -36.20
CA CYS A 81 15.93 -13.23 -36.68
C CYS A 81 14.96 -14.30 -36.21
N ALA A 82 14.24 -14.07 -35.10
CA ALA A 82 13.33 -15.07 -34.58
C ALA A 82 12.15 -15.31 -35.50
N GLN A 83 11.65 -14.25 -36.14
CA GLN A 83 10.53 -14.39 -37.06
C GLN A 83 10.93 -14.96 -38.41
N CYS A 84 12.22 -15.29 -38.61
CA CYS A 84 12.66 -15.91 -39.85
C CYS A 84 12.48 -17.42 -39.82
N PHE A 85 12.33 -18.01 -38.64
CA PHE A 85 12.04 -19.43 -38.52
C PHE A 85 10.56 -19.75 -38.67
N PHE A 86 9.70 -18.73 -38.81
CA PHE A 86 8.25 -18.90 -38.94
C PHE A 86 7.75 -17.87 -39.96
N VAL A 87 8.16 -18.03 -41.22
CA VAL A 87 7.75 -17.08 -42.26
C VAL A 87 6.25 -17.16 -42.49
N GLU A 88 5.65 -18.35 -42.32
CA GLU A 88 4.21 -18.50 -42.54
C GLU A 88 3.39 -17.79 -41.48
N SER A 89 4.00 -17.40 -40.36
CA SER A 89 3.28 -16.78 -39.26
C SER A 89 3.49 -15.28 -39.17
N VAL A 90 4.40 -14.72 -39.97
CA VAL A 90 4.68 -13.29 -39.93
C VAL A 90 3.42 -12.51 -40.33
N GLY A 91 2.78 -11.88 -39.34
CA GLY A 91 1.54 -11.18 -39.54
C GLY A 91 0.32 -11.91 -39.04
N VAL A 92 0.44 -13.21 -38.73
CA VAL A 92 -0.67 -14.01 -38.23
C VAL A 92 -0.70 -13.93 -36.71
N GLY A 93 -1.87 -13.69 -36.16
CA GLY A 93 -2.01 -13.57 -34.72
C GLY A 93 -1.27 -12.40 -34.12
N GLY A 94 -0.90 -11.41 -34.94
CA GLY A 94 -0.13 -10.27 -34.47
C GLY A 94 1.34 -10.54 -34.24
N TYR A 95 1.85 -11.69 -34.67
CA TYR A 95 3.25 -12.04 -34.45
C TYR A 95 4.12 -11.32 -35.47
N GLY A 96 5.08 -10.55 -34.98
CA GLY A 96 6.11 -9.88 -35.76
C GLY A 96 5.54 -9.06 -36.90
N GLY A 97 6.32 -8.95 -37.96
CA GLY A 97 5.93 -8.18 -39.14
C GLY A 97 7.08 -8.00 -40.09
N GLY A 98 6.78 -7.80 -41.37
CA GLY A 98 7.83 -7.61 -42.36
C GLY A 98 7.29 -7.83 -43.76
N THR A 99 8.23 -7.83 -44.71
CA THR A 99 7.90 -8.01 -46.11
C THR A 99 9.10 -8.65 -46.81
N LEU A 100 8.83 -9.72 -47.57
CA LEU A 100 9.90 -10.42 -48.28
C LEU A 100 10.38 -9.59 -49.46
N ILE A 101 11.69 -9.57 -49.65
CA ILE A 101 12.33 -8.81 -50.73
C ILE A 101 13.41 -9.67 -51.37
N TYR A 102 13.76 -9.32 -52.60
CA TYR A 102 14.80 -10.02 -53.36
C TYR A 102 16.09 -9.23 -53.22
N LEU A 103 16.98 -9.70 -52.35
CA LEU A 103 18.25 -9.04 -52.11
C LEU A 103 19.37 -9.88 -52.70
N PRO A 104 20.20 -9.33 -53.58
CA PRO A 104 21.26 -10.13 -54.21
C PRO A 104 22.32 -10.62 -53.23
N GLU A 105 23.35 -9.80 -52.98
CA GLU A 105 24.48 -10.22 -52.17
C GLU A 105 24.40 -9.57 -50.78
N LEU A 106 23.55 -10.14 -49.93
CA LEU A 106 23.43 -9.72 -48.54
C LEU A 106 22.62 -10.76 -47.80
N THR A 107 23.25 -11.42 -46.83
CA THR A 107 22.57 -12.49 -46.10
C THR A 107 21.51 -11.91 -45.17
N GLN A 108 20.68 -12.82 -44.62
CA GLN A 108 19.63 -12.41 -43.72
C GLN A 108 20.18 -11.90 -42.39
N ALA A 109 21.19 -12.59 -41.85
CA ALA A 109 21.80 -12.16 -40.59
C ALA A 109 22.46 -10.80 -40.73
N GLU A 110 22.90 -10.45 -41.93
CA GLU A 110 23.48 -9.12 -42.16
C GLU A 110 22.38 -8.07 -42.36
N LEU A 111 21.28 -8.46 -43.01
CA LEU A 111 20.18 -7.52 -43.19
C LEU A 111 19.50 -7.20 -41.85
N ASN A 112 19.38 -8.20 -40.98
CA ASN A 112 18.77 -7.97 -39.68
C ASN A 112 19.59 -7.02 -38.84
N SER A 113 20.89 -7.30 -38.68
CA SER A 113 21.77 -6.42 -37.92
C SER A 113 21.86 -5.04 -38.55
N LEU A 114 21.63 -4.95 -39.86
CA LEU A 114 21.61 -3.64 -40.51
C LEU A 114 20.35 -2.86 -40.16
N CYS A 115 19.22 -3.57 -40.02
CA CYS A 115 17.98 -2.89 -39.69
C CYS A 115 18.02 -2.28 -38.28
N HIS A 116 18.71 -2.95 -37.34
CA HIS A 116 18.88 -2.38 -36.01
C HIS A 116 19.54 -1.00 -36.09
N VAL A 117 20.60 -0.88 -36.89
CA VAL A 117 21.32 0.38 -36.97
C VAL A 117 20.45 1.46 -37.60
N LEU A 118 19.63 1.09 -38.58
CA LEU A 118 18.80 2.09 -39.26
C LEU A 118 17.68 2.60 -38.36
N PHE A 119 17.04 1.69 -37.60
CA PHE A 119 15.95 2.11 -36.74
C PHE A 119 16.46 2.90 -35.53
N CYS A 120 17.70 2.65 -35.10
CA CYS A 120 18.30 3.48 -34.06
C CYS A 120 18.54 4.89 -34.56
N ALA A 121 18.73 5.05 -35.87
CA ALA A 121 18.87 6.37 -36.49
C ALA A 121 17.53 6.96 -36.91
N ILE A 122 16.45 6.19 -36.83
CA ILE A 122 15.11 6.73 -37.07
C ILE A 122 14.45 7.14 -35.76
N THR A 123 14.61 6.32 -34.71
CA THR A 123 14.08 6.67 -33.40
C THR A 123 14.79 7.89 -32.83
N ASN A 124 16.09 7.76 -32.58
CA ASN A 124 16.91 8.88 -32.10
C ASN A 124 17.40 9.65 -33.32
N ASP A 125 16.58 10.59 -33.78
CA ASP A 125 16.92 11.42 -34.94
C ASP A 125 18.05 12.37 -34.56
N THR A 126 19.27 11.82 -34.53
CA THR A 126 20.46 12.59 -34.27
C THR A 126 21.08 13.18 -35.54
N GLY A 127 20.28 13.33 -36.60
CA GLY A 127 20.75 13.86 -37.86
C GLY A 127 20.95 12.83 -38.97
N TYR A 128 20.40 11.63 -38.83
CA TYR A 128 20.56 10.58 -39.82
C TYR A 128 19.24 9.94 -40.22
N LYS A 129 18.11 10.61 -39.94
CA LYS A 129 16.82 9.99 -40.19
C LYS A 129 16.53 9.90 -41.69
N SER A 130 16.92 10.92 -42.45
CA SER A 130 16.73 10.86 -43.90
C SER A 130 17.58 9.77 -44.52
N SER A 131 18.84 9.65 -44.09
CA SER A 131 19.70 8.58 -44.58
C SER A 131 19.15 7.21 -44.16
N ALA A 132 18.65 7.11 -42.93
CA ALA A 132 18.13 5.84 -42.44
C ALA A 132 16.83 5.46 -43.15
N GLN A 133 15.96 6.43 -43.41
CA GLN A 133 14.71 6.13 -44.08
C GLN A 133 14.93 5.82 -45.55
N ASN A 134 15.79 6.58 -46.23
CA ASN A 134 15.99 6.39 -47.66
C ASN A 134 16.62 5.02 -47.96
N ILE A 135 17.49 4.53 -47.08
CA ILE A 135 18.09 3.23 -47.29
C ILE A 135 17.08 2.12 -47.01
N TYR A 136 16.25 2.30 -45.97
CA TYR A 136 15.23 1.31 -45.66
C TYR A 136 14.18 1.22 -46.77
N ARG A 137 13.84 2.37 -47.38
CA ARG A 137 12.93 2.35 -48.52
C ARG A 137 13.58 1.81 -49.78
N SER A 138 14.92 1.71 -49.80
CA SER A 138 15.59 1.08 -50.93
C SER A 138 15.45 -0.43 -50.89
N PHE A 139 15.32 -1.00 -49.69
CA PHE A 139 15.12 -2.44 -49.54
C PHE A 139 13.65 -2.82 -49.63
N LYS A 140 12.76 -1.99 -49.08
CA LYS A 140 11.32 -2.24 -49.16
C LYS A 140 10.80 -2.14 -50.59
N PHE A 141 11.64 -1.77 -51.55
CA PHE A 141 11.27 -1.73 -52.96
C PHE A 141 11.51 -3.06 -53.67
N ARG A 142 12.50 -3.83 -53.24
CA ARG A 142 12.74 -5.14 -53.83
C ARG A 142 11.62 -6.13 -53.56
N SER A 143 10.56 -5.73 -52.87
CA SER A 143 9.40 -6.60 -52.66
C SER A 143 8.73 -6.96 -53.98
N GLN A 144 8.70 -6.02 -54.93
CA GLN A 144 8.07 -6.29 -56.21
C GLN A 144 8.86 -7.31 -57.03
N ILE A 145 10.17 -7.39 -56.82
CA ILE A 145 10.98 -8.39 -57.52
C ILE A 145 10.57 -9.80 -57.11
N VAL A 146 10.08 -9.96 -55.88
CA VAL A 146 9.61 -11.27 -55.43
C VAL A 146 8.29 -11.62 -56.09
N GLU A 147 7.36 -10.66 -56.14
CA GLU A 147 6.05 -10.91 -56.72
C GLU A 147 6.12 -11.13 -58.22
N GLU A 148 7.18 -10.66 -58.88
CA GLU A 148 7.36 -10.91 -60.30
C GLU A 148 7.88 -12.32 -60.60
N LYS A 149 8.18 -13.10 -59.58
CA LYS A 149 8.71 -14.45 -59.75
C LYS A 149 7.87 -15.52 -59.06
N PHE A 150 6.77 -15.16 -58.42
CA PHE A 150 5.94 -16.15 -57.75
C PHE A 150 4.45 -15.85 -57.82
N GLY A 151 4.03 -14.75 -58.45
CA GLY A 151 2.63 -14.36 -58.47
C GLY A 151 2.39 -13.12 -57.64
N GLU A 152 1.15 -12.63 -57.71
CA GLU A 152 0.79 -11.40 -57.03
C GLU A 152 0.54 -11.65 -55.55
N GLY A 153 0.87 -10.65 -54.73
CA GLY A 153 0.66 -10.75 -53.30
C GLY A 153 1.58 -11.70 -52.59
N THR A 154 2.67 -12.14 -53.23
CA THR A 154 3.60 -13.07 -52.63
C THR A 154 4.73 -12.38 -51.87
N SER A 155 4.78 -11.05 -51.87
CA SER A 155 5.71 -10.37 -50.99
C SER A 155 5.27 -10.44 -49.53
N ASP A 156 3.98 -10.66 -49.30
CA ASP A 156 3.47 -10.87 -47.95
C ASP A 156 3.96 -12.22 -47.45
N PRO A 157 4.74 -12.27 -46.37
CA PRO A 157 5.28 -13.56 -45.92
C PRO A 157 4.22 -14.55 -45.44
N ALA A 158 3.06 -14.08 -45.00
CA ALA A 158 2.01 -15.00 -44.58
C ALA A 158 1.38 -15.71 -45.78
N ILE A 159 1.33 -15.06 -46.93
CA ILE A 159 0.81 -15.71 -48.14
C ILE A 159 1.88 -16.57 -48.78
N PHE A 160 3.06 -15.98 -49.05
CA PHE A 160 4.16 -16.71 -49.63
C PHE A 160 4.53 -17.93 -48.78
N GLY A 161 4.48 -17.77 -47.45
CA GLY A 161 4.80 -18.90 -46.59
C GLY A 161 3.84 -20.05 -46.75
N GLN A 162 2.54 -19.77 -46.64
CA GLN A 162 1.54 -20.84 -46.73
C GLN A 162 1.47 -21.44 -48.13
N LEU A 163 1.72 -20.63 -49.16
CA LEU A 163 1.72 -21.15 -50.52
C LEU A 163 2.70 -22.30 -50.67
N MET A 164 3.95 -22.10 -50.23
CA MET A 164 4.95 -23.15 -50.31
C MET A 164 4.74 -24.26 -49.29
N ILE A 165 3.88 -24.05 -48.30
CA ILE A 165 3.42 -25.17 -47.47
C ILE A 165 2.38 -25.98 -48.21
N ASP A 166 1.49 -25.32 -48.94
CA ASP A 166 0.48 -26.00 -49.74
C ASP A 166 1.06 -26.74 -50.93
N SER A 167 2.32 -26.51 -51.26
CA SER A 167 2.96 -27.11 -52.42
C SER A 167 3.82 -28.31 -52.09
N GLY A 168 3.99 -28.63 -50.80
CA GLY A 168 4.74 -29.80 -50.40
C GLY A 168 6.20 -29.59 -50.09
N VAL A 169 6.64 -28.34 -49.92
CA VAL A 169 8.02 -28.06 -49.58
C VAL A 169 8.31 -28.61 -48.18
N ASN A 170 8.88 -29.81 -48.12
CA ASN A 170 9.19 -30.47 -46.87
C ASN A 170 10.68 -30.64 -46.62
N SER A 171 11.47 -30.76 -47.68
CA SER A 171 12.90 -31.04 -47.55
C SER A 171 13.65 -29.77 -47.14
N GLU A 172 14.98 -29.84 -47.17
CA GLU A 172 15.85 -28.73 -46.81
C GLU A 172 16.56 -28.12 -48.01
N GLU A 173 16.95 -28.93 -48.99
CA GLU A 173 17.66 -28.39 -50.14
C GLU A 173 16.73 -27.75 -51.15
N ILE A 174 15.48 -28.21 -51.22
CA ILE A 174 14.46 -27.46 -51.97
C ILE A 174 14.24 -26.10 -51.34
N ARG A 175 14.17 -26.07 -50.01
CA ARG A 175 14.04 -24.82 -49.27
C ARG A 175 15.10 -23.80 -49.70
N GLU A 176 16.36 -24.20 -49.70
CA GLU A 176 17.43 -23.29 -50.08
C GLU A 176 17.31 -22.82 -51.52
N LYS A 177 16.71 -23.64 -52.39
CA LYS A 177 16.60 -23.26 -53.80
C LYS A 177 15.50 -22.21 -53.99
N LEU A 178 14.32 -22.44 -53.41
CA LEU A 178 13.20 -21.54 -53.62
C LEU A 178 13.31 -20.26 -52.79
N PHE A 179 14.13 -20.27 -51.73
CA PHE A 179 14.37 -19.09 -50.91
C PHE A 179 15.67 -18.37 -51.26
N LYS A 180 16.36 -18.81 -52.32
CA LYS A 180 17.67 -18.26 -52.63
C LYS A 180 17.57 -16.79 -52.98
N ASN A 181 18.45 -15.99 -52.35
CA ASN A 181 18.50 -14.54 -52.55
C ASN A 181 17.15 -13.89 -52.24
N ILE A 182 16.48 -14.38 -51.20
CA ILE A 182 15.24 -13.80 -50.69
C ILE A 182 15.44 -13.56 -49.20
N ARG A 183 15.16 -12.32 -48.77
CA ARG A 183 15.36 -11.92 -47.38
C ARG A 183 14.05 -11.39 -46.80
N LEU A 184 13.93 -11.50 -45.48
CA LEU A 184 12.75 -11.04 -44.76
C LEU A 184 13.08 -9.72 -44.08
N LEU A 185 12.57 -8.62 -44.63
CA LEU A 185 12.84 -7.29 -44.11
C LEU A 185 11.78 -6.93 -43.08
N PRO A 186 12.14 -6.85 -41.79
CA PRO A 186 11.12 -6.54 -40.77
C PRO A 186 10.60 -5.12 -40.92
N SER A 187 9.28 -4.99 -40.82
CA SER A 187 8.66 -3.68 -40.93
C SER A 187 8.88 -2.88 -39.66
N ARG A 188 9.37 -1.64 -39.82
CA ARG A 188 9.61 -0.78 -38.67
C ARG A 188 8.33 -0.49 -37.91
N ALA A 189 7.20 -0.39 -38.62
CA ALA A 189 5.94 -0.06 -37.94
C ALA A 189 5.50 -1.18 -37.00
N LYS A 190 5.72 -2.43 -37.39
CA LYS A 190 5.30 -3.57 -36.57
C LYS A 190 6.21 -3.83 -35.38
N PHE A 191 7.26 -3.02 -35.20
CA PHE A 191 8.20 -3.26 -34.11
C PHE A 191 8.58 -1.98 -33.35
N ARG A 192 7.75 -0.93 -33.45
CA ARG A 192 8.12 0.35 -32.84
C ARG A 192 8.26 0.23 -31.33
N LYS A 193 7.51 -0.66 -30.69
CA LYS A 193 7.57 -0.79 -29.24
C LYS A 193 8.94 -1.29 -28.79
N GLN A 194 9.44 -2.34 -29.44
CA GLN A 194 10.74 -2.89 -29.06
C GLN A 194 11.87 -2.00 -29.55
N ILE A 195 11.66 -1.25 -30.62
CA ILE A 195 12.72 -0.40 -31.16
C ILE A 195 13.02 0.76 -30.22
N GLU A 196 11.96 1.45 -29.76
CA GLU A 196 12.16 2.58 -28.85
C GLU A 196 12.69 2.12 -27.50
N LYS A 197 12.24 0.95 -27.03
CA LYS A 197 12.76 0.41 -25.79
C LYS A 197 14.25 0.13 -25.89
N TRP A 198 14.72 -0.29 -27.06
CA TRP A 198 16.15 -0.52 -27.27
C TRP A 198 16.91 0.80 -27.40
N ALA A 199 16.41 1.69 -28.25
CA ALA A 199 17.11 2.96 -28.49
C ALA A 199 17.20 3.84 -27.25
N ALA A 200 16.35 3.60 -26.25
CA ALA A 200 16.40 4.36 -25.02
C ALA A 200 17.35 3.75 -23.99
N SER A 201 17.32 2.42 -23.83
CA SER A 201 18.17 1.73 -22.87
C SER A 201 19.54 1.40 -23.44
N ALA A 202 19.97 2.08 -24.50
CA ALA A 202 21.26 1.85 -25.13
C ALA A 202 22.02 3.16 -25.25
N LEU A 203 22.21 3.83 -24.11
CA LEU A 203 22.96 5.06 -24.05
C LEU A 203 24.34 4.80 -23.45
N GLU A 204 25.17 5.83 -23.41
CA GLU A 204 26.54 5.70 -22.91
C GLU A 204 26.58 5.61 -21.38
N GLU A 205 27.67 6.09 -20.79
CA GLU A 205 27.84 6.07 -19.35
C GLU A 205 28.80 7.16 -18.91
N ARG B 7 20.65 15.92 -52.83
CA ARG B 7 22.10 16.06 -52.85
C ARG B 7 22.65 15.83 -54.27
N CYS B 8 23.96 15.89 -54.41
CA CYS B 8 24.60 15.76 -55.71
C CYS B 8 24.88 14.28 -55.99
N GLU B 9 25.77 14.00 -56.95
CA GLU B 9 26.00 12.66 -57.44
C GLU B 9 27.42 12.20 -57.12
N LEU B 10 27.57 10.91 -56.86
CA LEU B 10 28.84 10.31 -56.49
C LEU B 10 29.25 9.27 -57.50
N LYS B 11 30.52 9.31 -57.91
CA LYS B 11 31.08 8.34 -58.84
C LYS B 11 32.56 8.13 -58.51
N LEU B 12 33.01 6.89 -58.60
CA LEU B 12 34.43 6.59 -58.46
C LEU B 12 35.19 7.18 -59.65
N ILE B 13 36.11 8.09 -59.37
CA ILE B 13 36.84 8.82 -60.41
C ILE B 13 38.33 8.59 -60.22
N ALA B 14 39.04 8.34 -61.32
CA ALA B 14 40.48 8.13 -61.33
C ALA B 14 41.12 9.11 -62.33
N SER B 15 41.12 10.38 -61.97
CA SER B 15 41.73 11.39 -62.82
C SER B 15 43.25 11.33 -62.72
N PRO B 16 43.98 11.58 -63.82
CA PRO B 16 45.43 11.33 -63.83
C PRO B 16 46.21 12.25 -62.90
N GLY B 17 46.28 13.54 -63.22
CA GLY B 17 47.06 14.47 -62.42
C GLY B 17 46.22 15.51 -61.72
N SER B 18 45.01 15.13 -61.31
CA SER B 18 44.11 16.09 -60.67
C SER B 18 44.37 16.24 -59.17
N TRP B 19 44.77 15.17 -58.49
CA TRP B 19 45.03 15.29 -57.06
C TRP B 19 46.16 16.27 -56.77
N ARG B 20 47.06 16.49 -57.73
CA ARG B 20 48.07 17.52 -57.55
C ARG B 20 47.44 18.89 -57.36
N LEU B 21 46.40 19.20 -58.13
CA LEU B 21 45.75 20.49 -58.02
C LEU B 21 44.89 20.57 -56.76
N TYR B 22 44.13 19.51 -56.46
CA TYR B 22 43.34 19.47 -55.23
C TYR B 22 44.22 19.65 -54.00
N SER B 23 45.41 19.03 -54.01
CA SER B 23 46.32 19.18 -52.89
C SER B 23 46.95 20.57 -52.88
N ALA B 24 47.43 21.03 -54.05
CA ALA B 24 48.08 22.34 -54.12
C ALA B 24 47.11 23.47 -53.79
N ARG B 25 45.82 23.28 -54.07
CA ARG B 25 44.83 24.31 -53.75
C ARG B 25 44.55 24.35 -52.26
N LYS B 26 44.49 23.18 -51.61
CA LYS B 26 44.15 23.14 -50.19
C LYS B 26 45.23 23.76 -49.33
N ILE B 27 46.49 23.68 -49.75
CA ILE B 27 47.58 24.31 -49.01
C ILE B 27 47.79 25.77 -49.41
N ASP B 28 47.31 26.17 -50.58
CA ASP B 28 47.45 27.55 -51.03
C ASP B 28 46.59 28.46 -50.15
N GLU B 29 47.24 29.37 -49.42
CA GLU B 29 46.56 30.17 -48.41
C GLU B 29 45.62 31.22 -49.00
N ARG B 30 45.67 31.48 -50.31
CA ARG B 30 44.63 32.30 -50.92
C ARG B 30 43.28 31.59 -50.86
N PHE B 31 43.29 30.26 -50.81
CA PHE B 31 42.06 29.48 -50.80
C PHE B 31 41.48 29.32 -49.41
N LYS B 32 42.29 29.46 -48.35
CA LYS B 32 41.82 29.29 -46.99
C LYS B 32 40.85 30.38 -46.56
N SER B 33 40.59 31.37 -47.41
CA SER B 33 39.50 32.32 -47.22
C SER B 33 38.28 31.96 -48.06
N TYR B 34 38.50 31.43 -49.27
CA TYR B 34 37.39 30.91 -50.07
C TYR B 34 36.70 29.75 -49.36
N GLU B 35 37.48 28.85 -48.76
CA GLU B 35 36.91 27.64 -48.16
C GLU B 35 36.02 27.97 -46.97
N GLN B 36 36.28 29.10 -46.29
CA GLN B 36 35.41 29.50 -45.20
C GLN B 36 34.04 29.93 -45.73
N LYS B 37 33.99 30.44 -46.95
CA LYS B 37 32.70 30.77 -47.56
C LYS B 37 31.94 29.51 -47.95
N ILE B 38 32.65 28.52 -48.51
CA ILE B 38 32.00 27.34 -49.07
C ILE B 38 31.40 26.47 -47.98
N PHE B 39 32.02 26.45 -46.79
CA PHE B 39 31.43 25.73 -45.68
C PHE B 39 30.15 26.39 -45.20
N GLN B 40 30.06 27.73 -45.31
CA GLN B 40 28.92 28.45 -44.78
C GLN B 40 27.74 28.46 -45.75
N ARG B 41 28.02 28.59 -47.06
CA ARG B 41 26.94 28.57 -48.04
C ARG B 41 26.21 27.24 -48.06
N ASP B 42 26.88 26.17 -47.66
CA ASP B 42 26.28 24.84 -47.61
C ASP B 42 26.01 24.38 -46.17
N ARG B 43 26.21 25.27 -45.19
CA ARG B 43 25.94 24.97 -43.78
C ARG B 43 26.77 23.78 -43.29
N TYR B 44 28.03 23.72 -43.73
CA TYR B 44 28.98 22.70 -43.28
C TYR B 44 28.45 21.28 -43.50
N THR B 45 27.63 21.10 -44.53
CA THR B 45 26.97 19.84 -44.81
C THR B 45 27.48 19.27 -46.11
N CYS B 46 27.87 18.00 -46.10
CA CYS B 46 28.32 17.32 -47.31
C CYS B 46 27.20 17.26 -48.34
N GLN B 47 27.50 17.72 -49.56
CA GLN B 47 26.53 17.75 -50.64
C GLN B 47 26.38 16.40 -51.34
N PHE B 48 26.72 15.30 -50.67
CA PHE B 48 26.61 13.98 -51.27
C PHE B 48 25.84 13.03 -50.35
N CYS B 49 26.23 12.98 -49.08
CA CYS B 49 25.57 12.13 -48.10
C CYS B 49 24.88 12.89 -46.98
N GLY B 50 25.19 14.16 -46.79
CA GLY B 50 24.53 14.97 -45.78
C GLY B 50 25.25 15.05 -44.45
N PHE B 51 26.47 14.53 -44.35
CA PHE B 51 27.21 14.58 -43.09
C PHE B 51 27.47 16.01 -42.69
N GLN B 52 27.05 16.37 -41.48
CA GLN B 52 27.10 17.74 -40.98
C GLN B 52 27.99 17.79 -39.75
N ALA B 53 29.14 18.44 -39.88
CA ALA B 53 30.08 18.62 -38.79
C ALA B 53 30.90 19.87 -39.05
N ARG B 54 31.31 20.53 -37.97
CA ARG B 54 32.06 21.78 -38.04
C ARG B 54 33.56 21.58 -38.22
N LEU B 55 34.01 20.34 -38.40
CA LEU B 55 35.44 20.05 -38.45
C LEU B 55 35.73 19.07 -39.59
N TYR B 56 36.92 19.21 -40.16
CA TYR B 56 37.49 18.25 -41.11
C TYR B 56 36.57 18.04 -42.31
N GLN B 57 36.20 19.15 -42.96
CA GLN B 57 35.43 19.11 -44.20
C GLN B 57 36.32 19.52 -45.37
N ASP B 58 36.08 18.91 -46.52
CA ASP B 58 36.87 19.17 -47.72
C ASP B 58 35.98 19.76 -48.81
N ILE B 59 36.64 20.18 -49.89
CA ILE B 59 35.98 20.80 -51.03
C ILE B 59 36.48 20.14 -52.30
N VAL B 60 35.55 19.76 -53.19
CA VAL B 60 35.89 19.09 -54.44
C VAL B 60 35.18 19.79 -55.59
N ASN B 61 35.80 19.74 -56.76
CA ASN B 61 35.19 20.30 -57.96
C ASN B 61 34.24 19.28 -58.59
N LEU B 62 33.04 19.73 -58.94
CA LEU B 62 32.05 18.83 -59.51
C LEU B 62 32.35 18.49 -60.97
N ASP B 63 33.06 19.36 -61.69
CA ASP B 63 33.40 19.10 -63.08
C ASP B 63 34.72 18.36 -63.24
N GLY B 64 35.48 18.17 -62.16
CA GLY B 64 36.76 17.51 -62.23
C GLY B 64 37.93 18.39 -62.62
N ASP B 65 37.67 19.59 -63.14
CA ASP B 65 38.73 20.52 -63.51
C ASP B 65 39.00 21.46 -62.35
N TYR B 66 40.21 21.37 -61.78
CA TYR B 66 40.58 22.18 -60.64
C TYR B 66 41.31 23.46 -61.02
N THR B 67 41.14 23.91 -62.26
CA THR B 67 41.60 25.24 -62.68
C THR B 67 40.47 26.26 -62.67
N ASN B 68 39.21 25.82 -62.71
CA ASN B 68 38.05 26.68 -62.60
C ASN B 68 37.56 26.68 -61.16
N ASN B 69 37.24 27.86 -60.64
CA ASN B 69 36.95 28.02 -59.22
C ASN B 69 35.70 28.87 -58.98
N ARG B 70 34.75 28.86 -59.89
CA ARG B 70 33.52 29.60 -59.66
C ARG B 70 32.67 28.92 -58.57
N LEU B 71 31.98 29.75 -57.79
CA LEU B 71 31.26 29.24 -56.62
C LEU B 71 30.24 28.18 -56.99
N SER B 72 29.67 28.26 -58.20
CA SER B 72 28.71 27.26 -58.64
C SER B 72 29.32 25.88 -58.81
N ASN B 73 30.64 25.75 -58.74
CA ASN B 73 31.34 24.48 -58.91
C ASN B 73 31.80 23.87 -57.61
N LEU B 74 32.30 24.68 -56.68
CA LEU B 74 32.86 24.17 -55.43
C LEU B 74 31.74 23.88 -54.45
N VAL B 75 31.68 22.63 -53.96
CA VAL B 75 30.69 22.21 -52.99
C VAL B 75 31.38 21.47 -51.85
N THR B 76 30.67 21.35 -50.73
CA THR B 76 31.23 20.73 -49.54
C THR B 76 31.11 19.22 -49.60
N ALA B 77 32.12 18.53 -49.09
CA ALA B 77 32.14 17.07 -49.07
C ALA B 77 33.01 16.59 -47.92
N CYS B 78 32.52 15.60 -47.18
CA CYS B 78 33.28 15.02 -46.09
C CYS B 78 34.46 14.22 -46.65
N CYS B 79 35.36 13.82 -45.74
CA CYS B 79 36.54 13.06 -46.15
C CYS B 79 36.18 11.68 -46.70
N PHE B 80 35.02 11.14 -46.34
CA PHE B 80 34.60 9.86 -46.90
C PHE B 80 34.26 9.98 -48.38
N CYS B 81 33.59 11.07 -48.76
CA CYS B 81 33.19 11.28 -50.14
C CYS B 81 34.26 11.99 -50.97
N ALA B 82 35.12 12.78 -50.33
CA ALA B 82 36.15 13.50 -51.07
C ALA B 82 37.17 12.55 -51.68
N GLN B 83 37.49 11.46 -50.97
CA GLN B 83 38.45 10.50 -51.48
C GLN B 83 37.92 9.69 -52.67
N CYS B 84 36.61 9.79 -52.96
CA CYS B 84 36.06 9.10 -54.11
C CYS B 84 36.46 9.76 -55.42
N PHE B 85 36.80 11.04 -55.41
CA PHE B 85 37.25 11.73 -56.61
C PHE B 85 38.71 11.43 -56.94
N PHE B 86 39.43 10.75 -56.06
CA PHE B 86 40.85 10.45 -56.26
C PHE B 86 41.12 9.02 -55.77
N VAL B 87 40.46 8.05 -56.40
CA VAL B 87 40.63 6.66 -56.00
C VAL B 87 42.06 6.20 -56.24
N GLU B 88 42.72 6.76 -57.25
CA GLU B 88 44.10 6.39 -57.55
C GLU B 88 45.08 6.80 -56.46
N SER B 89 44.65 7.63 -55.51
CA SER B 89 45.54 8.15 -54.48
C SER B 89 45.14 7.76 -53.06
N VAL B 90 43.98 7.11 -52.87
CA VAL B 90 43.54 6.70 -51.55
C VAL B 90 44.54 5.70 -50.98
N GLY B 91 45.35 6.14 -50.01
CA GLY B 91 46.41 5.34 -49.48
C GLY B 91 47.81 5.74 -49.90
N VAL B 92 47.96 6.85 -50.63
CA VAL B 92 49.25 7.32 -51.09
C VAL B 92 49.74 8.39 -50.12
N GLY B 93 50.87 8.12 -49.48
CA GLY B 93 51.47 9.09 -48.57
C GLY B 93 50.63 9.46 -47.37
N GLY B 94 49.57 8.70 -47.06
CA GLY B 94 48.72 8.98 -45.92
C GLY B 94 47.37 9.57 -46.26
N TYR B 95 47.14 9.98 -47.51
CA TYR B 95 45.86 10.55 -47.88
C TYR B 95 44.78 9.49 -47.89
N GLY B 96 43.65 9.80 -47.26
CA GLY B 96 42.49 8.94 -47.25
C GLY B 96 42.78 7.56 -46.65
N GLY B 97 41.91 6.61 -47.01
CA GLY B 97 42.03 5.25 -46.54
C GLY B 97 40.74 4.48 -46.71
N GLY B 98 40.82 3.29 -47.28
CA GLY B 98 39.64 2.48 -47.49
C GLY B 98 39.97 1.25 -48.31
N THR B 99 38.90 0.51 -48.61
CA THR B 99 39.02 -0.72 -49.40
C THR B 99 37.78 -0.85 -50.27
N LEU B 100 37.99 -1.15 -51.55
CA LEU B 100 36.90 -1.28 -52.49
C LEU B 100 36.18 -2.62 -52.29
N ILE B 101 34.85 -2.56 -52.31
CA ILE B 101 34.01 -3.72 -52.01
C ILE B 101 32.90 -3.81 -53.04
N TYR B 102 32.31 -5.00 -53.16
CA TYR B 102 31.20 -5.26 -54.06
C TYR B 102 29.91 -5.28 -53.23
N LEU B 103 29.08 -4.26 -53.42
CA LEU B 103 27.85 -4.13 -52.64
C LEU B 103 26.79 -3.45 -53.51
N PRO B 104 26.00 -4.24 -54.26
CA PRO B 104 24.97 -3.64 -55.11
C PRO B 104 23.83 -2.98 -54.33
N GLU B 105 23.54 -3.45 -53.11
CA GLU B 105 22.35 -3.02 -52.40
C GLU B 105 22.40 -1.57 -51.96
N LEU B 106 23.56 -0.93 -51.99
CA LEU B 106 23.72 0.44 -51.54
C LEU B 106 24.54 1.23 -52.54
N THR B 107 24.15 2.47 -52.78
CA THR B 107 24.97 3.38 -53.57
C THR B 107 26.10 3.94 -52.71
N GLN B 108 26.98 4.73 -53.32
CA GLN B 108 28.13 5.25 -52.60
C GLN B 108 27.72 6.24 -51.52
N ALA B 109 26.73 7.09 -51.81
CA ALA B 109 26.28 8.07 -50.84
C ALA B 109 25.64 7.40 -49.63
N GLU B 110 24.74 6.45 -49.87
CA GLU B 110 24.11 5.72 -48.77
C GLU B 110 25.13 4.97 -47.94
N LEU B 111 26.20 4.49 -48.58
CA LEU B 111 27.22 3.75 -47.86
C LEU B 111 27.98 4.64 -46.88
N ASN B 112 28.45 5.79 -47.34
CA ASN B 112 29.24 6.68 -46.49
C ASN B 112 28.41 7.21 -45.33
N SER B 113 27.19 7.68 -45.62
CA SER B 113 26.32 8.16 -44.56
C SER B 113 26.00 7.07 -43.56
N LEU B 114 25.96 5.81 -44.02
CA LEU B 114 25.80 4.69 -43.10
C LEU B 114 27.06 4.44 -42.29
N CYS B 115 28.23 4.65 -42.89
CA CYS B 115 29.49 4.46 -42.18
C CYS B 115 29.64 5.45 -41.03
N HIS B 116 29.20 6.69 -41.23
CA HIS B 116 29.25 7.69 -40.17
C HIS B 116 28.42 7.25 -38.97
N VAL B 117 27.22 6.69 -39.22
CA VAL B 117 26.39 6.20 -38.13
C VAL B 117 27.05 5.03 -37.43
N LEU B 118 27.64 4.11 -38.21
CA LEU B 118 28.30 2.94 -37.62
C LEU B 118 29.48 3.36 -36.76
N PHE B 119 30.40 4.15 -37.32
CA PHE B 119 31.59 4.55 -36.58
C PHE B 119 31.24 5.35 -35.33
N CYS B 120 30.29 6.29 -35.45
CA CYS B 120 29.85 7.05 -34.29
C CYS B 120 29.23 6.15 -33.23
N ALA B 121 28.54 5.09 -33.65
CA ALA B 121 28.01 4.10 -32.74
C ALA B 121 29.04 3.07 -32.30
N ILE B 122 30.28 3.19 -32.76
CA ILE B 122 31.37 2.32 -32.33
C ILE B 122 32.23 3.00 -31.27
N THR B 123 32.68 4.23 -31.54
CA THR B 123 33.41 4.99 -30.53
C THR B 123 32.53 5.29 -29.33
N ASN B 124 31.40 5.94 -29.56
CA ASN B 124 30.38 6.09 -28.53
C ASN B 124 29.71 4.74 -28.30
N ASP B 125 30.41 3.83 -27.64
CA ASP B 125 29.92 2.47 -27.42
C ASP B 125 28.59 2.50 -26.67
N THR B 126 27.52 2.13 -27.36
CA THR B 126 26.17 2.22 -26.83
C THR B 126 25.45 0.87 -26.93
N GLY B 127 26.19 -0.23 -26.84
CA GLY B 127 25.61 -1.54 -27.05
C GLY B 127 25.47 -1.87 -28.51
N TYR B 128 25.26 -0.85 -29.34
CA TYR B 128 25.21 -1.02 -30.78
C TYR B 128 26.59 -1.16 -31.40
N LYS B 129 27.66 -1.02 -30.61
CA LYS B 129 29.01 -1.29 -31.12
C LYS B 129 29.13 -2.73 -31.61
N SER B 130 28.39 -3.66 -30.99
CA SER B 130 28.39 -5.03 -31.46
C SER B 130 27.83 -5.12 -32.87
N SER B 131 26.57 -4.74 -33.05
CA SER B 131 25.92 -4.84 -34.35
C SER B 131 26.56 -3.96 -35.42
N ALA B 132 27.42 -3.02 -35.03
CA ALA B 132 28.07 -2.16 -36.01
C ALA B 132 29.32 -2.84 -36.59
N GLN B 133 30.17 -3.40 -35.72
CA GLN B 133 31.36 -4.10 -36.20
C GLN B 133 30.98 -5.33 -37.01
N ASN B 134 29.86 -5.97 -36.67
CA ASN B 134 29.35 -7.09 -37.44
C ASN B 134 28.66 -6.66 -38.74
N ILE B 135 28.95 -5.44 -39.20
CA ILE B 135 28.48 -4.93 -40.48
C ILE B 135 29.69 -4.38 -41.25
N TYR B 136 30.51 -3.58 -40.58
CA TYR B 136 31.68 -3.00 -41.22
C TYR B 136 32.63 -4.09 -41.69
N ARG B 137 32.92 -5.06 -40.82
CA ARG B 137 33.74 -6.20 -41.23
C ARG B 137 33.03 -7.04 -42.28
N SER B 138 31.69 -7.13 -42.20
CA SER B 138 30.94 -7.87 -43.20
C SER B 138 31.06 -7.21 -44.57
N PHE B 139 31.07 -5.88 -44.61
CA PHE B 139 31.27 -5.17 -45.87
C PHE B 139 32.74 -5.24 -46.30
N LYS B 140 33.67 -5.24 -45.35
CA LYS B 140 35.08 -5.40 -45.67
C LYS B 140 35.38 -6.77 -46.26
N PHE B 141 34.50 -7.76 -46.01
CA PHE B 141 34.70 -9.09 -46.55
C PHE B 141 34.51 -9.16 -48.06
N ARG B 142 33.76 -8.21 -48.63
CA ARG B 142 33.54 -8.18 -50.07
C ARG B 142 34.81 -7.81 -50.85
N SER B 143 35.90 -7.47 -50.16
CA SER B 143 37.14 -7.13 -50.85
C SER B 143 37.68 -8.33 -51.62
N GLN B 144 37.34 -9.55 -51.20
CA GLN B 144 37.77 -10.73 -51.93
C GLN B 144 37.01 -10.86 -53.25
N ILE B 145 35.72 -10.51 -53.24
CA ILE B 145 34.91 -10.63 -54.45
C ILE B 145 35.40 -9.66 -55.53
N VAL B 146 35.86 -8.48 -55.12
CA VAL B 146 36.43 -7.54 -56.08
C VAL B 146 37.73 -8.10 -56.66
N GLU B 147 38.43 -8.95 -55.90
CA GLU B 147 39.69 -9.53 -56.38
C GLU B 147 39.44 -10.68 -57.34
N GLU B 148 38.42 -11.51 -57.08
CA GLU B 148 38.05 -12.60 -57.98
C GLU B 148 37.32 -12.10 -59.22
N LYS B 149 37.35 -10.80 -59.48
CA LYS B 149 36.65 -10.21 -60.62
C LYS B 149 37.51 -9.27 -61.46
N PHE B 150 38.58 -8.70 -60.89
CA PHE B 150 39.45 -7.79 -61.64
C PHE B 150 40.93 -8.14 -61.56
N GLY B 151 41.36 -8.92 -60.57
CA GLY B 151 42.76 -9.29 -60.46
C GLY B 151 43.23 -9.35 -59.02
N GLU B 152 44.41 -9.89 -58.79
CA GLU B 152 44.96 -9.98 -57.45
C GLU B 152 45.29 -8.59 -56.92
N GLY B 153 44.86 -8.30 -55.70
CA GLY B 153 45.15 -7.05 -55.05
C GLY B 153 44.38 -5.85 -55.55
N THR B 154 43.42 -6.04 -56.46
CA THR B 154 42.65 -4.92 -56.99
C THR B 154 41.59 -4.42 -56.02
N SER B 155 41.50 -4.99 -54.82
CA SER B 155 40.66 -4.42 -53.77
C SER B 155 41.31 -3.19 -53.12
N ASP B 156 42.64 -3.12 -53.16
CA ASP B 156 43.34 -1.93 -52.69
C ASP B 156 43.03 -0.77 -53.63
N PRO B 157 42.50 0.34 -53.14
CA PRO B 157 42.12 1.44 -54.05
C PRO B 157 43.28 2.05 -54.81
N ALA B 158 44.51 1.96 -54.28
CA ALA B 158 45.65 2.48 -55.01
C ALA B 158 45.94 1.69 -56.28
N ILE B 159 45.69 0.38 -56.25
CA ILE B 159 45.91 -0.44 -57.43
C ILE B 159 44.75 -0.30 -58.41
N PHE B 160 43.52 -0.46 -57.91
CA PHE B 160 42.33 -0.31 -58.75
C PHE B 160 42.30 1.03 -59.45
N GLY B 161 42.80 2.08 -58.80
CA GLY B 161 42.87 3.39 -59.45
C GLY B 161 43.72 3.37 -60.69
N GLN B 162 44.86 2.66 -60.65
CA GLN B 162 45.70 2.54 -61.84
C GLN B 162 45.10 1.56 -62.85
N LEU B 163 44.27 0.62 -62.41
CA LEU B 163 43.60 -0.30 -63.33
C LEU B 163 42.69 0.46 -64.28
N MET B 164 41.69 1.16 -63.74
CA MET B 164 40.78 1.93 -64.57
C MET B 164 41.46 3.10 -65.26
N ILE B 165 42.69 3.43 -64.87
CA ILE B 165 43.46 4.44 -65.60
C ILE B 165 44.17 3.83 -66.81
N ASP B 166 44.78 2.66 -66.64
CA ASP B 166 45.44 1.98 -67.76
C ASP B 166 44.45 1.70 -68.88
N SER B 167 43.37 0.99 -68.57
CA SER B 167 42.36 0.64 -69.55
C SER B 167 41.43 1.83 -69.75
N GLY B 168 41.87 2.76 -70.59
CA GLY B 168 41.16 4.01 -70.82
C GLY B 168 39.79 3.84 -71.43
N VAL B 169 38.76 4.33 -70.73
CA VAL B 169 37.39 4.33 -71.21
C VAL B 169 36.83 5.73 -71.01
N ASN B 170 36.51 6.40 -72.12
CA ASN B 170 36.12 7.81 -72.06
C ASN B 170 34.64 7.99 -71.76
N SER B 171 33.79 7.07 -72.18
CA SER B 171 32.36 7.24 -72.00
C SER B 171 31.98 7.00 -70.54
N GLU B 172 31.22 7.94 -69.96
CA GLU B 172 30.68 7.80 -68.62
C GLU B 172 29.52 6.82 -68.55
N GLU B 173 29.37 6.02 -69.60
CA GLU B 173 28.30 5.03 -69.72
C GLU B 173 28.83 3.60 -69.73
N ILE B 174 29.87 3.33 -70.52
CA ILE B 174 30.51 2.02 -70.48
C ILE B 174 31.34 1.88 -69.21
N ARG B 175 32.07 2.94 -68.84
CA ARG B 175 32.79 2.96 -67.58
C ARG B 175 31.86 2.77 -66.38
N GLU B 176 30.58 3.12 -66.53
CA GLU B 176 29.60 2.91 -65.47
C GLU B 176 29.18 1.43 -65.39
N LYS B 177 28.74 0.87 -66.51
CA LYS B 177 28.28 -0.52 -66.53
C LYS B 177 29.41 -1.51 -66.22
N LEU B 178 30.66 -1.13 -66.49
CA LEU B 178 31.78 -2.03 -66.20
C LEU B 178 32.01 -2.14 -64.70
N PHE B 179 32.20 -0.99 -64.04
CA PHE B 179 32.49 -0.95 -62.60
C PHE B 179 31.23 -0.91 -61.75
N LYS B 180 30.10 -1.38 -62.29
CA LYS B 180 28.84 -1.29 -61.56
C LYS B 180 28.89 -2.12 -60.29
N ASN B 181 28.27 -1.58 -59.23
CA ASN B 181 28.14 -2.26 -57.93
C ASN B 181 29.47 -2.38 -57.19
N ILE B 182 30.42 -1.49 -57.48
CA ILE B 182 31.67 -1.40 -56.72
C ILE B 182 31.64 -0.11 -55.92
N ARG B 183 31.86 -0.21 -54.61
CA ARG B 183 31.81 0.92 -53.71
C ARG B 183 33.13 1.07 -52.97
N LEU B 184 33.39 2.29 -52.50
CA LEU B 184 34.58 2.59 -51.71
C LEU B 184 34.17 2.62 -50.24
N LEU B 185 34.63 1.62 -49.49
CA LEU B 185 34.34 1.55 -48.06
C LEU B 185 35.46 2.23 -47.29
N PRO B 186 35.23 3.43 -46.75
CA PRO B 186 36.32 4.12 -46.03
C PRO B 186 36.75 3.35 -44.80
N SER B 187 38.06 3.31 -44.58
CA SER B 187 38.62 2.53 -43.48
C SER B 187 38.33 3.22 -42.14
N ARG B 188 37.94 2.40 -41.15
CA ARG B 188 37.72 2.93 -39.81
C ARG B 188 39.02 3.41 -39.16
N ALA B 189 40.14 2.73 -39.46
CA ALA B 189 41.40 3.06 -38.80
C ALA B 189 41.97 4.38 -39.31
N LYS B 190 42.00 4.56 -40.63
CA LYS B 190 42.62 5.74 -41.23
C LYS B 190 41.88 7.04 -40.91
N PHE B 191 40.72 6.96 -40.25
CA PHE B 191 39.93 8.15 -39.92
C PHE B 191 39.58 8.17 -38.44
N ARG B 192 40.42 7.58 -37.59
CA ARG B 192 40.12 7.48 -36.16
C ARG B 192 40.02 8.85 -35.51
N LYS B 193 40.86 9.79 -35.96
CA LYS B 193 40.88 11.12 -35.35
C LYS B 193 39.60 11.89 -35.66
N GLN B 194 39.16 11.87 -36.92
CA GLN B 194 37.94 12.57 -37.29
C GLN B 194 36.73 11.99 -36.57
N ILE B 195 36.68 10.67 -36.40
CA ILE B 195 35.51 10.03 -35.80
C ILE B 195 35.36 10.45 -34.34
N GLU B 196 36.41 10.26 -33.55
CA GLU B 196 36.32 10.57 -32.11
C GLU B 196 36.07 12.05 -31.87
N LYS B 197 36.71 12.92 -32.65
CA LYS B 197 36.50 14.35 -32.50
C LYS B 197 35.09 14.76 -32.93
N TRP B 198 34.44 13.99 -33.79
CA TRP B 198 33.05 14.25 -34.12
C TRP B 198 32.10 13.82 -33.02
N ALA B 199 32.47 12.79 -32.26
CA ALA B 199 31.64 12.34 -31.15
C ALA B 199 31.58 13.41 -30.05
N ALA B 200 32.71 14.02 -29.72
CA ALA B 200 32.71 15.09 -28.73
C ALA B 200 31.96 16.31 -29.25
N SER B 201 32.33 16.80 -30.44
CA SER B 201 31.64 17.94 -31.04
C SER B 201 30.22 17.55 -31.45
N ALA B 202 29.36 17.35 -30.46
CA ALA B 202 27.98 16.96 -30.71
C ALA B 202 27.10 17.27 -29.51
N ARG C 7 3.68 8.68 -17.34
CA ARG C 7 3.61 9.96 -16.64
C ARG C 7 3.81 9.78 -15.14
N CYS C 8 4.58 10.68 -14.55
CA CYS C 8 4.86 10.66 -13.12
C CYS C 8 4.02 11.71 -12.39
N GLU C 9 3.93 11.56 -11.07
CA GLU C 9 3.08 12.43 -10.28
C GLU C 9 3.72 13.80 -10.12
N LEU C 10 2.91 14.84 -10.29
CA LEU C 10 3.35 16.22 -10.15
C LEU C 10 2.51 16.94 -9.10
N LYS C 11 3.17 17.82 -8.35
CA LYS C 11 2.50 18.65 -7.35
C LYS C 11 3.38 19.85 -7.05
N LEU C 12 2.75 20.94 -6.65
CA LEU C 12 3.47 22.19 -6.38
C LEU C 12 4.32 22.03 -5.13
N ILE C 13 5.64 22.03 -5.31
CA ILE C 13 6.59 21.93 -4.21
C ILE C 13 7.29 23.28 -4.05
N ALA C 14 7.50 23.68 -2.80
CA ALA C 14 8.28 24.87 -2.49
C ALA C 14 9.12 24.56 -1.26
N SER C 15 10.43 24.41 -1.46
CA SER C 15 11.39 24.17 -0.40
C SER C 15 12.57 25.12 -0.58
N PRO C 16 13.24 25.50 0.51
CA PRO C 16 14.28 26.55 0.41
C PRO C 16 15.49 26.10 -0.38
N GLY C 17 16.30 25.23 0.20
CA GLY C 17 17.53 24.79 -0.43
C GLY C 17 17.33 23.75 -1.52
N SER C 18 16.43 24.02 -2.45
CA SER C 18 16.20 23.14 -3.59
C SER C 18 16.47 23.83 -4.92
N TRP C 19 15.88 25.02 -5.14
CA TRP C 19 16.25 25.81 -6.31
C TRP C 19 17.74 26.12 -6.31
N ARG C 20 18.33 26.24 -5.12
CA ARG C 20 19.76 26.43 -4.96
C ARG C 20 20.55 25.30 -5.62
N LEU C 21 20.40 24.09 -5.08
CA LEU C 21 21.09 22.94 -5.65
C LEU C 21 20.67 22.68 -7.08
N TYR C 22 19.43 23.03 -7.43
CA TYR C 22 18.95 22.90 -8.80
C TYR C 22 19.73 23.79 -9.74
N SER C 23 19.67 25.11 -9.52
CA SER C 23 20.35 26.05 -10.41
C SER C 23 21.86 25.87 -10.39
N ALA C 24 22.41 25.36 -9.28
CA ALA C 24 23.84 25.09 -9.24
C ALA C 24 24.23 23.98 -10.21
N ARG C 25 23.34 23.02 -10.44
CA ARG C 25 23.65 21.91 -11.33
C ARG C 25 23.55 22.33 -12.80
N LYS C 26 22.50 23.07 -13.16
CA LYS C 26 22.26 23.40 -14.56
C LYS C 26 23.36 24.30 -15.12
N ILE C 27 23.99 25.12 -14.29
CA ILE C 27 25.07 25.97 -14.77
C ILE C 27 26.39 25.23 -14.86
N ASP C 28 26.55 24.14 -14.11
CA ASP C 28 27.78 23.37 -14.18
C ASP C 28 27.91 22.69 -15.54
N GLU C 29 29.15 22.40 -15.93
CA GLU C 29 29.43 21.92 -17.27
C GLU C 29 29.32 20.40 -17.40
N ARG C 30 29.58 19.65 -16.32
CA ARG C 30 29.38 18.21 -16.37
C ARG C 30 27.94 17.85 -16.70
N PHE C 31 27.01 18.75 -16.36
CA PHE C 31 25.60 18.48 -16.63
C PHE C 31 25.30 18.40 -18.13
N LYS C 32 26.13 19.02 -18.97
CA LYS C 32 25.96 18.89 -20.41
C LYS C 32 26.13 17.45 -20.89
N SER C 33 26.82 16.62 -20.10
CA SER C 33 26.89 15.20 -20.40
C SER C 33 25.64 14.47 -19.92
N TYR C 34 25.13 14.82 -18.74
CA TYR C 34 23.88 14.24 -18.27
C TYR C 34 22.69 14.71 -19.11
N GLU C 35 22.74 15.97 -19.56
CA GLU C 35 21.57 16.59 -20.19
C GLU C 35 21.28 15.98 -21.55
N GLN C 36 22.30 15.87 -22.41
CA GLN C 36 22.12 15.32 -23.74
C GLN C 36 21.78 13.83 -23.73
N LYS C 37 21.84 13.18 -22.58
CA LYS C 37 21.51 11.77 -22.45
C LYS C 37 20.07 11.53 -22.01
N ILE C 38 19.66 12.15 -20.90
CA ILE C 38 18.33 11.92 -20.35
C ILE C 38 17.24 12.41 -21.30
N PHE C 39 17.56 13.39 -22.15
CA PHE C 39 16.60 13.84 -23.15
C PHE C 39 16.30 12.73 -24.15
N GLN C 40 17.32 12.02 -24.61
CA GLN C 40 17.10 10.90 -25.51
C GLN C 40 16.52 9.68 -24.80
N ARG C 41 16.69 9.59 -23.49
CA ARG C 41 16.04 8.52 -22.73
C ARG C 41 14.53 8.69 -22.76
N ASP C 42 14.04 9.89 -22.44
CA ASP C 42 12.62 10.19 -22.45
C ASP C 42 12.14 10.75 -23.78
N ARG C 43 12.96 10.65 -24.83
CA ARG C 43 12.59 11.09 -26.17
C ARG C 43 12.25 12.58 -26.21
N TYR C 44 13.00 13.38 -25.46
CA TYR C 44 12.81 14.83 -25.40
C TYR C 44 11.37 15.20 -25.02
N THR C 45 10.74 14.39 -24.18
CA THR C 45 9.34 14.54 -23.82
C THR C 45 9.22 14.67 -22.31
N CYS C 46 8.37 15.58 -21.86
CA CYS C 46 8.12 15.75 -20.43
C CYS C 46 7.42 14.52 -19.86
N GLN C 47 7.82 14.13 -18.66
CA GLN C 47 7.26 12.96 -17.99
C GLN C 47 6.08 13.29 -17.09
N PHE C 48 5.55 14.50 -17.19
CA PHE C 48 4.42 14.93 -16.37
C PHE C 48 3.20 15.33 -17.19
N CYS C 49 3.40 16.04 -18.31
CA CYS C 49 2.30 16.46 -19.16
C CYS C 49 2.41 15.94 -20.58
N GLY C 50 3.49 15.25 -20.93
CA GLY C 50 3.65 14.70 -22.26
C GLY C 50 3.87 15.74 -23.33
N PHE C 51 4.78 16.68 -23.09
CA PHE C 51 5.15 17.69 -24.08
C PHE C 51 6.51 17.32 -24.66
N GLN C 52 6.57 17.20 -25.99
CA GLN C 52 7.77 16.77 -26.69
C GLN C 52 8.35 17.93 -27.48
N ALA C 53 9.62 18.23 -27.24
CA ALA C 53 10.32 19.28 -27.97
C ALA C 53 11.82 19.07 -27.78
N ARG C 54 12.58 19.49 -28.81
CA ARG C 54 14.02 19.30 -28.81
C ARG C 54 14.78 20.43 -28.14
N LEU C 55 14.09 21.46 -27.66
CA LEU C 55 14.75 22.62 -27.09
C LEU C 55 14.03 23.06 -25.82
N TYR C 56 14.80 23.67 -24.90
CA TYR C 56 14.28 24.33 -23.71
C TYR C 56 13.58 23.34 -22.78
N GLN C 57 14.26 22.23 -22.51
CA GLN C 57 13.82 21.25 -21.52
C GLN C 57 14.79 21.24 -20.35
N ASP C 58 14.30 20.82 -19.20
CA ASP C 58 15.09 20.78 -17.97
C ASP C 58 15.06 19.38 -17.37
N ILE C 59 15.87 19.21 -16.33
CA ILE C 59 15.93 17.97 -15.56
C ILE C 59 15.58 18.30 -14.11
N VAL C 60 14.59 17.60 -13.57
CA VAL C 60 14.21 17.71 -12.17
C VAL C 60 14.36 16.34 -11.53
N ASN C 61 14.84 16.33 -10.29
CA ASN C 61 14.92 15.10 -9.52
C ASN C 61 13.59 14.85 -8.81
N LEU C 62 13.21 13.57 -8.71
CA LEU C 62 11.90 13.25 -8.16
C LEU C 62 11.86 13.46 -6.66
N ASP C 63 12.82 12.88 -5.93
CA ASP C 63 12.81 12.92 -4.48
C ASP C 63 13.27 14.26 -3.90
N GLY C 64 13.56 15.25 -4.74
CA GLY C 64 14.10 16.51 -4.26
C GLY C 64 15.52 16.44 -3.74
N ASP C 65 16.12 15.26 -3.72
CA ASP C 65 17.50 15.10 -3.28
C ASP C 65 18.41 15.31 -4.48
N TYR C 66 18.72 16.58 -4.75
CA TYR C 66 19.55 16.94 -5.89
C TYR C 66 21.02 16.57 -5.71
N THR C 67 21.30 15.87 -4.61
CA THR C 67 22.57 15.17 -4.42
C THR C 67 22.51 13.73 -4.91
N ASN C 68 21.31 13.21 -5.20
CA ASN C 68 21.11 11.84 -5.66
C ASN C 68 20.94 11.89 -7.17
N ASN C 69 22.06 11.86 -7.89
CA ASN C 69 22.07 12.01 -9.34
C ASN C 69 22.12 10.67 -10.07
N ARG C 70 21.54 9.62 -9.50
CA ARG C 70 21.35 8.39 -10.24
C ARG C 70 20.33 8.62 -11.36
N LEU C 71 20.56 7.98 -12.51
CA LEU C 71 19.76 8.29 -13.69
C LEU C 71 18.30 7.89 -13.52
N SER C 72 18.03 6.88 -12.70
CA SER C 72 16.64 6.51 -12.42
C SER C 72 15.91 7.53 -11.56
N ASN C 73 16.58 8.63 -11.19
CA ASN C 73 15.97 9.71 -10.42
C ASN C 73 15.85 11.00 -11.22
N LEU C 74 16.52 11.10 -12.36
CA LEU C 74 16.47 12.29 -13.20
C LEU C 74 15.47 12.07 -14.32
N VAL C 75 14.61 13.07 -14.56
CA VAL C 75 13.57 12.98 -15.58
C VAL C 75 13.51 14.27 -16.36
N THR C 76 13.09 14.16 -17.63
CA THR C 76 12.90 15.32 -18.47
C THR C 76 11.63 16.08 -18.05
N ALA C 77 11.67 17.41 -18.17
CA ALA C 77 10.53 18.22 -17.80
C ALA C 77 10.62 19.56 -18.53
N CYS C 78 9.49 20.00 -19.10
CA CYS C 78 9.42 21.33 -19.68
C CYS C 78 9.43 22.39 -18.57
N CYS C 79 9.69 23.63 -18.97
CA CYS C 79 9.80 24.70 -17.99
C CYS C 79 8.48 24.99 -17.28
N PHE C 80 7.35 24.59 -17.86
CA PHE C 80 6.06 24.80 -17.20
C PHE C 80 5.91 23.88 -15.99
N CYS C 81 6.53 22.70 -16.02
CA CYS C 81 6.48 21.77 -14.90
C CYS C 81 7.70 21.89 -13.98
N ALA C 82 8.83 22.37 -14.49
CA ALA C 82 10.01 22.50 -13.65
C ALA C 82 9.83 23.62 -12.62
N GLN C 83 9.19 24.72 -13.01
CA GLN C 83 8.94 25.82 -12.08
C GLN C 83 7.85 25.50 -11.07
N CYS C 84 7.23 24.32 -11.15
CA CYS C 84 6.29 23.91 -10.13
C CYS C 84 7.00 23.35 -8.90
N PHE C 85 8.21 22.83 -9.06
CA PHE C 85 9.00 22.34 -7.95
C PHE C 85 9.69 23.45 -7.17
N PHE C 86 9.66 24.69 -7.67
CA PHE C 86 10.32 25.82 -7.02
C PHE C 86 9.40 27.04 -7.07
N VAL C 87 8.20 26.90 -6.51
CA VAL C 87 7.24 28.00 -6.48
C VAL C 87 7.80 29.19 -5.71
N GLU C 88 8.62 28.92 -4.67
CA GLU C 88 9.17 30.01 -3.87
C GLU C 88 10.15 30.86 -4.65
N SER C 89 10.68 30.36 -5.77
CA SER C 89 11.65 31.10 -6.57
C SER C 89 11.10 31.55 -7.91
N VAL C 90 9.84 31.23 -8.22
CA VAL C 90 9.22 31.70 -9.45
C VAL C 90 9.05 33.22 -9.37
N GLY C 91 9.59 33.93 -10.34
CA GLY C 91 9.55 35.38 -10.34
C GLY C 91 10.72 36.06 -9.66
N VAL C 92 11.72 35.30 -9.24
CA VAL C 92 12.92 35.84 -8.60
C VAL C 92 14.07 35.72 -9.58
N GLY C 93 14.69 36.85 -9.93
CA GLY C 93 15.80 36.84 -10.85
C GLY C 93 15.44 36.42 -12.25
N GLY C 94 14.19 36.60 -12.65
CA GLY C 94 13.75 36.25 -13.98
C GLY C 94 13.56 34.77 -14.24
N TYR C 95 13.62 33.93 -13.21
CA TYR C 95 13.43 32.49 -13.39
C TYR C 95 11.96 32.20 -13.64
N GLY C 96 11.62 31.98 -14.91
CA GLY C 96 10.26 31.59 -15.24
C GLY C 96 9.27 32.70 -14.96
N GLY C 97 8.11 32.32 -14.45
CA GLY C 97 7.05 33.26 -14.17
C GLY C 97 5.71 32.57 -14.17
N GLY C 98 4.72 33.29 -13.65
CA GLY C 98 3.37 32.76 -13.59
C GLY C 98 2.59 33.41 -12.47
N THR C 99 1.36 32.96 -12.31
CA THR C 99 0.46 33.45 -11.27
C THR C 99 -0.36 32.28 -10.75
N LEU C 100 -0.45 32.17 -9.42
CA LEU C 100 -1.22 31.10 -8.80
C LEU C 100 -2.71 31.38 -8.91
N ILE C 101 -3.48 30.32 -9.15
CA ILE C 101 -4.92 30.43 -9.38
C ILE C 101 -5.63 29.31 -8.63
N TYR C 102 -6.94 29.47 -8.48
CA TYR C 102 -7.79 28.45 -7.88
C TYR C 102 -8.54 27.75 -9.00
N LEU C 103 -8.00 26.62 -9.46
CA LEU C 103 -8.58 25.84 -10.55
C LEU C 103 -8.68 24.39 -10.10
N PRO C 104 -9.78 24.01 -9.45
CA PRO C 104 -9.97 22.60 -9.04
C PRO C 104 -10.56 21.69 -10.11
N GLU C 105 -10.90 22.20 -11.29
CA GLU C 105 -11.43 21.32 -12.34
C GLU C 105 -10.35 20.44 -12.94
N LEU C 106 -9.11 20.94 -13.02
CA LEU C 106 -8.01 20.23 -13.65
C LEU C 106 -6.88 20.04 -12.64
N THR C 107 -5.89 19.25 -13.05
CA THR C 107 -4.66 19.08 -12.30
C THR C 107 -3.57 19.94 -12.92
N GLN C 108 -2.49 20.15 -12.15
CA GLN C 108 -1.39 20.97 -12.66
C GLN C 108 -0.73 20.33 -13.87
N ALA C 109 -0.78 19.00 -13.98
CA ALA C 109 -0.31 18.35 -15.19
C ALA C 109 -1.20 18.66 -16.39
N GLU C 110 -2.52 18.63 -16.18
CA GLU C 110 -3.44 18.90 -17.28
C GLU C 110 -3.42 20.38 -17.67
N LEU C 111 -3.25 21.26 -16.69
CA LEU C 111 -3.24 22.70 -16.98
C LEU C 111 -1.99 23.09 -17.77
N ASN C 112 -0.84 22.50 -17.42
CA ASN C 112 0.39 22.84 -18.13
C ASN C 112 0.37 22.33 -19.56
N SER C 113 -0.21 21.15 -19.78
CA SER C 113 -0.29 20.63 -21.15
C SER C 113 -1.26 21.45 -21.99
N LEU C 114 -2.38 21.88 -21.42
CA LEU C 114 -3.31 22.73 -22.14
C LEU C 114 -2.68 24.07 -22.49
N CYS C 115 -1.87 24.62 -21.58
CA CYS C 115 -1.20 25.88 -21.85
C CYS C 115 -0.31 25.80 -23.07
N HIS C 116 0.31 24.64 -23.32
CA HIS C 116 1.10 24.45 -24.52
C HIS C 116 0.26 24.69 -25.77
N VAL C 117 -0.90 24.00 -25.86
CA VAL C 117 -1.76 24.15 -27.02
C VAL C 117 -2.29 25.57 -27.12
N LEU C 118 -2.66 26.16 -25.98
CA LEU C 118 -3.16 27.53 -25.98
C LEU C 118 -2.12 28.49 -26.52
N PHE C 119 -0.91 28.46 -25.95
CA PHE C 119 0.14 29.38 -26.38
C PHE C 119 0.64 29.04 -27.78
N CYS C 120 0.66 27.76 -28.14
CA CYS C 120 1.05 27.37 -29.50
C CYS C 120 0.07 27.92 -30.53
N ALA C 121 -1.20 28.10 -30.15
CA ALA C 121 -2.20 28.63 -31.05
C ALA C 121 -2.29 30.15 -31.01
N ILE C 122 -2.00 30.77 -29.87
CA ILE C 122 -1.97 32.23 -29.80
C ILE C 122 -0.92 32.79 -30.75
N THR C 123 0.26 32.18 -30.76
CA THR C 123 1.33 32.63 -31.65
C THR C 123 0.98 32.34 -33.11
N ASN C 124 0.81 31.06 -33.43
CA ASN C 124 0.44 30.65 -34.79
C ASN C 124 -1.07 30.82 -34.94
N ASP C 125 -1.48 32.04 -35.31
CA ASP C 125 -2.89 32.39 -35.45
C ASP C 125 -3.47 31.66 -36.67
N THR C 126 -4.19 30.56 -36.42
CA THR C 126 -4.84 29.80 -37.48
C THR C 126 -6.29 29.52 -37.15
N GLY C 127 -6.93 30.39 -36.37
CA GLY C 127 -8.34 30.24 -36.07
C GLY C 127 -8.65 30.14 -34.59
N TYR C 128 -7.77 29.49 -33.83
CA TYR C 128 -7.98 29.29 -32.40
C TYR C 128 -7.25 30.32 -31.55
N LYS C 129 -6.88 31.47 -32.13
CA LYS C 129 -6.25 32.53 -31.36
C LYS C 129 -7.25 33.19 -30.42
N SER C 130 -8.39 33.61 -30.95
CA SER C 130 -9.41 34.24 -30.12
C SER C 130 -10.01 33.25 -29.13
N SER C 131 -10.12 31.97 -29.52
CA SER C 131 -10.61 30.95 -28.60
C SER C 131 -9.63 30.65 -27.49
N ALA C 132 -8.36 31.04 -27.64
CA ALA C 132 -7.35 30.76 -26.63
C ALA C 132 -7.24 31.87 -25.59
N GLN C 133 -7.24 33.14 -26.03
CA GLN C 133 -7.16 34.25 -25.09
C GLN C 133 -8.37 34.28 -24.16
N ASN C 134 -9.51 33.79 -24.62
CA ASN C 134 -10.70 33.72 -23.76
C ASN C 134 -10.49 32.75 -22.61
N ILE C 135 -9.71 31.68 -22.81
CA ILE C 135 -9.47 30.71 -21.75
C ILE C 135 -8.34 31.17 -20.85
N TYR C 136 -7.28 31.73 -21.44
CA TYR C 136 -6.13 32.17 -20.65
C TYR C 136 -6.52 33.29 -19.69
N ARG C 137 -7.21 34.31 -20.20
CA ARG C 137 -7.70 35.39 -19.35
C ARG C 137 -8.80 34.92 -18.40
N SER C 138 -9.35 33.73 -18.59
CA SER C 138 -10.29 33.15 -17.66
C SER C 138 -9.59 32.38 -16.55
N PHE C 139 -8.42 31.81 -16.82
CA PHE C 139 -7.63 31.17 -15.76
C PHE C 139 -6.93 32.21 -14.90
N LYS C 140 -6.23 33.16 -15.54
CA LYS C 140 -5.56 34.22 -14.81
C LYS C 140 -6.53 35.04 -13.96
N PHE C 141 -7.83 34.99 -14.28
CA PHE C 141 -8.83 35.63 -13.45
C PHE C 141 -9.02 34.93 -12.11
N ARG C 142 -8.67 33.65 -12.03
CA ARG C 142 -8.78 32.90 -10.78
C ARG C 142 -7.71 33.29 -9.77
N SER C 143 -6.76 34.15 -10.15
CA SER C 143 -5.72 34.57 -9.21
C SER C 143 -6.29 35.34 -8.04
N GLN C 144 -7.44 36.00 -8.22
CA GLN C 144 -8.05 36.75 -7.13
C GLN C 144 -8.64 35.82 -6.06
N ILE C 145 -9.12 34.65 -6.46
CA ILE C 145 -9.62 33.68 -5.49
C ILE C 145 -8.51 33.20 -4.56
N VAL C 146 -7.25 33.35 -4.98
CA VAL C 146 -6.13 33.06 -4.10
C VAL C 146 -5.95 34.15 -3.06
N GLU C 147 -5.83 35.40 -3.50
CA GLU C 147 -5.61 36.50 -2.57
C GLU C 147 -6.81 36.71 -1.65
N GLU C 148 -8.00 36.32 -2.08
CA GLU C 148 -9.19 36.45 -1.27
C GLU C 148 -9.40 35.28 -0.29
N LYS C 149 -8.34 34.51 -0.03
CA LYS C 149 -8.34 33.58 1.10
C LYS C 149 -6.97 33.41 1.74
N PHE C 150 -5.95 34.09 1.23
CA PHE C 150 -4.63 34.07 1.85
C PHE C 150 -4.08 35.46 2.16
N GLY C 151 -4.67 36.52 1.61
CA GLY C 151 -4.19 37.87 1.83
C GLY C 151 -3.65 38.49 0.55
N GLU C 152 -3.31 39.77 0.67
CA GLU C 152 -2.78 40.52 -0.47
C GLU C 152 -1.40 40.00 -0.87
N GLY C 153 -1.13 40.05 -2.17
CA GLY C 153 0.14 39.61 -2.70
C GLY C 153 0.35 38.12 -2.77
N THR C 154 -0.59 37.32 -2.25
CA THR C 154 -0.42 35.88 -2.23
C THR C 154 -0.64 35.23 -3.59
N SER C 155 -1.19 35.96 -4.57
CA SER C 155 -1.25 35.45 -5.93
C SER C 155 0.13 35.34 -6.56
N ASP C 156 1.08 36.12 -6.09
CA ASP C 156 2.46 36.02 -6.57
C ASP C 156 3.08 34.72 -6.03
N PRO C 157 3.62 33.87 -6.90
CA PRO C 157 4.18 32.60 -6.41
C PRO C 157 5.41 32.77 -5.54
N ALA C 158 6.20 33.82 -5.77
CA ALA C 158 7.38 34.05 -4.93
C ALA C 158 6.99 34.42 -3.50
N ILE C 159 5.85 35.08 -3.32
CA ILE C 159 5.40 35.46 -1.99
C ILE C 159 4.56 34.37 -1.36
N PHE C 160 3.68 33.73 -2.14
CA PHE C 160 2.97 32.55 -1.65
C PHE C 160 3.95 31.45 -1.26
N GLY C 161 5.13 31.43 -1.87
CA GLY C 161 6.10 30.40 -1.55
C GLY C 161 6.63 30.53 -0.12
N GLN C 162 7.07 31.73 0.25
CA GLN C 162 7.55 31.93 1.61
C GLN C 162 6.44 31.76 2.63
N LEU C 163 5.18 31.81 2.22
CA LEU C 163 4.06 31.60 3.13
C LEU C 163 4.05 30.18 3.67
N MET C 164 3.83 29.20 2.80
CA MET C 164 3.67 27.83 3.28
C MET C 164 4.97 27.24 3.84
N ILE C 165 6.10 27.89 3.59
CA ILE C 165 7.36 27.47 4.21
C ILE C 165 7.55 28.10 5.58
N ASP C 166 7.19 29.39 5.72
CA ASP C 166 7.07 29.98 7.05
C ASP C 166 5.84 29.49 7.79
N SER C 167 4.93 28.79 7.11
CA SER C 167 3.84 28.13 7.79
C SER C 167 4.31 26.92 8.59
N GLY C 168 5.47 26.36 8.24
CA GLY C 168 6.06 25.29 9.01
C GLY C 168 5.21 24.05 9.16
N VAL C 169 4.34 23.79 8.19
CA VAL C 169 3.44 22.64 8.27
C VAL C 169 4.16 21.40 7.76
N ASN C 170 5.17 20.94 8.50
CA ASN C 170 5.86 19.70 8.16
C ASN C 170 4.93 18.52 8.35
N SER C 171 3.93 18.37 7.49
CA SER C 171 2.93 17.34 7.65
C SER C 171 2.51 16.64 6.37
N GLU C 172 2.87 17.16 5.20
CA GLU C 172 2.54 16.55 3.91
C GLU C 172 1.04 16.42 3.69
N GLU C 173 0.34 15.75 4.61
CA GLU C 173 -1.10 15.55 4.49
C GLU C 173 -1.85 16.87 4.60
N ILE C 174 -1.83 17.50 5.78
CA ILE C 174 -2.50 18.79 5.96
C ILE C 174 -1.84 19.84 5.07
N ARG C 175 -0.56 19.68 4.76
CA ARG C 175 0.11 20.56 3.82
C ARG C 175 -0.59 20.54 2.46
N GLU C 176 -0.91 19.33 1.97
CA GLU C 176 -1.65 19.21 0.72
C GLU C 176 -3.12 19.58 0.88
N LYS C 177 -3.69 19.36 2.07
CA LYS C 177 -5.03 19.84 2.35
C LYS C 177 -5.12 21.36 2.34
N LEU C 178 -3.98 22.06 2.30
CA LEU C 178 -3.94 23.50 2.26
C LEU C 178 -3.80 24.02 0.83
N PHE C 179 -2.73 23.64 0.15
CA PHE C 179 -2.53 23.99 -1.25
C PHE C 179 -3.40 23.18 -2.20
N LYS C 180 -4.42 22.48 -1.67
CA LYS C 180 -5.32 21.72 -2.51
C LYS C 180 -6.08 22.64 -3.45
N ASN C 181 -6.34 22.14 -4.66
CA ASN C 181 -7.10 22.85 -5.69
C ASN C 181 -6.46 24.18 -6.07
N ILE C 182 -5.16 24.33 -5.83
CA ILE C 182 -4.42 25.53 -6.20
C ILE C 182 -3.42 25.13 -7.29
N ARG C 183 -3.51 25.79 -8.43
CA ARG C 183 -2.66 25.52 -9.57
C ARG C 183 -1.81 26.73 -9.90
N LEU C 184 -0.71 26.49 -10.60
CA LEU C 184 0.22 27.53 -11.04
C LEU C 184 0.04 27.71 -12.54
N LEU C 185 -0.52 28.86 -12.93
CA LEU C 185 -0.71 29.17 -14.34
C LEU C 185 0.55 29.82 -14.89
N PRO C 186 1.25 29.22 -15.84
CA PRO C 186 2.45 29.85 -16.38
C PRO C 186 2.12 31.15 -17.09
N SER C 187 2.98 32.15 -16.90
CA SER C 187 2.79 33.46 -17.53
C SER C 187 3.37 33.43 -18.94
N ARG C 188 2.52 33.71 -19.93
CA ARG C 188 2.94 33.64 -21.32
C ARG C 188 4.00 34.68 -21.66
N ALA C 189 4.02 35.80 -20.93
CA ALA C 189 4.95 36.88 -21.25
C ALA C 189 6.39 36.48 -20.92
N LYS C 190 6.60 35.74 -19.83
CA LYS C 190 7.95 35.39 -19.41
C LYS C 190 8.61 34.41 -20.37
N PHE C 191 7.83 33.48 -20.95
CA PHE C 191 8.35 32.46 -21.86
C PHE C 191 8.10 32.82 -23.32
N ARG C 192 8.23 34.10 -23.68
CA ARG C 192 7.98 34.49 -25.07
C ARG C 192 8.98 33.84 -26.02
N LYS C 193 10.24 33.72 -25.60
CA LYS C 193 11.26 33.14 -26.46
C LYS C 193 11.01 31.67 -26.72
N GLN C 194 10.68 30.91 -25.66
CA GLN C 194 10.54 29.47 -25.79
C GLN C 194 9.31 29.09 -26.61
N ILE C 195 8.22 29.84 -26.45
CA ILE C 195 6.96 29.48 -27.13
C ILE C 195 7.07 29.69 -28.63
N GLU C 196 7.60 30.86 -29.03
CA GLU C 196 7.74 31.14 -30.46
C GLU C 196 8.62 30.11 -31.15
N LYS C 197 9.61 29.57 -30.44
CA LYS C 197 10.50 28.57 -31.03
C LYS C 197 9.80 27.22 -31.17
N TRP C 198 8.96 26.87 -30.20
CA TRP C 198 8.23 25.61 -30.27
C TRP C 198 7.25 25.61 -31.43
N ALA C 199 6.57 26.73 -31.67
CA ALA C 199 5.64 26.82 -32.79
C ALA C 199 6.38 26.71 -34.12
N ALA C 200 7.56 27.35 -34.22
CA ALA C 200 8.33 27.31 -35.45
C ALA C 200 8.92 25.92 -35.68
N SER C 201 9.67 25.41 -34.70
CA SER C 201 10.33 24.12 -34.83
C SER C 201 9.36 22.97 -34.67
N ALA C 202 8.19 23.08 -35.30
CA ALA C 202 7.19 22.01 -35.35
C ALA C 202 6.51 21.95 -36.70
N LEU C 203 7.24 22.26 -37.77
CA LEU C 203 6.69 22.28 -39.11
C LEU C 203 7.58 21.49 -40.07
N ARG D 7 -27.73 -3.41 -7.16
CA ARG D 7 -27.09 -4.58 -6.58
C ARG D 7 -26.27 -5.33 -7.63
N CYS D 8 -24.98 -5.48 -7.39
CA CYS D 8 -24.09 -6.21 -8.27
C CYS D 8 -23.82 -7.60 -7.68
N GLU D 9 -22.85 -8.31 -8.24
CA GLU D 9 -22.55 -9.68 -7.85
C GLU D 9 -21.31 -9.73 -6.97
N LEU D 10 -21.42 -10.51 -5.90
CA LEU D 10 -20.28 -10.86 -5.04
C LEU D 10 -19.81 -12.27 -5.35
N LYS D 11 -18.51 -12.50 -5.17
CA LYS D 11 -17.93 -13.83 -5.26
C LYS D 11 -16.52 -13.80 -4.73
N LEU D 12 -16.14 -14.87 -4.03
CA LEU D 12 -14.79 -14.99 -3.50
C LEU D 12 -13.78 -15.07 -4.64
N ILE D 13 -12.72 -14.28 -4.55
CA ILE D 13 -11.68 -14.22 -5.57
C ILE D 13 -10.32 -14.26 -4.90
N ALA D 14 -9.50 -15.23 -5.28
CA ALA D 14 -8.13 -15.37 -4.77
C ALA D 14 -7.18 -15.04 -5.92
N SER D 15 -7.00 -13.75 -6.18
CA SER D 15 -6.17 -13.30 -7.28
C SER D 15 -4.69 -13.52 -6.96
N PRO D 16 -3.84 -13.59 -7.99
CA PRO D 16 -2.40 -13.72 -7.75
C PRO D 16 -1.85 -12.58 -6.92
N GLY D 17 -1.97 -11.35 -7.41
CA GLY D 17 -1.48 -10.19 -6.69
C GLY D 17 -2.28 -8.93 -6.96
N SER D 18 -3.56 -9.09 -7.25
CA SER D 18 -4.40 -7.92 -7.52
C SER D 18 -4.63 -7.07 -6.28
N TRP D 19 -4.39 -7.62 -5.08
CA TRP D 19 -4.42 -6.79 -3.89
C TRP D 19 -3.22 -5.85 -3.84
N ARG D 20 -2.11 -6.25 -4.45
CA ARG D 20 -0.96 -5.35 -4.55
C ARG D 20 -1.26 -4.17 -5.48
N LEU D 21 -2.12 -4.38 -6.48
CA LEU D 21 -2.61 -3.27 -7.28
C LEU D 21 -3.66 -2.46 -6.54
N TYR D 22 -4.48 -3.11 -5.72
CA TYR D 22 -5.55 -2.43 -5.00
C TYR D 22 -4.98 -1.50 -3.92
N SER D 23 -4.07 -2.02 -3.09
CA SER D 23 -3.50 -1.21 -2.02
C SER D 23 -2.51 -0.17 -2.53
N ALA D 24 -1.98 -0.36 -3.74
CA ALA D 24 -1.08 0.64 -4.31
C ALA D 24 -1.85 1.89 -4.72
N ARG D 25 -2.97 1.71 -5.42
CA ARG D 25 -3.83 2.85 -5.78
C ARG D 25 -4.42 3.52 -4.56
N LYS D 26 -4.56 2.79 -3.44
CA LYS D 26 -5.13 3.34 -2.22
C LYS D 26 -4.35 4.53 -1.69
N ILE D 27 -3.08 4.68 -2.08
CA ILE D 27 -2.25 5.80 -1.66
C ILE D 27 -1.66 6.47 -2.90
N ASP D 28 -2.48 7.26 -3.59
CA ASP D 28 -2.09 7.84 -4.87
C ASP D 28 -2.54 9.29 -4.94
N GLU D 29 -2.83 9.78 -6.14
CA GLU D 29 -3.40 11.11 -6.38
C GLU D 29 -4.60 11.06 -7.32
N ARG D 30 -4.54 10.21 -8.35
CA ARG D 30 -5.71 10.03 -9.21
C ARG D 30 -6.88 9.42 -8.44
N PHE D 31 -6.59 8.59 -7.44
CA PHE D 31 -7.64 8.04 -6.58
C PHE D 31 -7.93 8.91 -5.37
N LYS D 32 -6.93 9.66 -4.89
CA LYS D 32 -7.12 10.49 -3.70
C LYS D 32 -8.18 11.56 -3.92
N SER D 33 -8.38 11.97 -5.17
CA SER D 33 -9.42 12.93 -5.51
C SER D 33 -10.67 12.29 -6.09
N TYR D 34 -10.52 11.15 -6.76
CA TYR D 34 -11.68 10.44 -7.31
C TYR D 34 -12.47 9.70 -6.24
N GLU D 35 -11.87 9.43 -5.08
CA GLU D 35 -12.56 8.68 -4.03
C GLU D 35 -13.81 9.42 -3.56
N GLN D 36 -13.64 10.67 -3.13
CA GLN D 36 -14.80 11.46 -2.74
C GLN D 36 -15.66 11.87 -3.93
N LYS D 37 -15.16 11.71 -5.15
CA LYS D 37 -15.95 12.00 -6.34
C LYS D 37 -16.81 10.82 -6.77
N ILE D 38 -16.50 9.62 -6.31
CA ILE D 38 -17.28 8.43 -6.63
C ILE D 38 -18.11 7.94 -5.45
N PHE D 39 -17.88 8.44 -4.24
CA PHE D 39 -18.83 8.22 -3.15
C PHE D 39 -20.12 8.99 -3.41
N GLN D 40 -20.01 10.22 -3.91
CA GLN D 40 -21.20 11.02 -4.17
C GLN D 40 -22.02 10.47 -5.32
N ARG D 41 -21.38 9.88 -6.32
CA ARG D 41 -22.11 9.34 -7.47
C ARG D 41 -22.85 8.05 -7.14
N ASP D 42 -22.50 7.39 -6.04
CA ASP D 42 -23.17 6.17 -5.60
C ASP D 42 -23.96 6.37 -4.32
N ARG D 43 -24.12 7.62 -3.87
CA ARG D 43 -24.87 7.95 -2.65
C ARG D 43 -24.28 7.24 -1.43
N TYR D 44 -22.96 7.09 -1.41
CA TYR D 44 -22.22 6.49 -0.29
C TYR D 44 -22.71 5.07 0.03
N THR D 45 -23.33 4.41 -0.93
CA THR D 45 -24.01 3.14 -0.69
C THR D 45 -23.20 2.00 -1.31
N CYS D 46 -23.00 0.93 -0.53
CA CYS D 46 -22.38 -0.27 -1.06
C CYS D 46 -23.23 -0.87 -2.17
N GLN D 47 -22.59 -1.19 -3.29
CA GLN D 47 -23.30 -1.66 -4.48
C GLN D 47 -23.52 -3.16 -4.50
N PHE D 48 -23.16 -3.87 -3.43
CA PHE D 48 -23.35 -5.32 -3.35
C PHE D 48 -24.39 -5.73 -2.32
N CYS D 49 -24.40 -5.08 -1.15
CA CYS D 49 -25.36 -5.40 -0.10
C CYS D 49 -26.29 -4.25 0.25
N GLY D 50 -25.93 -3.00 -0.07
CA GLY D 50 -26.78 -1.87 0.23
C GLY D 50 -26.44 -1.14 1.50
N PHE D 51 -25.23 -1.32 2.03
CA PHE D 51 -24.83 -0.66 3.27
C PHE D 51 -24.35 0.75 2.97
N GLN D 52 -24.86 1.73 3.71
CA GLN D 52 -24.55 3.14 3.50
C GLN D 52 -23.88 3.71 4.75
N ALA D 53 -22.78 4.43 4.55
CA ALA D 53 -22.07 5.08 5.62
C ALA D 53 -21.14 6.12 5.03
N ARG D 54 -20.88 7.18 5.79
CA ARG D 54 -19.99 8.25 5.39
C ARG D 54 -18.54 7.98 5.76
N LEU D 55 -18.22 6.79 6.26
CA LEU D 55 -16.88 6.47 6.73
C LEU D 55 -16.56 5.02 6.40
N TYR D 56 -15.26 4.76 6.22
CA TYR D 56 -14.74 3.40 6.04
C TYR D 56 -15.34 2.71 4.81
N GLN D 57 -15.43 3.44 3.70
CA GLN D 57 -15.92 2.90 2.44
C GLN D 57 -14.76 2.75 1.47
N ASP D 58 -14.62 1.56 0.90
CA ASP D 58 -13.57 1.26 -0.06
C ASP D 58 -14.10 1.27 -1.47
N ILE D 59 -13.18 1.19 -2.44
CA ILE D 59 -13.51 1.21 -3.86
C ILE D 59 -12.83 0.02 -4.52
N VAL D 60 -13.59 -0.72 -5.31
CA VAL D 60 -13.08 -1.87 -6.04
C VAL D 60 -13.40 -1.70 -7.52
N ASN D 61 -12.66 -2.44 -8.34
CA ASN D 61 -12.88 -2.46 -9.78
C ASN D 61 -13.76 -3.64 -10.16
N LEU D 62 -14.76 -3.39 -11.00
CA LEU D 62 -15.71 -4.44 -11.36
C LEU D 62 -15.04 -5.55 -12.15
N ASP D 63 -14.15 -5.20 -13.07
CA ASP D 63 -13.53 -6.18 -13.96
C ASP D 63 -12.41 -6.98 -13.29
N GLY D 64 -12.16 -6.77 -12.01
CA GLY D 64 -11.06 -7.44 -11.35
C GLY D 64 -9.68 -6.95 -11.73
N ASP D 65 -9.59 -6.04 -12.70
CA ASP D 65 -8.31 -5.47 -13.13
C ASP D 65 -8.17 -4.09 -12.48
N TYR D 66 -7.28 -3.99 -11.49
CA TYR D 66 -7.06 -2.75 -10.76
C TYR D 66 -6.05 -1.84 -11.46
N THR D 67 -5.84 -2.03 -12.75
CA THR D 67 -5.04 -1.11 -13.56
C THR D 67 -5.92 -0.19 -14.41
N ASN D 68 -7.05 -0.70 -14.89
CA ASN D 68 -8.02 0.13 -15.61
C ASN D 68 -8.86 0.90 -14.60
N ASN D 69 -8.62 2.20 -14.49
CA ASN D 69 -9.22 3.04 -13.46
C ASN D 69 -10.25 4.01 -14.03
N ARG D 70 -10.96 3.62 -15.08
CA ARG D 70 -12.02 4.46 -15.60
C ARG D 70 -13.17 4.54 -14.60
N LEU D 71 -13.74 5.75 -14.46
CA LEU D 71 -14.78 5.97 -13.46
C LEU D 71 -16.00 5.09 -13.69
N SER D 72 -16.26 4.71 -14.94
CA SER D 72 -17.36 3.81 -15.27
C SER D 72 -17.08 2.37 -14.88
N ASN D 73 -16.00 2.10 -14.14
CA ASN D 73 -15.67 0.76 -13.69
C ASN D 73 -15.51 0.66 -12.18
N LEU D 74 -15.51 1.78 -11.46
CA LEU D 74 -15.35 1.80 -10.02
C LEU D 74 -16.71 1.88 -9.34
N VAL D 75 -16.95 1.00 -8.36
CA VAL D 75 -18.17 1.01 -7.58
C VAL D 75 -17.81 1.01 -6.11
N THR D 76 -18.67 1.62 -5.30
CA THR D 76 -18.44 1.71 -3.86
C THR D 76 -18.75 0.38 -3.19
N ALA D 77 -17.94 0.03 -2.19
CA ALA D 77 -18.12 -1.22 -1.46
C ALA D 77 -17.62 -1.05 -0.04
N CYS D 78 -18.31 -1.69 0.90
CA CYS D 78 -17.84 -1.73 2.27
C CYS D 78 -16.73 -2.77 2.41
N CYS D 79 -15.96 -2.63 3.50
CA CYS D 79 -14.85 -3.55 3.73
C CYS D 79 -15.30 -4.98 3.95
N PHE D 80 -16.57 -5.19 4.31
CA PHE D 80 -17.09 -6.54 4.42
C PHE D 80 -17.09 -7.23 3.07
N CYS D 81 -17.39 -6.49 2.00
CA CYS D 81 -17.37 -7.04 0.65
C CYS D 81 -16.06 -6.76 -0.07
N ALA D 82 -15.27 -5.79 0.39
CA ALA D 82 -13.98 -5.54 -0.23
C ALA D 82 -13.03 -6.71 -0.04
N GLN D 83 -13.07 -7.33 1.15
CA GLN D 83 -12.25 -8.50 1.41
C GLN D 83 -12.72 -9.73 0.65
N CYS D 84 -13.91 -9.70 0.06
CA CYS D 84 -14.39 -10.83 -0.74
C CYS D 84 -13.69 -10.89 -2.10
N PHE D 85 -13.03 -9.81 -2.52
CA PHE D 85 -12.25 -9.79 -3.75
C PHE D 85 -10.77 -10.06 -3.50
N PHE D 86 -10.36 -10.21 -2.23
CA PHE D 86 -8.98 -10.51 -1.87
C PHE D 86 -9.01 -11.54 -0.73
N VAL D 87 -9.45 -12.76 -1.05
CA VAL D 87 -9.57 -13.79 -0.04
C VAL D 87 -8.21 -14.16 0.54
N GLU D 88 -7.15 -14.07 -0.26
CA GLU D 88 -5.81 -14.43 0.20
C GLU D 88 -5.19 -13.37 1.11
N SER D 89 -5.66 -12.13 1.04
CA SER D 89 -5.08 -11.03 1.79
C SER D 89 -5.83 -10.70 3.06
N VAL D 90 -6.85 -11.49 3.41
CA VAL D 90 -7.60 -11.27 4.64
C VAL D 90 -6.77 -11.77 5.82
N GLY D 91 -6.68 -10.95 6.86
CA GLY D 91 -5.83 -11.28 7.99
C GLY D 91 -4.35 -11.18 7.72
N VAL D 92 -3.95 -10.64 6.56
CA VAL D 92 -2.56 -10.50 6.18
C VAL D 92 -2.20 -9.02 6.32
N GLY D 93 -1.36 -8.71 7.30
CA GLY D 93 -0.99 -7.33 7.55
C GLY D 93 -2.07 -6.51 8.20
N GLY D 94 -2.96 -7.16 8.96
CA GLY D 94 -4.05 -6.46 9.61
C GLY D 94 -5.15 -6.00 8.70
N TYR D 95 -5.11 -6.34 7.41
CA TYR D 95 -6.14 -5.93 6.47
C TYR D 95 -7.45 -6.66 6.76
N GLY D 96 -8.31 -6.04 7.57
CA GLY D 96 -9.60 -6.65 7.87
C GLY D 96 -9.45 -7.94 8.66
N GLY D 97 -10.29 -8.90 8.33
CA GLY D 97 -10.30 -10.18 9.02
C GLY D 97 -11.58 -10.93 8.75
N GLY D 98 -11.59 -12.18 9.19
CA GLY D 98 -12.78 -13.00 9.03
C GLY D 98 -12.43 -14.47 9.09
N THR D 99 -13.46 -15.28 8.83
CA THR D 99 -13.34 -16.73 8.84
C THR D 99 -14.31 -17.31 7.82
N LEU D 100 -13.88 -18.38 7.14
CA LEU D 100 -14.71 -19.04 6.15
C LEU D 100 -15.64 -20.05 6.81
N ILE D 101 -16.89 -20.07 6.36
CA ILE D 101 -17.92 -20.93 6.94
C ILE D 101 -18.76 -21.54 5.83
N TYR D 102 -19.47 -22.62 6.17
CA TYR D 102 -20.40 -23.27 5.27
C TYR D 102 -21.81 -22.81 5.63
N LEU D 103 -22.37 -21.94 4.81
CA LEU D 103 -23.70 -21.36 5.05
C LEU D 103 -24.42 -21.26 3.71
N PRO D 104 -25.12 -22.32 3.30
CA PRO D 104 -25.73 -22.32 1.98
C PRO D 104 -27.07 -21.61 1.89
N GLU D 105 -27.78 -21.44 3.02
CA GLU D 105 -29.12 -20.86 2.99
C GLU D 105 -29.10 -19.36 2.69
N LEU D 106 -27.98 -18.69 2.92
CA LEU D 106 -27.85 -17.26 2.66
C LEU D 106 -26.77 -17.01 1.63
N THR D 107 -26.93 -15.94 0.86
CA THR D 107 -25.90 -15.52 -0.08
C THR D 107 -24.85 -14.67 0.64
N GLN D 108 -23.76 -14.39 -0.09
CA GLN D 108 -22.70 -13.56 0.48
C GLN D 108 -23.16 -12.13 0.68
N ALA D 109 -23.95 -11.60 -0.25
CA ALA D 109 -24.45 -10.23 -0.12
C ALA D 109 -25.42 -10.10 1.03
N GLU D 110 -26.21 -11.14 1.30
CA GLU D 110 -27.16 -11.09 2.41
C GLU D 110 -26.46 -11.28 3.75
N LEU D 111 -25.45 -12.13 3.82
CA LEU D 111 -24.72 -12.33 5.06
C LEU D 111 -23.96 -11.07 5.48
N ASN D 112 -23.43 -10.32 4.51
CA ASN D 112 -22.67 -9.12 4.84
C ASN D 112 -23.60 -8.01 5.33
N SER D 113 -24.71 -7.79 4.64
CA SER D 113 -25.68 -6.80 5.11
C SER D 113 -26.31 -7.21 6.43
N LEU D 114 -26.48 -8.51 6.66
CA LEU D 114 -26.99 -8.98 7.95
C LEU D 114 -26.00 -8.71 9.07
N CYS D 115 -24.71 -8.93 8.81
CA CYS D 115 -23.69 -8.67 9.83
C CYS D 115 -23.64 -7.19 10.21
N HIS D 116 -23.98 -6.30 9.26
CA HIS D 116 -24.05 -4.88 9.58
C HIS D 116 -25.14 -4.58 10.58
N VAL D 117 -26.25 -5.34 10.54
CA VAL D 117 -27.27 -5.20 11.57
C VAL D 117 -26.83 -5.90 12.85
N LEU D 118 -26.07 -7.00 12.73
CA LEU D 118 -25.64 -7.75 13.90
C LEU D 118 -24.71 -6.93 14.78
N PHE D 119 -23.59 -6.48 14.21
CA PHE D 119 -22.63 -5.71 15.00
C PHE D 119 -23.18 -4.36 15.43
N CYS D 120 -24.14 -3.82 14.68
CA CYS D 120 -24.75 -2.55 15.07
C CYS D 120 -25.51 -2.68 16.38
N ALA D 121 -26.26 -3.77 16.54
CA ALA D 121 -27.01 -3.99 17.77
C ALA D 121 -26.15 -4.60 18.88
N ILE D 122 -25.01 -5.18 18.54
CA ILE D 122 -24.11 -5.72 19.56
C ILE D 122 -23.45 -4.58 20.33
N THR D 123 -22.91 -3.60 19.60
CA THR D 123 -22.28 -2.45 20.26
C THR D 123 -23.31 -1.58 20.94
N ASN D 124 -24.36 -1.19 20.22
CA ASN D 124 -25.46 -0.42 20.79
C ASN D 124 -26.41 -1.38 21.49
N ASP D 125 -26.06 -1.74 22.73
CA ASP D 125 -26.81 -2.72 23.50
C ASP D 125 -28.23 -2.26 23.77
N THR D 126 -29.17 -2.67 22.92
CA THR D 126 -30.59 -2.39 23.10
C THR D 126 -31.37 -3.66 23.43
N GLY D 127 -30.74 -4.56 24.18
CA GLY D 127 -31.40 -5.79 24.55
C GLY D 127 -31.17 -6.90 23.55
N TYR D 128 -31.14 -6.55 22.26
CA TYR D 128 -30.95 -7.52 21.20
C TYR D 128 -29.51 -8.02 21.12
N LYS D 129 -28.63 -7.58 22.01
CA LYS D 129 -27.24 -8.05 22.01
C LYS D 129 -27.16 -9.55 22.25
N SER D 130 -28.09 -10.09 23.06
CA SER D 130 -28.08 -11.53 23.33
C SER D 130 -28.37 -12.32 22.05
N SER D 131 -29.43 -11.96 21.33
CA SER D 131 -29.76 -12.67 20.09
C SER D 131 -28.72 -12.40 19.01
N ALA D 132 -28.22 -11.17 18.95
CA ALA D 132 -27.24 -10.82 17.91
C ALA D 132 -25.95 -11.60 18.10
N GLN D 133 -25.48 -11.73 19.34
CA GLN D 133 -24.28 -12.54 19.60
C GLN D 133 -24.55 -14.02 19.34
N ASN D 134 -25.80 -14.46 19.51
CA ASN D 134 -26.14 -15.85 19.21
C ASN D 134 -25.99 -16.15 17.72
N ILE D 135 -26.22 -15.17 16.86
CA ILE D 135 -26.19 -15.39 15.42
C ILE D 135 -24.75 -15.45 14.90
N TYR D 136 -23.95 -14.44 15.23
CA TYR D 136 -22.58 -14.39 14.73
C TYR D 136 -21.75 -15.54 15.27
N ARG D 137 -22.07 -16.04 16.47
CA ARG D 137 -21.33 -17.17 17.02
C ARG D 137 -21.75 -18.49 16.38
N SER D 138 -23.04 -18.63 16.05
CA SER D 138 -23.49 -19.84 15.37
C SER D 138 -22.93 -19.94 13.96
N PHE D 139 -22.65 -18.81 13.32
CA PHE D 139 -22.07 -18.84 11.98
C PHE D 139 -20.60 -19.22 12.03
N LYS D 140 -19.82 -18.54 12.87
CA LYS D 140 -18.40 -18.86 13.01
C LYS D 140 -18.19 -20.30 13.48
N PHE D 141 -19.22 -20.92 14.05
CA PHE D 141 -19.15 -22.34 14.38
C PHE D 141 -19.08 -23.22 13.13
N ARG D 142 -19.50 -22.70 11.98
CA ARG D 142 -19.41 -23.44 10.72
C ARG D 142 -18.01 -23.43 10.13
N SER D 143 -17.04 -22.80 10.79
CA SER D 143 -15.68 -22.78 10.28
C SER D 143 -15.04 -24.16 10.27
N GLN D 144 -15.53 -25.08 11.10
CA GLN D 144 -14.99 -26.43 11.12
C GLN D 144 -15.58 -27.28 10.00
N ILE D 145 -16.81 -27.00 9.58
CA ILE D 145 -17.40 -27.74 8.47
C ILE D 145 -16.58 -27.53 7.20
N VAL D 146 -16.05 -26.33 7.01
CA VAL D 146 -15.15 -26.08 5.88
C VAL D 146 -13.86 -26.88 6.05
N GLU D 147 -13.35 -26.98 7.28
CA GLU D 147 -12.09 -27.68 7.51
C GLU D 147 -12.25 -29.18 7.33
N GLU D 148 -13.41 -29.73 7.71
CA GLU D 148 -13.64 -31.16 7.57
C GLU D 148 -13.84 -31.60 6.13
N LYS D 149 -14.03 -30.67 5.21
CA LYS D 149 -14.14 -31.00 3.79
C LYS D 149 -13.04 -30.33 2.96
N PHE D 150 -12.07 -29.67 3.61
CA PHE D 150 -10.97 -29.05 2.89
C PHE D 150 -9.65 -29.14 3.64
N GLY D 151 -9.59 -29.84 4.76
CA GLY D 151 -8.37 -29.96 5.53
C GLY D 151 -8.30 -28.95 6.66
N GLU D 152 -7.48 -29.27 7.66
CA GLU D 152 -7.34 -28.42 8.82
C GLU D 152 -6.69 -27.08 8.45
N GLY D 153 -7.01 -26.05 9.22
CA GLY D 153 -6.45 -24.73 8.99
C GLY D 153 -7.00 -24.01 7.78
N THR D 154 -8.04 -24.54 7.14
CA THR D 154 -8.61 -23.93 5.95
C THR D 154 -9.77 -22.99 6.25
N SER D 155 -10.21 -22.91 7.51
CA SER D 155 -11.20 -21.91 7.87
C SER D 155 -10.64 -20.50 7.74
N ASP D 156 -9.33 -20.36 7.90
CA ASP D 156 -8.69 -19.06 7.68
C ASP D 156 -8.69 -18.75 6.18
N PRO D 157 -9.15 -17.57 5.78
CA PRO D 157 -9.21 -17.27 4.33
C PRO D 157 -7.85 -17.09 3.70
N ALA D 158 -6.85 -16.61 4.45
CA ALA D 158 -5.52 -16.42 3.88
C ALA D 158 -4.88 -17.76 3.52
N ILE D 159 -5.10 -18.78 4.35
CA ILE D 159 -4.60 -20.12 4.04
C ILE D 159 -5.44 -20.77 2.95
N PHE D 160 -6.76 -20.59 3.00
CA PHE D 160 -7.64 -21.06 1.94
C PHE D 160 -7.39 -20.29 0.63
N GLY D 161 -6.83 -19.08 0.72
CA GLY D 161 -6.57 -18.27 -0.45
C GLY D 161 -5.49 -18.84 -1.36
N GLN D 162 -4.25 -18.90 -0.86
CA GLN D 162 -3.18 -19.52 -1.65
C GLN D 162 -3.41 -21.00 -1.88
N LEU D 163 -4.33 -21.62 -1.15
CA LEU D 163 -4.78 -22.96 -1.52
C LEU D 163 -5.48 -22.93 -2.87
N MET D 164 -6.27 -21.88 -3.12
CA MET D 164 -6.83 -21.68 -4.46
C MET D 164 -5.74 -21.38 -5.47
N ILE D 165 -4.86 -20.43 -5.15
CA ILE D 165 -3.86 -19.94 -6.12
C ILE D 165 -2.90 -21.05 -6.51
N ASP D 166 -2.59 -21.96 -5.59
CA ASP D 166 -1.70 -23.07 -5.90
C ASP D 166 -2.39 -24.19 -6.67
N SER D 167 -3.69 -24.08 -6.93
CA SER D 167 -4.39 -25.10 -7.69
C SER D 167 -4.20 -24.96 -9.19
N GLY D 168 -3.87 -23.77 -9.67
CA GLY D 168 -3.80 -23.54 -11.10
C GLY D 168 -5.14 -23.55 -11.79
N VAL D 169 -6.25 -23.57 -11.05
CA VAL D 169 -7.59 -23.63 -11.63
C VAL D 169 -8.03 -22.18 -11.83
N ASN D 170 -7.65 -21.61 -12.97
CA ASN D 170 -8.10 -20.27 -13.33
C ASN D 170 -9.57 -20.25 -13.73
N SER D 171 -10.18 -21.41 -13.94
CA SER D 171 -11.57 -21.51 -14.37
C SER D 171 -12.51 -20.78 -13.41
N GLU D 172 -12.99 -19.60 -13.82
CA GLU D 172 -13.94 -18.86 -12.99
C GLU D 172 -15.24 -19.62 -12.78
N GLU D 173 -15.58 -20.54 -13.69
CA GLU D 173 -16.79 -21.34 -13.51
C GLU D 173 -16.55 -22.50 -12.55
N ILE D 174 -15.38 -23.15 -12.63
CA ILE D 174 -15.09 -24.26 -11.74
C ILE D 174 -14.76 -23.80 -10.33
N ARG D 175 -14.21 -22.60 -10.18
CA ARG D 175 -13.93 -22.09 -8.84
C ARG D 175 -15.21 -21.69 -8.13
N GLU D 176 -16.14 -21.04 -8.83
CA GLU D 176 -17.41 -20.67 -8.24
C GLU D 176 -18.31 -21.87 -8.00
N LYS D 177 -18.03 -23.00 -8.65
CA LYS D 177 -18.78 -24.23 -8.43
C LYS D 177 -18.13 -25.15 -7.40
N LEU D 178 -16.88 -24.90 -7.03
CA LEU D 178 -16.21 -25.65 -5.98
C LEU D 178 -16.19 -24.91 -4.65
N PHE D 179 -15.96 -23.61 -4.66
CA PHE D 179 -16.09 -22.77 -3.47
C PHE D 179 -17.53 -22.30 -3.25
N LYS D 180 -18.50 -23.00 -3.84
CA LYS D 180 -19.90 -22.65 -3.65
C LYS D 180 -20.34 -22.98 -2.23
N ASN D 181 -21.32 -22.23 -1.74
CA ASN D 181 -21.89 -22.31 -0.39
C ASN D 181 -20.90 -21.86 0.68
N ILE D 182 -19.70 -21.45 0.31
CA ILE D 182 -18.70 -20.99 1.27
C ILE D 182 -18.80 -19.48 1.39
N ARG D 183 -18.89 -18.99 2.62
CA ARG D 183 -19.05 -17.56 2.89
C ARG D 183 -17.87 -17.04 3.69
N LEU D 184 -17.58 -15.76 3.50
CA LEU D 184 -16.53 -15.06 4.24
C LEU D 184 -17.19 -14.24 5.34
N LEU D 185 -17.28 -14.82 6.53
CA LEU D 185 -17.88 -14.15 7.68
C LEU D 185 -16.91 -13.14 8.25
N PRO D 186 -17.21 -11.85 8.19
CA PRO D 186 -16.28 -10.84 8.71
C PRO D 186 -16.10 -10.98 10.22
N SER D 187 -14.85 -10.88 10.65
CA SER D 187 -14.52 -10.99 12.07
C SER D 187 -14.89 -9.69 12.78
N ARG D 188 -15.74 -9.80 13.80
CA ARG D 188 -16.17 -8.62 14.55
C ARG D 188 -15.00 -7.94 15.25
N ALA D 189 -13.98 -8.71 15.65
CA ALA D 189 -12.86 -8.13 16.37
C ALA D 189 -12.01 -7.23 15.48
N LYS D 190 -11.73 -7.67 14.25
CA LYS D 190 -10.86 -6.89 13.36
C LYS D 190 -11.50 -5.58 12.95
N PHE D 191 -12.82 -5.55 12.79
CA PHE D 191 -13.54 -4.36 12.35
C PHE D 191 -14.18 -3.59 13.51
N ARG D 192 -13.63 -3.73 14.71
CA ARG D 192 -14.25 -3.12 15.88
C ARG D 192 -14.34 -1.60 15.74
N LYS D 193 -13.28 -0.98 15.20
CA LYS D 193 -13.29 0.48 15.07
C LYS D 193 -14.25 0.94 13.98
N GLN D 194 -14.41 0.16 12.91
CA GLN D 194 -15.41 0.49 11.91
C GLN D 194 -16.82 0.30 12.46
N ILE D 195 -17.02 -0.76 13.25
CA ILE D 195 -18.34 -1.02 13.83
C ILE D 195 -18.69 0.06 14.85
N GLU D 196 -17.78 0.32 15.79
CA GLU D 196 -18.04 1.29 16.85
C GLU D 196 -18.29 2.68 16.29
N LYS D 197 -17.69 2.99 15.13
CA LYS D 197 -17.96 4.26 14.46
C LYS D 197 -19.20 4.21 13.58
N TRP D 198 -19.62 3.01 13.15
CA TRP D 198 -20.85 2.88 12.38
C TRP D 198 -22.08 2.84 13.27
N ALA D 199 -21.93 2.38 14.52
CA ALA D 199 -23.08 2.28 15.40
C ALA D 199 -23.53 3.65 15.91
N ALA D 200 -22.57 4.49 16.31
CA ALA D 200 -22.92 5.81 16.81
C ALA D 200 -23.16 6.79 15.66
N SER D 201 -22.28 6.82 14.68
CA SER D 201 -22.34 7.79 13.59
C SER D 201 -23.15 7.24 12.41
N ALA D 202 -24.38 6.84 12.72
CA ALA D 202 -25.32 6.32 11.73
C ALA D 202 -26.56 5.77 12.41
N LEU D 203 -27.71 5.88 11.75
CA LEU D 203 -28.96 5.36 12.30
C LEU D 203 -29.89 4.90 11.19
N ARG E 7 8.09 -49.11 4.39
CA ARG E 7 8.66 -48.00 3.62
C ARG E 7 8.70 -48.34 2.14
N CYS E 8 8.11 -47.48 1.31
CA CYS E 8 7.98 -47.74 -0.11
C CYS E 8 9.18 -47.21 -0.88
N GLU E 9 9.23 -47.57 -2.17
CA GLU E 9 10.37 -47.23 -3.01
C GLU E 9 10.30 -45.77 -3.47
N LEU E 10 11.45 -45.11 -3.48
CA LEU E 10 11.57 -43.73 -3.93
C LEU E 10 12.46 -43.69 -5.16
N LYS E 11 11.91 -43.22 -6.27
CA LYS E 11 12.67 -43.07 -7.51
C LYS E 11 12.22 -41.79 -8.21
N LEU E 12 13.17 -41.08 -8.80
CA LEU E 12 12.86 -39.85 -9.51
C LEU E 12 11.91 -40.14 -10.67
N ILE E 13 10.73 -39.53 -10.63
CA ILE E 13 9.67 -39.77 -11.61
C ILE E 13 9.33 -38.44 -12.27
N ALA E 14 9.58 -38.36 -13.58
CA ALA E 14 9.26 -37.17 -14.36
C ALA E 14 8.06 -37.50 -15.25
N SER E 15 6.94 -36.83 -15.00
CA SER E 15 5.71 -37.03 -15.74
C SER E 15 5.32 -35.75 -16.46
N PRO E 16 4.59 -35.86 -17.58
CA PRO E 16 4.26 -34.64 -18.34
C PRO E 16 3.20 -33.78 -17.66
N GLY E 17 2.22 -34.39 -17.00
CA GLY E 17 1.13 -33.62 -16.43
C GLY E 17 0.57 -34.16 -15.12
N SER E 18 1.23 -35.15 -14.52
CA SER E 18 0.78 -35.65 -13.24
C SER E 18 0.91 -34.60 -12.13
N TRP E 19 1.76 -33.60 -12.34
CA TRP E 19 1.81 -32.47 -11.40
C TRP E 19 0.52 -31.67 -11.44
N ARG E 20 -0.01 -31.43 -12.63
CA ARG E 20 -1.22 -30.61 -12.75
C ARG E 20 -2.42 -31.25 -12.07
N LEU E 21 -2.45 -32.58 -11.99
CA LEU E 21 -3.51 -33.26 -11.25
C LEU E 21 -3.35 -33.03 -9.76
N TYR E 22 -2.24 -33.50 -9.19
CA TYR E 22 -2.02 -33.38 -7.74
C TYR E 22 -2.04 -31.94 -7.28
N SER E 23 -1.62 -31.00 -8.14
CA SER E 23 -1.72 -29.59 -7.80
C SER E 23 -3.17 -29.14 -7.73
N ALA E 24 -3.96 -29.46 -8.76
CA ALA E 24 -5.37 -29.09 -8.77
C ALA E 24 -6.18 -29.97 -7.83
N ARG E 25 -5.72 -31.20 -7.56
CA ARG E 25 -6.40 -32.08 -6.61
C ARG E 25 -6.43 -31.50 -5.22
N LYS E 26 -5.57 -30.51 -4.92
CA LYS E 26 -5.47 -29.95 -3.59
C LYS E 26 -6.69 -29.14 -3.18
N ILE E 27 -7.64 -28.90 -4.09
CA ILE E 27 -8.87 -28.18 -3.76
C ILE E 27 -10.11 -29.03 -3.91
N ASP E 28 -9.97 -30.31 -4.28
CA ASP E 28 -11.12 -31.18 -4.44
C ASP E 28 -11.68 -31.58 -3.08
N GLU E 29 -13.00 -31.39 -2.90
CA GLU E 29 -13.63 -31.72 -1.63
C GLU E 29 -13.40 -33.17 -1.25
N ARG E 30 -13.41 -34.08 -2.23
CA ARG E 30 -13.19 -35.49 -1.95
C ARG E 30 -11.83 -35.72 -1.29
N PHE E 31 -10.76 -35.38 -2.00
CA PHE E 31 -9.41 -35.66 -1.51
C PHE E 31 -9.13 -34.96 -0.18
N LYS E 32 -9.45 -33.67 -0.09
CA LYS E 32 -9.07 -32.89 1.08
C LYS E 32 -9.84 -33.30 2.32
N SER E 33 -11.09 -33.75 2.18
CA SER E 33 -11.92 -34.08 3.33
C SER E 33 -11.30 -35.22 4.15
N TYR E 34 -11.34 -36.44 3.62
CA TYR E 34 -10.78 -37.59 4.32
C TYR E 34 -9.28 -37.75 4.07
N GLU E 35 -8.56 -36.65 3.82
CA GLU E 35 -7.10 -36.68 3.90
C GLU E 35 -6.61 -36.68 5.34
N GLN E 36 -7.41 -36.18 6.27
CA GLN E 36 -7.06 -36.25 7.68
C GLN E 36 -7.02 -37.70 8.17
N LYS E 37 -7.78 -38.57 7.51
CA LYS E 37 -7.69 -40.00 7.82
C LYS E 37 -6.35 -40.57 7.38
N ILE E 38 -5.79 -40.06 6.27
CA ILE E 38 -4.52 -40.57 5.77
C ILE E 38 -3.40 -40.23 6.74
N PHE E 39 -3.39 -39.01 7.26
CA PHE E 39 -2.34 -38.60 8.19
C PHE E 39 -2.42 -39.39 9.49
N GLN E 40 -3.61 -39.47 10.09
CA GLN E 40 -3.77 -40.22 11.33
C GLN E 40 -3.42 -41.67 11.13
N ARG E 41 -3.66 -42.19 9.94
CA ARG E 41 -3.32 -43.57 9.70
C ARG E 41 -1.81 -43.78 9.65
N ASP E 42 -1.15 -43.05 8.75
CA ASP E 42 0.30 -43.10 8.63
C ASP E 42 1.01 -42.50 9.82
N ARG E 43 0.27 -41.96 10.79
CA ARG E 43 0.84 -41.37 12.01
C ARG E 43 1.77 -40.20 11.68
N TYR E 44 1.37 -39.37 10.73
CA TYR E 44 2.10 -38.18 10.31
C TYR E 44 3.53 -38.50 9.89
N THR E 45 3.82 -39.76 9.57
CA THR E 45 5.16 -40.23 9.25
C THR E 45 5.28 -40.46 7.75
N CYS E 46 6.34 -39.93 7.15
CA CYS E 46 6.59 -40.17 5.74
C CYS E 46 6.78 -41.66 5.49
N GLN E 47 6.09 -42.17 4.47
CA GLN E 47 6.15 -43.59 4.11
C GLN E 47 7.33 -43.91 3.19
N PHE E 48 8.39 -43.09 3.22
CA PHE E 48 9.56 -43.35 2.40
C PHE E 48 10.82 -43.28 3.25
N CYS E 49 11.28 -42.06 3.54
CA CYS E 49 12.49 -41.90 4.35
C CYS E 49 12.19 -42.18 5.82
N GLY E 50 11.16 -41.55 6.37
CA GLY E 50 10.77 -41.82 7.74
C GLY E 50 10.62 -40.56 8.59
N PHE E 51 10.73 -39.39 7.97
CA PHE E 51 10.60 -38.15 8.71
C PHE E 51 9.18 -38.01 9.27
N GLN E 52 9.06 -37.29 10.39
CA GLN E 52 7.80 -37.16 11.09
C GLN E 52 7.66 -35.73 11.60
N ALA E 53 6.56 -35.08 11.23
CA ALA E 53 6.23 -33.75 11.71
C ALA E 53 4.74 -33.52 11.52
N ARG E 54 4.21 -32.54 12.25
CA ARG E 54 2.80 -32.20 12.18
C ARG E 54 2.51 -31.08 11.19
N LEU E 55 3.48 -30.71 10.36
CA LEU E 55 3.36 -29.56 9.47
C LEU E 55 4.01 -29.85 8.14
N TYR E 56 3.40 -29.32 7.07
CA TYR E 56 3.97 -29.35 5.72
C TYR E 56 4.12 -30.76 5.16
N GLN E 57 3.28 -31.70 5.59
CA GLN E 57 3.31 -33.03 5.01
C GLN E 57 2.49 -33.07 3.72
N ASP E 58 2.68 -34.13 2.95
CA ASP E 58 2.03 -34.26 1.64
C ASP E 58 1.47 -35.66 1.46
N ILE E 59 0.52 -35.77 0.54
CA ILE E 59 -0.11 -37.03 0.17
C ILE E 59 0.14 -37.26 -1.31
N VAL E 60 0.73 -38.40 -1.64
CA VAL E 60 1.07 -38.74 -3.02
C VAL E 60 0.52 -40.13 -3.34
N ASN E 61 0.21 -40.34 -4.61
CA ASN E 61 -0.28 -41.63 -5.09
C ASN E 61 0.88 -42.54 -5.45
N LEU E 62 0.75 -43.83 -5.14
CA LEU E 62 1.79 -44.79 -5.46
C LEU E 62 1.83 -45.09 -6.95
N ASP E 63 0.69 -45.50 -7.52
CA ASP E 63 0.63 -45.92 -8.92
C ASP E 63 0.81 -44.76 -9.90
N GLY E 64 1.17 -43.55 -9.48
CA GLY E 64 1.38 -42.45 -10.40
C GLY E 64 0.12 -41.87 -11.02
N ASP E 65 -1.02 -42.53 -10.88
CA ASP E 65 -2.29 -42.05 -11.43
C ASP E 65 -3.02 -41.30 -10.32
N TYR E 66 -3.06 -39.98 -10.42
CA TYR E 66 -3.67 -39.14 -9.39
C TYR E 66 -5.16 -38.94 -9.59
N THR E 67 -5.74 -39.54 -10.64
CA THR E 67 -7.20 -39.60 -10.74
C THR E 67 -7.78 -40.63 -9.80
N ASN E 68 -6.98 -41.62 -9.39
CA ASN E 68 -7.42 -42.68 -8.49
C ASN E 68 -7.03 -42.27 -7.07
N ASN E 69 -8.02 -41.81 -6.31
CA ASN E 69 -7.79 -41.32 -4.95
C ASN E 69 -8.40 -42.30 -3.95
N ARG E 70 -7.80 -43.49 -3.88
CA ARG E 70 -8.18 -44.51 -2.93
C ARG E 70 -7.17 -44.56 -1.79
N LEU E 71 -7.66 -44.80 -0.57
CA LEU E 71 -6.78 -44.85 0.59
C LEU E 71 -5.68 -45.89 0.43
N SER E 72 -5.94 -46.98 -0.28
CA SER E 72 -4.96 -48.03 -0.46
C SER E 72 -3.97 -47.69 -1.59
N ASN E 73 -3.66 -46.40 -1.75
CA ASN E 73 -2.65 -45.97 -2.70
C ASN E 73 -2.17 -44.56 -2.37
N LEU E 74 -2.77 -43.93 -1.36
CA LEU E 74 -2.35 -42.62 -0.89
C LEU E 74 -1.53 -42.78 0.40
N VAL E 75 -0.29 -42.30 0.37
CA VAL E 75 0.61 -42.44 1.51
C VAL E 75 1.16 -41.07 1.88
N THR E 76 1.53 -40.92 3.14
CA THR E 76 2.12 -39.68 3.63
C THR E 76 3.59 -39.59 3.21
N ALA E 77 3.99 -38.42 2.75
CA ALA E 77 5.37 -38.18 2.34
C ALA E 77 5.71 -36.72 2.58
N CYS E 78 6.93 -36.47 3.02
CA CYS E 78 7.39 -35.10 3.23
C CYS E 78 7.70 -34.43 1.89
N CYS E 79 7.79 -33.10 1.93
CA CYS E 79 8.08 -32.34 0.71
C CYS E 79 9.46 -32.64 0.15
N PHE E 80 10.35 -33.23 0.95
CA PHE E 80 11.63 -33.69 0.42
C PHE E 80 11.42 -34.86 -0.54
N CYS E 81 10.58 -35.82 -0.16
CA CYS E 81 10.31 -36.99 -0.99
C CYS E 81 9.17 -36.78 -1.97
N ALA E 82 8.24 -35.87 -1.66
CA ALA E 82 7.10 -35.65 -2.53
C ALA E 82 7.53 -35.05 -3.87
N GLN E 83 8.44 -34.08 -3.85
CA GLN E 83 8.90 -33.45 -5.09
C GLN E 83 9.71 -34.40 -5.96
N CYS E 84 10.13 -35.55 -5.43
CA CYS E 84 10.79 -36.56 -6.26
C CYS E 84 9.82 -37.23 -7.23
N PHE E 85 8.52 -37.02 -7.06
CA PHE E 85 7.51 -37.52 -8.00
C PHE E 85 7.20 -36.51 -9.10
N PHE E 86 7.70 -35.27 -8.99
CA PHE E 86 7.44 -34.23 -9.97
C PHE E 86 8.74 -33.47 -10.25
N VAL E 87 9.72 -34.19 -10.83
CA VAL E 87 11.04 -33.60 -11.06
C VAL E 87 10.96 -32.45 -12.05
N GLU E 88 10.04 -32.52 -13.02
CA GLU E 88 9.94 -31.48 -14.03
C GLU E 88 9.45 -30.15 -13.46
N SER E 89 8.88 -30.16 -12.25
CA SER E 89 8.33 -28.95 -11.65
C SER E 89 9.15 -28.40 -10.49
N VAL E 90 10.20 -29.11 -10.07
CA VAL E 90 11.00 -28.67 -8.94
C VAL E 90 11.73 -27.38 -9.31
N GLY E 91 11.49 -26.32 -8.56
CA GLY E 91 12.07 -25.03 -8.84
C GLY E 91 11.26 -24.16 -9.77
N VAL E 92 10.06 -24.59 -10.16
CA VAL E 92 9.20 -23.85 -11.08
C VAL E 92 7.96 -23.40 -10.33
N GLY E 93 7.67 -22.10 -10.38
CA GLY E 93 6.50 -21.57 -9.72
C GLY E 93 6.55 -21.61 -8.21
N GLY E 94 7.73 -21.73 -7.63
CA GLY E 94 7.87 -21.78 -6.19
C GLY E 94 7.61 -23.13 -5.55
N TYR E 95 7.46 -24.18 -6.34
CA TYR E 95 7.22 -25.53 -5.81
C TYR E 95 8.56 -26.20 -5.55
N GLY E 96 8.87 -26.41 -4.27
CA GLY E 96 10.07 -27.11 -3.88
C GLY E 96 11.33 -26.38 -4.32
N GLY E 97 12.35 -27.15 -4.59
CA GLY E 97 13.64 -26.62 -5.01
C GLY E 97 14.74 -27.60 -4.65
N GLY E 98 15.87 -27.45 -5.33
CA GLY E 98 17.02 -28.29 -5.08
C GLY E 98 17.87 -28.41 -6.34
N THR E 99 18.78 -29.37 -6.29
CA THR E 99 19.70 -29.62 -7.40
C THR E 99 20.00 -31.11 -7.45
N LEU E 100 20.26 -31.61 -8.66
CA LEU E 100 20.58 -33.01 -8.87
C LEU E 100 22.08 -33.23 -8.77
N ILE E 101 22.46 -34.34 -8.14
CA ILE E 101 23.86 -34.66 -7.86
C ILE E 101 24.11 -36.11 -8.24
N TYR E 102 25.36 -36.53 -8.09
CA TYR E 102 25.79 -37.90 -8.30
C TYR E 102 26.24 -38.46 -6.97
N LEU E 103 25.40 -39.32 -6.37
CA LEU E 103 25.69 -39.92 -5.06
C LEU E 103 25.18 -41.35 -5.05
N PRO E 104 25.95 -42.28 -5.62
CA PRO E 104 25.51 -43.68 -5.67
C PRO E 104 25.49 -44.35 -4.30
N GLU E 105 26.17 -43.78 -3.30
CA GLU E 105 26.31 -44.46 -2.02
C GLU E 105 25.04 -44.40 -1.18
N LEU E 106 24.15 -43.45 -1.45
CA LEU E 106 22.91 -43.29 -0.71
C LEU E 106 21.73 -43.33 -1.66
N THR E 107 20.70 -44.10 -1.31
CA THR E 107 19.45 -44.05 -2.06
C THR E 107 18.75 -42.72 -1.78
N GLN E 108 17.79 -42.40 -2.66
CA GLN E 108 17.04 -41.16 -2.48
C GLN E 108 16.29 -41.13 -1.16
N ALA E 109 15.82 -42.30 -0.70
CA ALA E 109 15.15 -42.37 0.59
C ALA E 109 16.11 -42.07 1.73
N GLU E 110 17.35 -42.57 1.64
CA GLU E 110 18.33 -42.32 2.69
C GLU E 110 18.93 -40.92 2.60
N LEU E 111 18.97 -40.34 1.40
CA LEU E 111 19.50 -38.98 1.26
C LEU E 111 18.56 -37.95 1.89
N ASN E 112 17.25 -38.15 1.74
CA ASN E 112 16.29 -37.21 2.31
C ASN E 112 16.32 -37.27 3.83
N SER E 113 16.27 -38.47 4.41
CA SER E 113 16.29 -38.60 5.86
C SER E 113 17.60 -38.10 6.46
N LEU E 114 18.68 -38.16 5.69
CA LEU E 114 19.93 -37.55 6.14
C LEU E 114 19.85 -36.03 6.11
N CYS E 115 19.18 -35.48 5.10
CA CYS E 115 19.08 -34.03 4.98
C CYS E 115 18.33 -33.43 6.17
N HIS E 116 17.30 -34.11 6.66
CA HIS E 116 16.51 -33.59 7.76
C HIS E 116 17.38 -33.37 9.00
N VAL E 117 18.21 -34.36 9.34
CA VAL E 117 19.10 -34.22 10.49
C VAL E 117 20.13 -33.13 10.23
N LEU E 118 20.57 -32.99 8.98
CA LEU E 118 21.53 -31.96 8.62
C LEU E 118 20.96 -30.57 8.86
N PHE E 119 19.83 -30.27 8.21
CA PHE E 119 19.25 -28.94 8.32
C PHE E 119 18.79 -28.64 9.75
N CYS E 120 18.35 -29.66 10.49
CA CYS E 120 17.94 -29.45 11.88
C CYS E 120 19.11 -28.95 12.72
N ALA E 121 20.31 -29.48 12.49
CA ALA E 121 21.49 -29.01 13.17
C ALA E 121 22.05 -27.73 12.55
N ILE E 122 21.68 -27.43 11.29
CA ILE E 122 22.12 -26.19 10.67
C ILE E 122 21.31 -25.01 11.21
N THR E 123 20.00 -25.20 11.39
CA THR E 123 19.18 -24.13 11.95
C THR E 123 19.45 -23.95 13.44
N ASN E 124 19.34 -25.04 14.21
CA ASN E 124 19.64 -25.03 15.64
C ASN E 124 21.07 -25.51 15.80
N ASP E 125 22.02 -24.56 15.77
CA ASP E 125 23.42 -24.90 15.93
C ASP E 125 23.67 -25.46 17.32
N THR E 126 23.74 -26.78 17.43
CA THR E 126 24.09 -27.46 18.67
C THR E 126 25.54 -27.94 18.67
N GLY E 127 26.36 -27.39 17.78
CA GLY E 127 27.75 -27.77 17.62
C GLY E 127 28.05 -28.47 16.30
N TYR E 128 27.09 -29.21 15.76
CA TYR E 128 27.27 -29.95 14.52
C TYR E 128 26.97 -29.13 13.28
N LYS E 129 26.59 -27.86 13.43
CA LYS E 129 26.29 -27.03 12.26
C LYS E 129 27.51 -26.83 11.39
N SER E 130 28.71 -26.80 11.99
CA SER E 130 29.93 -26.64 11.20
C SER E 130 30.13 -27.81 10.26
N SER E 131 30.01 -29.03 10.78
CA SER E 131 30.14 -30.22 9.93
C SER E 131 28.95 -30.35 8.98
N ALA E 132 27.74 -30.05 9.47
CA ALA E 132 26.54 -30.29 8.67
C ALA E 132 26.53 -29.42 7.42
N GLN E 133 27.03 -28.18 7.51
CA GLN E 133 27.05 -27.31 6.35
C GLN E 133 28.01 -27.82 5.28
N ASN E 134 29.19 -28.31 5.69
CA ASN E 134 30.15 -28.84 4.73
C ASN E 134 29.64 -30.12 4.07
N ILE E 135 28.93 -30.95 4.84
CA ILE E 135 28.34 -32.16 4.26
C ILE E 135 27.31 -31.80 3.20
N TYR E 136 26.49 -30.80 3.48
CA TYR E 136 25.52 -30.35 2.48
C TYR E 136 26.21 -29.76 1.26
N ARG E 137 27.28 -28.99 1.47
CA ARG E 137 27.99 -28.39 0.35
C ARG E 137 28.83 -29.41 -0.39
N SER E 138 29.29 -30.47 0.29
CA SER E 138 30.02 -31.53 -0.39
C SER E 138 29.15 -32.27 -1.39
N PHE E 139 27.86 -32.42 -1.09
CA PHE E 139 26.94 -33.05 -2.03
C PHE E 139 26.63 -32.11 -3.19
N LYS E 140 26.25 -30.87 -2.88
CA LYS E 140 25.84 -29.92 -3.91
C LYS E 140 26.95 -29.65 -4.93
N PHE E 141 28.21 -29.88 -4.55
CA PHE E 141 29.31 -29.73 -5.50
C PHE E 141 29.30 -30.81 -6.57
N ARG E 142 28.62 -31.93 -6.32
CA ARG E 142 28.53 -33.02 -7.29
C ARG E 142 27.56 -32.73 -8.43
N SER E 143 26.87 -31.58 -8.41
CA SER E 143 25.97 -31.23 -9.50
C SER E 143 26.72 -31.11 -10.82
N GLN E 144 28.01 -30.75 -10.76
CA GLN E 144 28.82 -30.68 -11.98
C GLN E 144 28.98 -32.05 -12.62
N ILE E 145 28.99 -33.12 -11.83
CA ILE E 145 29.13 -34.47 -12.37
C ILE E 145 27.94 -34.79 -13.28
N VAL E 146 26.74 -34.37 -12.87
CA VAL E 146 25.55 -34.60 -13.69
C VAL E 146 25.64 -33.85 -15.00
N GLU E 147 26.25 -32.66 -14.99
CA GLU E 147 26.32 -31.86 -16.20
C GLU E 147 27.39 -32.36 -17.16
N GLU E 148 28.54 -32.78 -16.63
CA GLU E 148 29.59 -33.37 -17.49
C GLU E 148 29.20 -34.73 -18.04
N LYS E 149 28.02 -35.24 -17.70
CA LYS E 149 27.53 -36.52 -18.21
C LYS E 149 26.20 -36.42 -18.94
N PHE E 150 25.40 -35.38 -18.67
CA PHE E 150 24.10 -35.23 -19.31
C PHE E 150 23.91 -33.93 -20.05
N GLY E 151 24.86 -33.01 -19.98
CA GLY E 151 24.80 -31.75 -20.71
C GLY E 151 24.70 -30.55 -19.77
N GLU E 152 24.77 -29.38 -20.39
CA GLU E 152 24.74 -28.13 -19.64
C GLU E 152 23.40 -27.93 -18.96
N GLY E 153 23.44 -27.41 -17.73
CA GLY E 153 22.24 -27.09 -16.99
C GLY E 153 21.43 -28.26 -16.50
N THR E 154 21.77 -29.49 -16.88
CA THR E 154 21.00 -30.65 -16.49
C THR E 154 21.07 -30.95 -15.00
N SER E 155 21.87 -30.19 -14.24
CA SER E 155 21.82 -30.31 -12.79
C SER E 155 20.58 -29.64 -12.23
N ASP E 156 20.05 -28.66 -12.93
CA ASP E 156 18.81 -28.00 -12.49
C ASP E 156 17.66 -28.98 -12.64
N PRO E 157 16.81 -29.15 -11.61
CA PRO E 157 15.74 -30.15 -11.70
C PRO E 157 14.73 -29.87 -12.80
N ALA E 158 14.53 -28.60 -13.16
CA ALA E 158 13.57 -28.27 -14.21
C ALA E 158 14.06 -28.75 -15.57
N ILE E 159 15.33 -28.48 -15.89
CA ILE E 159 15.87 -28.89 -17.18
C ILE E 159 15.91 -30.40 -17.30
N PHE E 160 16.51 -31.07 -16.31
CA PHE E 160 16.61 -32.52 -16.32
C PHE E 160 15.25 -33.18 -16.32
N GLY E 161 14.25 -32.54 -15.71
CA GLY E 161 12.91 -33.11 -15.70
C GLY E 161 12.35 -33.32 -17.10
N GLN E 162 12.66 -32.42 -18.03
CA GLN E 162 12.23 -32.57 -19.41
C GLN E 162 13.15 -33.48 -20.21
N LEU E 163 14.40 -33.64 -19.77
CA LEU E 163 15.29 -34.61 -20.40
C LEU E 163 14.73 -36.03 -20.24
N MET E 164 14.26 -36.35 -19.03
CA MET E 164 13.57 -37.62 -18.81
C MET E 164 12.31 -37.71 -19.65
N ILE E 165 11.64 -36.57 -19.88
CA ILE E 165 10.40 -36.57 -20.65
C ILE E 165 10.67 -36.91 -22.11
N ASP E 166 11.63 -36.22 -22.73
CA ASP E 166 11.96 -36.46 -24.12
C ASP E 166 12.57 -37.85 -24.35
N SER E 167 13.06 -38.49 -23.28
CA SER E 167 13.59 -39.85 -23.42
C SER E 167 12.49 -40.82 -23.82
N GLY E 168 11.29 -40.66 -23.27
CA GLY E 168 10.18 -41.53 -23.62
C GLY E 168 10.39 -42.96 -23.20
N VAL E 169 11.03 -43.19 -22.06
CA VAL E 169 11.32 -44.53 -21.58
C VAL E 169 10.17 -45.02 -20.72
N ASN E 170 9.62 -46.18 -21.05
CA ASN E 170 8.51 -46.76 -20.31
C ASN E 170 8.98 -47.55 -19.09
N SER E 171 9.85 -48.54 -19.32
CA SER E 171 10.24 -49.46 -18.27
C SER E 171 10.91 -48.74 -17.11
N GLU E 172 10.41 -48.99 -15.89
CA GLU E 172 10.99 -48.43 -14.68
C GLU E 172 12.36 -49.00 -14.36
N GLU E 173 12.84 -49.97 -15.15
CA GLU E 173 14.17 -50.53 -14.97
C GLU E 173 15.19 -49.99 -15.96
N ILE E 174 14.76 -49.64 -17.17
CA ILE E 174 15.69 -49.05 -18.14
C ILE E 174 16.05 -47.63 -17.74
N ARG E 175 15.05 -46.86 -17.28
CA ARG E 175 15.36 -45.56 -16.68
C ARG E 175 16.11 -45.72 -15.36
N GLU E 176 15.95 -46.85 -14.68
CA GLU E 176 16.73 -47.12 -13.48
C GLU E 176 18.20 -47.40 -13.78
N LYS E 177 18.50 -47.87 -15.00
CA LYS E 177 19.88 -48.00 -15.46
C LYS E 177 20.36 -46.81 -16.27
N LEU E 178 19.44 -46.00 -16.80
CA LEU E 178 19.82 -44.81 -17.53
C LEU E 178 20.29 -43.72 -16.57
N PHE E 179 19.39 -43.24 -15.71
CA PHE E 179 19.71 -42.26 -14.69
C PHE E 179 20.13 -42.89 -13.38
N LYS E 180 20.74 -44.08 -13.44
CA LYS E 180 21.23 -44.75 -12.24
C LYS E 180 22.19 -43.85 -11.48
N ASN E 181 22.06 -43.86 -10.15
CA ASN E 181 22.98 -43.17 -9.26
C ASN E 181 22.85 -41.65 -9.39
N ILE E 182 21.63 -41.17 -9.59
CA ILE E 182 21.33 -39.74 -9.62
C ILE E 182 20.30 -39.45 -8.55
N ARG E 183 20.57 -38.46 -7.71
CA ARG E 183 19.71 -38.12 -6.60
C ARG E 183 19.33 -36.64 -6.65
N LEU E 184 18.22 -36.32 -6.00
CA LEU E 184 17.71 -34.95 -5.93
C LEU E 184 17.99 -34.39 -4.55
N LEU E 185 18.97 -33.48 -4.46
CA LEU E 185 19.34 -32.87 -3.20
C LEU E 185 18.48 -31.63 -2.97
N PRO E 186 17.62 -31.61 -1.95
CA PRO E 186 16.81 -30.40 -1.71
C PRO E 186 17.66 -29.25 -1.21
N SER E 187 17.37 -28.06 -1.73
CA SER E 187 18.11 -26.87 -1.33
C SER E 187 17.52 -26.28 -0.06
N ARG E 188 18.39 -26.03 0.92
CA ARG E 188 17.94 -25.45 2.18
C ARG E 188 17.43 -24.03 2.02
N ALA E 189 17.86 -23.32 0.98
CA ALA E 189 17.40 -21.96 0.78
C ALA E 189 15.92 -21.91 0.43
N LYS E 190 15.41 -22.94 -0.24
CA LYS E 190 14.00 -22.97 -0.62
C LYS E 190 13.12 -23.36 0.55
N PHE E 191 13.49 -24.43 1.26
CA PHE E 191 12.70 -24.96 2.36
C PHE E 191 13.00 -24.28 3.70
N ARG E 192 13.60 -23.08 3.67
CA ARG E 192 13.96 -22.41 4.91
C ARG E 192 12.75 -22.17 5.80
N LYS E 193 11.56 -22.03 5.22
CA LYS E 193 10.36 -21.82 6.02
C LYS E 193 9.99 -23.07 6.79
N GLN E 194 9.99 -24.23 6.11
CA GLN E 194 9.60 -25.47 6.78
C GLN E 194 10.65 -25.93 7.78
N ILE E 195 11.93 -25.76 7.44
CA ILE E 195 13.01 -26.22 8.33
C ILE E 195 12.96 -25.48 9.66
N GLU E 196 12.91 -24.14 9.60
CA GLU E 196 12.82 -23.34 10.81
C GLU E 196 11.47 -23.51 11.52
N LYS E 197 10.51 -24.18 10.89
CA LYS E 197 9.23 -24.47 11.52
C LYS E 197 9.26 -25.82 12.22
N TRP E 198 9.79 -26.85 11.54
CA TRP E 198 9.92 -28.16 12.16
C TRP E 198 10.88 -28.11 13.35
N ALA E 199 11.91 -27.26 13.28
CA ALA E 199 12.91 -27.19 14.34
C ALA E 199 12.28 -26.79 15.66
N ALA E 200 11.63 -25.63 15.71
CA ALA E 200 10.96 -25.19 16.92
C ALA E 200 9.74 -26.06 17.24
N SER E 201 9.19 -26.75 16.24
CA SER E 201 8.07 -27.66 16.50
C SER E 201 8.44 -28.79 17.44
N ALA E 202 9.73 -29.12 17.52
CA ALA E 202 10.17 -30.13 18.48
C ALA E 202 9.87 -29.66 19.90
N LEU E 203 9.15 -30.50 20.65
CA LEU E 203 8.78 -30.16 22.02
C LEU E 203 8.69 -31.41 22.88
N ARG F 7 5.94 -10.16 40.51
CA ARG F 7 7.21 -9.68 41.04
C ARG F 7 7.18 -9.62 42.56
N CYS F 8 8.34 -9.80 43.19
CA CYS F 8 8.49 -9.69 44.63
C CYS F 8 9.46 -8.55 44.96
N GLU F 9 9.74 -8.39 46.24
CA GLU F 9 10.50 -7.25 46.75
C GLU F 9 11.85 -7.70 47.29
N LEU F 10 12.85 -6.84 47.09
CA LEU F 10 14.20 -7.08 47.58
C LEU F 10 14.61 -6.03 48.59
N LYS F 11 15.33 -6.47 49.63
CA LYS F 11 15.92 -5.58 50.62
C LYS F 11 17.15 -6.26 51.18
N LEU F 12 18.20 -5.48 51.41
CA LEU F 12 19.48 -6.03 51.84
C LEU F 12 19.37 -6.62 53.25
N ILE F 13 19.68 -7.91 53.37
CA ILE F 13 19.61 -8.62 54.65
C ILE F 13 21.03 -8.92 55.10
N ALA F 14 21.38 -8.42 56.29
CA ALA F 14 22.65 -8.73 56.93
C ALA F 14 22.36 -9.64 58.11
N SER F 15 22.70 -10.92 57.97
CA SER F 15 22.36 -11.94 58.94
C SER F 15 23.62 -12.52 59.60
N PRO F 16 23.52 -12.95 60.85
CA PRO F 16 24.70 -13.54 61.50
C PRO F 16 25.19 -14.82 60.83
N GLY F 17 24.27 -15.68 60.40
CA GLY F 17 24.69 -16.94 59.81
C GLY F 17 23.69 -17.58 58.86
N SER F 18 22.79 -16.77 58.28
CA SER F 18 21.84 -17.31 57.32
C SER F 18 22.51 -17.72 56.00
N TRP F 19 23.75 -17.28 55.75
CA TRP F 19 24.46 -17.76 54.58
C TRP F 19 24.96 -19.19 54.77
N ARG F 20 25.33 -19.55 56.00
CA ARG F 20 25.78 -20.91 56.27
C ARG F 20 24.67 -21.92 56.00
N LEU F 21 23.47 -21.64 56.49
CA LEU F 21 22.33 -22.51 56.21
C LEU F 21 21.99 -22.51 54.72
N TYR F 22 22.12 -21.35 54.07
CA TYR F 22 21.89 -21.27 52.64
C TYR F 22 22.92 -22.07 51.86
N SER F 23 24.21 -21.87 52.19
CA SER F 23 25.26 -22.59 51.49
C SER F 23 25.22 -24.09 51.77
N ALA F 24 24.67 -24.49 52.91
CA ALA F 24 24.60 -25.91 53.25
C ALA F 24 23.46 -26.61 52.49
N ARG F 25 22.29 -25.97 52.44
CA ARG F 25 21.15 -26.57 51.73
C ARG F 25 21.42 -26.71 50.25
N LYS F 26 22.42 -26.01 49.71
CA LYS F 26 22.73 -26.11 48.29
C LYS F 26 23.41 -27.43 47.95
N ILE F 27 24.23 -27.96 48.86
CA ILE F 27 24.95 -29.20 48.61
C ILE F 27 24.27 -30.36 49.31
N ASP F 28 22.94 -30.31 49.41
CA ASP F 28 22.15 -31.40 49.95
C ASP F 28 21.50 -32.16 48.79
N GLU F 29 21.84 -33.45 48.67
CA GLU F 29 21.29 -34.26 47.59
C GLU F 29 19.77 -34.32 47.64
N ARG F 30 19.20 -34.17 48.84
CA ARG F 30 17.75 -34.15 48.97
C ARG F 30 17.17 -32.80 48.53
N PHE F 31 17.75 -31.70 49.02
CA PHE F 31 17.28 -30.37 48.63
C PHE F 31 17.48 -30.10 47.15
N LYS F 32 18.15 -30.99 46.42
CA LYS F 32 18.32 -30.87 44.98
C LYS F 32 17.27 -31.65 44.19
N SER F 33 16.49 -32.51 44.86
CA SER F 33 15.48 -33.30 44.16
C SER F 33 14.34 -32.42 43.66
N TYR F 34 13.75 -31.63 44.54
CA TYR F 34 12.67 -30.73 44.16
C TYR F 34 13.14 -29.30 43.94
N GLU F 35 14.45 -29.05 44.07
CA GLU F 35 14.99 -27.72 43.76
C GLU F 35 14.69 -27.33 42.32
N GLN F 36 14.85 -28.27 41.39
CA GLN F 36 14.64 -28.01 39.98
C GLN F 36 13.17 -27.94 39.61
N LYS F 37 12.27 -28.34 40.51
CA LYS F 37 10.85 -28.07 40.32
C LYS F 37 10.49 -26.66 40.79
N ILE F 38 11.23 -26.13 41.77
CA ILE F 38 11.07 -24.73 42.15
C ILE F 38 11.42 -23.84 40.96
N PHE F 39 12.49 -24.18 40.24
CA PHE F 39 12.77 -23.53 38.97
C PHE F 39 11.61 -23.70 38.01
N GLN F 40 11.12 -24.93 37.86
CA GLN F 40 10.10 -25.22 36.87
C GLN F 40 8.77 -24.53 37.18
N ARG F 41 8.50 -24.27 38.46
CA ARG F 41 7.27 -23.57 38.81
C ARG F 41 7.31 -22.11 38.33
N ASP F 42 8.35 -21.38 38.73
CA ASP F 42 8.52 -20.00 38.30
C ASP F 42 9.07 -19.88 36.89
N ARG F 43 9.28 -21.01 36.20
CA ARG F 43 9.73 -21.03 34.80
C ARG F 43 11.09 -20.35 34.63
N TYR F 44 12.00 -20.61 35.57
CA TYR F 44 13.38 -20.12 35.53
C TYR F 44 13.45 -18.59 35.45
N THR F 45 12.41 -17.91 35.90
CA THR F 45 12.33 -16.46 35.85
C THR F 45 12.57 -15.89 37.24
N CYS F 46 13.46 -14.91 37.34
CA CYS F 46 13.72 -14.27 38.62
C CYS F 46 12.47 -13.57 39.13
N GLN F 47 12.08 -13.90 40.36
CA GLN F 47 10.89 -13.32 40.97
C GLN F 47 11.17 -12.00 41.67
N PHE F 48 12.33 -11.40 41.44
CA PHE F 48 12.68 -10.09 42.00
C PHE F 48 12.95 -9.05 40.94
N CYS F 49 13.59 -9.42 39.83
CA CYS F 49 13.89 -8.49 38.75
C CYS F 49 13.49 -9.01 37.38
N GLY F 50 12.85 -10.18 37.29
CA GLY F 50 12.37 -10.68 36.02
C GLY F 50 13.42 -11.25 35.10
N PHE F 51 14.65 -11.44 35.57
CA PHE F 51 15.69 -11.99 34.72
C PHE F 51 15.46 -13.47 34.47
N GLN F 52 15.60 -13.87 33.20
CA GLN F 52 15.34 -15.23 32.77
C GLN F 52 16.60 -15.85 32.19
N ALA F 53 16.95 -17.04 32.67
CA ALA F 53 18.11 -17.78 32.19
C ALA F 53 17.99 -19.22 32.67
N ARG F 54 18.62 -20.13 31.93
CA ARG F 54 18.62 -21.55 32.26
C ARG F 54 19.88 -21.99 32.98
N LEU F 55 20.66 -21.04 33.52
CA LEU F 55 21.91 -21.37 34.18
C LEU F 55 22.13 -20.41 35.34
N TYR F 56 22.91 -20.87 36.32
CA TYR F 56 23.35 -20.06 37.46
C TYR F 56 22.17 -19.36 38.14
N GLN F 57 21.18 -20.15 38.54
CA GLN F 57 20.02 -19.66 39.26
C GLN F 57 20.03 -20.22 40.67
N ASP F 58 19.68 -19.37 41.64
CA ASP F 58 19.69 -19.74 43.04
C ASP F 58 18.30 -19.60 43.65
N ILE F 59 18.12 -20.23 44.80
CA ILE F 59 16.86 -20.19 45.55
C ILE F 59 17.12 -19.56 46.91
N VAL F 60 16.23 -18.66 47.33
CA VAL F 60 16.33 -18.00 48.61
C VAL F 60 14.99 -18.16 49.34
N ASN F 61 14.94 -17.64 50.57
CA ASN F 61 13.73 -17.63 51.38
C ASN F 61 13.34 -16.19 51.65
N LEU F 62 12.08 -15.86 51.36
CA LEU F 62 11.60 -14.48 51.55
C LEU F 62 11.68 -14.07 53.01
N ASP F 63 11.20 -14.93 53.91
CA ASP F 63 11.22 -14.61 55.34
C ASP F 63 12.62 -14.69 55.94
N GLY F 64 13.59 -15.21 55.21
CA GLY F 64 14.93 -15.40 55.73
C GLY F 64 15.08 -16.54 56.71
N ASP F 65 13.98 -17.12 57.18
CA ASP F 65 14.02 -18.26 58.10
C ASP F 65 14.23 -19.52 57.28
N TYR F 66 15.50 -19.89 57.08
CA TYR F 66 15.83 -21.04 56.26
C TYR F 66 15.47 -22.37 56.92
N THR F 67 15.17 -22.37 58.23
CA THR F 67 14.65 -23.57 58.86
C THR F 67 13.27 -23.94 58.32
N ASN F 68 12.57 -22.97 57.73
CA ASN F 68 11.27 -23.22 57.07
C ASN F 68 11.54 -23.41 55.59
N ASN F 69 11.33 -24.64 55.10
CA ASN F 69 11.64 -25.00 53.72
C ASN F 69 10.41 -25.39 52.93
N ARG F 70 9.25 -24.83 53.26
CA ARG F 70 8.04 -25.12 52.51
C ARG F 70 8.10 -24.44 51.15
N LEU F 71 7.41 -25.03 50.17
CA LEU F 71 7.54 -24.59 48.79
C LEU F 71 6.94 -23.20 48.56
N SER F 72 5.95 -22.82 49.36
CA SER F 72 5.30 -21.53 49.21
C SER F 72 6.22 -20.39 49.63
N ASN F 73 7.43 -20.73 50.09
CA ASN F 73 8.38 -19.74 50.56
C ASN F 73 9.64 -19.64 49.70
N LEU F 74 9.93 -20.65 48.89
CA LEU F 74 11.15 -20.68 48.09
C LEU F 74 10.88 -20.06 46.71
N VAL F 75 11.67 -19.04 46.37
CA VAL F 75 11.50 -18.33 45.11
C VAL F 75 12.77 -18.47 44.27
N THR F 76 12.60 -18.32 42.97
CA THR F 76 13.70 -18.42 42.02
C THR F 76 14.27 -17.04 41.74
N ALA F 77 15.56 -16.87 41.96
CA ALA F 77 16.22 -15.58 41.77
C ALA F 77 17.60 -15.80 41.16
N CYS F 78 18.14 -14.74 40.59
CA CYS F 78 19.48 -14.77 40.01
C CYS F 78 20.53 -14.44 41.07
N CYS F 79 21.80 -14.71 40.73
CA CYS F 79 22.88 -14.47 41.68
C CYS F 79 23.04 -12.98 41.98
N PHE F 80 22.69 -12.12 41.03
CA PHE F 80 22.69 -10.68 41.29
C PHE F 80 21.79 -10.33 42.46
N CYS F 81 20.63 -10.98 42.54
CA CYS F 81 19.65 -10.70 43.58
C CYS F 81 19.79 -11.60 44.80
N ALA F 82 20.48 -12.74 44.66
CA ALA F 82 20.62 -13.67 45.78
C ALA F 82 21.54 -13.10 46.85
N GLN F 83 22.65 -12.47 46.44
CA GLN F 83 23.58 -11.87 47.39
C GLN F 83 22.92 -10.80 48.24
N CYS F 84 21.80 -10.23 47.78
CA CYS F 84 21.11 -9.18 48.52
C CYS F 84 20.52 -9.68 49.84
N PHE F 85 20.49 -11.00 50.06
CA PHE F 85 20.06 -11.54 51.34
C PHE F 85 21.23 -11.88 52.25
N PHE F 86 22.48 -11.83 51.75
CA PHE F 86 23.67 -12.14 52.53
C PHE F 86 24.73 -11.08 52.23
N VAL F 87 24.46 -9.84 52.67
CA VAL F 87 25.39 -8.74 52.43
C VAL F 87 26.73 -9.02 53.11
N GLU F 88 26.68 -9.60 54.32
CA GLU F 88 27.90 -9.89 55.06
C GLU F 88 28.76 -10.95 54.39
N SER F 89 28.18 -11.78 53.54
CA SER F 89 28.90 -12.86 52.87
C SER F 89 29.23 -12.55 51.42
N VAL F 90 28.97 -11.32 50.97
CA VAL F 90 29.37 -10.93 49.62
C VAL F 90 30.89 -10.75 49.60
N GLY F 91 31.57 -11.56 48.81
CA GLY F 91 33.01 -11.55 48.75
C GLY F 91 33.70 -12.45 49.76
N VAL F 92 33.02 -12.79 50.85
CA VAL F 92 33.57 -13.70 51.86
C VAL F 92 33.47 -15.12 51.33
N GLY F 93 34.61 -15.81 51.31
CA GLY F 93 34.64 -17.16 50.79
C GLY F 93 34.39 -17.25 49.30
N GLY F 94 34.68 -16.18 48.56
CA GLY F 94 34.48 -16.19 47.12
C GLY F 94 33.02 -16.27 46.70
N TYR F 95 32.14 -15.56 47.39
CA TYR F 95 30.71 -15.57 47.09
C TYR F 95 30.36 -14.22 46.45
N GLY F 96 30.50 -14.17 45.13
CA GLY F 96 30.16 -12.97 44.38
C GLY F 96 31.03 -11.78 44.77
N GLY F 97 30.51 -10.60 44.46
CA GLY F 97 31.22 -9.37 44.77
C GLY F 97 30.39 -8.18 44.38
N GLY F 98 30.71 -7.05 45.00
CA GLY F 98 30.00 -5.81 44.74
C GLY F 98 30.45 -4.73 45.68
N THR F 99 29.81 -3.57 45.52
CA THR F 99 30.10 -2.41 46.36
C THR F 99 28.82 -1.62 46.56
N LEU F 100 28.59 -1.19 47.80
CA LEU F 100 27.38 -0.45 48.13
C LEU F 100 27.49 1.00 47.67
N ILE F 101 26.38 1.54 47.18
CA ILE F 101 26.31 2.88 46.62
C ILE F 101 25.08 3.58 47.18
N TYR F 102 24.90 4.84 46.77
CA TYR F 102 23.76 5.65 47.17
C TYR F 102 22.97 5.98 45.91
N LEU F 103 21.82 5.32 45.74
CA LEU F 103 21.00 5.46 44.53
C LEU F 103 19.54 5.52 44.94
N PRO F 104 19.11 6.66 45.50
CA PRO F 104 17.75 6.72 46.08
C PRO F 104 16.62 6.52 45.10
N GLU F 105 16.83 6.73 43.80
CA GLU F 105 15.75 6.67 42.83
C GLU F 105 15.74 5.39 42.01
N LEU F 106 16.46 4.36 42.46
CA LEU F 106 16.46 3.06 41.79
C LEU F 106 16.54 1.97 42.85
N THR F 107 15.53 1.11 42.91
CA THR F 107 15.51 0.04 43.89
C THR F 107 16.54 -1.02 43.55
N GLN F 108 16.76 -1.95 44.50
CA GLN F 108 17.65 -3.06 44.23
C GLN F 108 17.10 -3.97 43.13
N ALA F 109 15.78 -4.11 43.06
CA ALA F 109 15.17 -4.82 41.94
C ALA F 109 15.40 -4.10 40.62
N GLU F 110 15.63 -2.78 40.66
CA GLU F 110 15.91 -2.02 39.45
C GLU F 110 17.37 -2.18 39.03
N LEU F 111 18.30 -1.92 39.96
CA LEU F 111 19.72 -1.91 39.60
C LEU F 111 20.20 -3.28 39.15
N ASN F 112 19.70 -4.35 39.77
CA ASN F 112 20.13 -5.68 39.41
C ASN F 112 19.73 -6.04 37.97
N SER F 113 18.46 -5.82 37.63
CA SER F 113 18.02 -6.05 36.26
C SER F 113 18.69 -5.09 35.29
N LEU F 114 19.12 -3.91 35.78
CA LEU F 114 19.79 -2.96 34.92
C LEU F 114 21.17 -3.45 34.52
N CYS F 115 21.93 -3.98 35.47
CA CYS F 115 23.29 -4.43 35.19
C CYS F 115 23.31 -5.64 34.27
N HIS F 116 22.25 -6.44 34.27
CA HIS F 116 22.16 -7.55 33.33
C HIS F 116 22.21 -7.05 31.89
N VAL F 117 21.56 -5.92 31.62
CA VAL F 117 21.61 -5.35 30.28
C VAL F 117 22.90 -4.55 30.08
N LEU F 118 23.42 -3.93 31.14
CA LEU F 118 24.69 -3.23 31.03
C LEU F 118 25.82 -4.19 30.70
N PHE F 119 25.95 -5.26 31.49
CA PHE F 119 27.01 -6.23 31.26
C PHE F 119 26.80 -7.04 29.98
N CYS F 120 25.56 -7.11 29.48
CA CYS F 120 25.31 -7.76 28.20
C CYS F 120 25.97 -7.00 27.06
N ALA F 121 25.73 -5.69 26.98
CA ALA F 121 26.35 -4.88 25.94
C ALA F 121 27.82 -4.64 26.16
N ILE F 122 28.38 -5.06 27.29
CA ILE F 122 29.82 -4.97 27.53
C ILE F 122 30.54 -6.20 26.98
N THR F 123 30.09 -7.39 27.35
CA THR F 123 30.70 -8.61 26.83
C THR F 123 30.48 -8.74 25.34
N ASN F 124 29.23 -8.55 24.88
CA ASN F 124 28.90 -8.56 23.46
C ASN F 124 29.00 -7.14 22.95
N ASP F 125 30.22 -6.75 22.56
CA ASP F 125 30.49 -5.39 22.10
C ASP F 125 29.72 -5.08 20.83
N THR F 126 28.62 -4.33 20.97
CA THR F 126 27.79 -3.93 19.85
C THR F 126 27.80 -2.42 19.67
N GLY F 127 28.92 -1.78 19.99
CA GLY F 127 29.00 -0.33 19.91
C GLY F 127 28.54 0.34 21.18
N TYR F 128 27.57 -0.28 21.86
CA TYR F 128 27.06 0.24 23.13
C TYR F 128 28.00 -0.03 24.31
N LYS F 129 29.11 -0.74 24.08
CA LYS F 129 30.02 -1.05 25.18
C LYS F 129 30.52 0.20 25.88
N SER F 130 30.74 1.28 25.12
CA SER F 130 31.17 2.53 25.72
C SER F 130 30.10 3.08 26.66
N SER F 131 28.85 3.09 26.21
CA SER F 131 27.77 3.67 27.02
C SER F 131 27.59 2.90 28.32
N ALA F 132 27.51 1.57 28.25
CA ALA F 132 27.28 0.78 29.45
C ALA F 132 28.44 0.87 30.42
N GLN F 133 29.67 1.03 29.91
CA GLN F 133 30.82 1.15 30.80
C GLN F 133 30.80 2.47 31.55
N ASN F 134 30.41 3.56 30.89
CA ASN F 134 30.36 4.85 31.56
C ASN F 134 29.27 4.91 32.62
N ILE F 135 28.22 4.11 32.46
CA ILE F 135 27.14 4.09 33.43
C ILE F 135 27.53 3.29 34.66
N TYR F 136 28.13 2.11 34.45
CA TYR F 136 28.58 1.28 35.57
C TYR F 136 29.67 1.98 36.37
N ARG F 137 30.52 2.76 35.70
CA ARG F 137 31.52 3.55 36.41
C ARG F 137 30.90 4.76 37.11
N SER F 138 29.69 5.17 36.69
CA SER F 138 29.01 6.28 37.36
C SER F 138 28.41 5.84 38.68
N PHE F 139 27.78 4.66 38.71
CA PHE F 139 27.19 4.16 39.96
C PHE F 139 28.28 3.75 40.94
N LYS F 140 29.27 2.97 40.47
CA LYS F 140 30.37 2.52 41.32
C LYS F 140 31.12 3.68 41.96
N PHE F 141 30.97 4.89 41.43
CA PHE F 141 31.58 6.06 42.04
C PHE F 141 30.84 6.50 43.30
N ARG F 142 29.54 6.18 43.39
CA ARG F 142 28.75 6.53 44.57
C ARG F 142 29.18 5.76 45.81
N SER F 143 30.14 4.83 45.68
CA SER F 143 30.68 4.12 46.84
C SER F 143 31.26 5.07 47.88
N GLN F 144 31.67 6.28 47.47
CA GLN F 144 32.15 7.26 48.43
C GLN F 144 31.03 7.76 49.33
N ILE F 145 29.86 8.03 48.75
CA ILE F 145 28.75 8.63 49.50
C ILE F 145 28.40 7.78 50.71
N VAL F 146 28.47 6.45 50.56
CA VAL F 146 28.21 5.56 51.69
C VAL F 146 29.25 5.77 52.80
N GLU F 147 30.51 5.96 52.41
CA GLU F 147 31.58 6.11 53.38
C GLU F 147 31.58 7.48 54.06
N GLU F 148 30.99 8.49 53.43
CA GLU F 148 30.82 9.78 54.10
C GLU F 148 29.72 9.71 55.17
N LYS F 149 28.86 8.70 55.11
CA LYS F 149 27.75 8.57 56.04
C LYS F 149 28.00 7.53 57.13
N PHE F 150 28.90 6.58 56.90
CA PHE F 150 29.16 5.52 57.85
C PHE F 150 30.62 5.39 58.27
N GLY F 151 31.56 5.86 57.47
CA GLY F 151 32.98 5.71 57.76
C GLY F 151 33.72 5.01 56.64
N GLU F 152 35.05 4.97 56.80
CA GLU F 152 35.90 4.38 55.78
C GLU F 152 35.80 2.86 55.79
N GLY F 153 35.80 2.28 54.60
CA GLY F 153 35.68 0.85 54.43
C GLY F 153 34.25 0.35 54.30
N THR F 154 33.27 1.12 54.75
CA THR F 154 31.87 0.70 54.72
C THR F 154 31.33 0.54 53.31
N SER F 155 32.05 1.01 52.29
CA SER F 155 31.64 0.74 50.91
C SER F 155 31.67 -0.75 50.61
N ASP F 156 32.54 -1.49 51.28
CA ASP F 156 32.59 -2.93 51.09
C ASP F 156 31.35 -3.59 51.69
N PRO F 157 30.77 -4.58 51.02
CA PRO F 157 29.57 -5.22 51.58
C PRO F 157 29.84 -6.01 52.85
N ALA F 158 30.90 -6.81 52.87
CA ALA F 158 31.20 -7.63 54.04
C ALA F 158 31.47 -6.78 55.27
N ILE F 159 32.02 -5.58 55.08
CA ILE F 159 32.21 -4.66 56.20
C ILE F 159 30.87 -4.09 56.64
N PHE F 160 30.05 -3.66 55.67
CA PHE F 160 28.76 -3.07 56.01
C PHE F 160 27.81 -4.10 56.61
N GLY F 161 27.81 -5.33 56.09
CA GLY F 161 27.03 -6.38 56.70
C GLY F 161 27.35 -6.58 58.16
N GLN F 162 28.64 -6.49 58.51
CA GLN F 162 29.03 -6.50 59.91
C GLN F 162 28.55 -5.23 60.62
N LEU F 163 28.72 -4.07 59.98
CA LEU F 163 28.20 -2.83 60.54
C LEU F 163 26.70 -2.91 60.77
N MET F 164 25.98 -3.51 59.80
CA MET F 164 24.54 -3.65 59.94
C MET F 164 24.17 -4.47 61.17
N ILE F 165 24.94 -5.52 61.45
CA ILE F 165 24.68 -6.33 62.63
C ILE F 165 25.19 -5.64 63.89
N ASP F 166 26.36 -5.00 63.81
CA ASP F 166 26.93 -4.33 64.97
C ASP F 166 26.10 -3.11 65.39
N SER F 167 25.33 -2.53 64.47
CA SER F 167 24.42 -1.46 64.87
C SER F 167 23.35 -1.98 65.82
N GLY F 168 22.88 -3.20 65.59
CA GLY F 168 21.94 -3.84 66.49
C GLY F 168 20.53 -3.29 66.42
N VAL F 169 19.81 -3.59 65.35
CA VAL F 169 18.43 -3.14 65.18
C VAL F 169 17.65 -4.25 64.50
N ASN F 170 16.68 -4.84 65.21
CA ASN F 170 15.93 -5.95 64.66
C ASN F 170 14.74 -5.51 63.81
N SER F 171 14.06 -4.43 64.21
CA SER F 171 12.86 -3.98 63.52
C SER F 171 13.18 -3.56 62.09
N GLU F 172 12.64 -4.32 61.12
CA GLU F 172 12.91 -4.04 59.71
C GLU F 172 12.35 -2.69 59.28
N GLU F 173 11.38 -2.15 60.01
CA GLU F 173 10.86 -0.82 59.67
C GLU F 173 11.91 0.25 59.95
N ILE F 174 12.58 0.17 61.10
CA ILE F 174 13.68 1.10 61.39
C ILE F 174 14.91 0.74 60.57
N ARG F 175 15.09 -0.54 60.25
CA ARG F 175 16.22 -0.94 59.41
C ARG F 175 16.16 -0.29 58.03
N GLU F 176 14.96 -0.25 57.43
CA GLU F 176 14.81 0.38 56.12
C GLU F 176 14.99 1.89 56.21
N LYS F 177 14.67 2.49 57.35
CA LYS F 177 14.86 3.93 57.51
C LYS F 177 16.34 4.26 57.69
N LEU F 178 17.06 3.45 58.44
CA LEU F 178 18.50 3.61 58.61
C LEU F 178 19.22 3.49 57.28
N PHE F 179 19.18 2.30 56.69
CA PHE F 179 19.86 2.00 55.44
C PHE F 179 19.07 2.47 54.22
N LYS F 180 18.37 3.60 54.35
CA LYS F 180 17.52 4.08 53.28
C LYS F 180 18.37 4.51 52.08
N ASN F 181 17.90 4.15 50.88
CA ASN F 181 18.49 4.62 49.64
C ASN F 181 19.91 4.11 49.46
N ILE F 182 20.14 2.83 49.74
CA ILE F 182 21.43 2.18 49.57
C ILE F 182 21.24 0.91 48.77
N ARG F 183 21.98 0.77 47.68
CA ARG F 183 21.94 -0.42 46.83
C ARG F 183 23.29 -1.12 46.86
N LEU F 184 23.30 -2.33 46.32
CA LEU F 184 24.51 -3.15 46.20
C LEU F 184 24.80 -3.35 44.71
N LEU F 185 25.70 -2.54 44.18
CA LEU F 185 26.09 -2.67 42.77
C LEU F 185 26.95 -3.90 42.58
N PRO F 186 26.48 -4.92 41.85
CA PRO F 186 27.28 -6.14 41.69
C PRO F 186 28.51 -5.89 40.84
N SER F 187 29.52 -6.73 41.05
CA SER F 187 30.79 -6.57 40.38
C SER F 187 30.78 -7.23 39.00
N ARG F 188 31.40 -6.55 38.03
CA ARG F 188 31.51 -7.12 36.69
C ARG F 188 32.48 -8.30 36.65
N ALA F 189 33.57 -8.21 37.42
CA ALA F 189 34.61 -9.23 37.37
C ALA F 189 34.26 -10.44 38.24
N LYS F 190 33.69 -10.21 39.43
CA LYS F 190 33.37 -11.31 40.32
C LYS F 190 32.32 -12.25 39.73
N PHE F 191 31.49 -11.76 38.80
CA PHE F 191 30.51 -12.58 38.11
C PHE F 191 30.85 -12.78 36.63
N ARG F 192 32.13 -12.62 36.26
CA ARG F 192 32.49 -12.67 34.85
C ARG F 192 32.26 -14.05 34.24
N LYS F 193 32.44 -15.12 35.04
CA LYS F 193 32.20 -16.46 34.52
C LYS F 193 30.72 -16.67 34.21
N GLN F 194 29.83 -15.93 34.88
CA GLN F 194 28.40 -16.03 34.66
C GLN F 194 27.93 -15.12 33.53
N ILE F 195 28.46 -13.89 33.47
CA ILE F 195 28.05 -12.95 32.44
C ILE F 195 28.40 -13.47 31.06
N GLU F 196 29.64 -13.96 30.90
CA GLU F 196 30.06 -14.52 29.62
C GLU F 196 29.32 -15.80 29.26
N LYS F 197 28.65 -16.42 30.23
CA LYS F 197 27.86 -17.62 29.98
C LYS F 197 26.47 -17.30 29.48
N TRP F 198 25.83 -16.26 30.03
CA TRP F 198 24.51 -15.86 29.55
C TRP F 198 24.59 -15.27 28.14
N ALA F 199 25.68 -14.60 27.82
CA ALA F 199 25.84 -14.05 26.47
C ALA F 199 25.84 -15.16 25.43
N ALA F 200 26.54 -16.26 25.70
CA ALA F 200 26.57 -17.40 24.80
C ALA F 200 25.26 -18.18 24.88
N ARG G 7 34.11 14.63 26.57
CA ARG G 7 32.70 14.97 26.62
C ARG G 7 32.48 16.45 26.95
N CYS G 8 31.23 16.89 26.85
CA CYS G 8 30.85 18.26 27.15
C CYS G 8 29.65 18.25 28.10
N GLU G 9 29.28 19.45 28.55
CA GLU G 9 28.23 19.61 29.55
C GLU G 9 26.87 19.69 28.86
N LEU G 10 25.96 18.81 29.29
CA LEU G 10 24.60 18.78 28.75
C LEU G 10 23.67 19.47 29.75
N LYS G 11 23.08 20.59 29.33
CA LYS G 11 22.17 21.36 30.16
C LYS G 11 20.89 21.58 29.38
N LEU G 12 19.75 21.37 30.05
CA LEU G 12 18.46 21.63 29.41
C LEU G 12 18.28 23.13 29.19
N ILE G 13 17.92 23.50 27.97
CA ILE G 13 17.78 24.90 27.59
C ILE G 13 16.42 25.11 26.95
N ALA G 14 15.73 26.18 27.34
CA ALA G 14 14.44 26.58 26.78
C ALA G 14 14.58 28.02 26.33
N SER G 15 14.99 28.21 25.07
CA SER G 15 15.25 29.49 24.42
C SER G 15 14.04 29.93 23.60
N PRO G 16 13.85 31.25 23.42
CA PRO G 16 12.64 31.74 22.74
C PRO G 16 12.47 31.21 21.33
N GLY G 17 13.22 31.76 20.37
CA GLY G 17 13.09 31.35 18.99
C GLY G 17 14.34 30.70 18.43
N SER G 18 15.19 30.18 19.31
CA SER G 18 16.44 29.58 18.84
C SER G 18 16.20 28.28 18.09
N TRP G 19 15.09 27.59 18.37
CA TRP G 19 14.79 26.37 17.63
C TRP G 19 14.46 26.69 16.18
N ARG G 20 13.70 27.76 15.95
CA ARG G 20 13.36 28.15 14.58
C ARG G 20 14.61 28.45 13.77
N LEU G 21 15.63 29.03 14.40
CA LEU G 21 16.90 29.28 13.72
C LEU G 21 17.57 27.98 13.34
N TYR G 22 17.74 27.08 14.32
CA TYR G 22 18.40 25.80 14.05
C TYR G 22 17.58 24.91 13.15
N SER G 23 16.24 24.97 13.26
CA SER G 23 15.40 24.16 12.38
C SER G 23 15.50 24.63 10.93
N ALA G 24 15.58 25.94 10.72
CA ALA G 24 15.77 26.47 9.38
C ALA G 24 17.23 26.45 8.92
N ARG G 25 18.16 26.18 9.83
CA ARG G 25 19.57 26.11 9.46
C ARG G 25 19.94 24.74 8.89
N LYS G 26 19.29 23.68 9.37
CA LYS G 26 19.64 22.32 8.95
C LYS G 26 19.28 22.05 7.49
N ILE G 27 18.29 22.74 6.93
CA ILE G 27 17.90 22.57 5.53
C ILE G 27 18.60 23.55 4.60
N ASP G 28 19.57 24.31 5.10
CA ASP G 28 20.30 25.27 4.29
C ASP G 28 21.34 24.56 3.44
N GLU G 29 21.31 24.80 2.13
CA GLU G 29 22.26 24.12 1.23
C GLU G 29 23.70 24.51 1.52
N ARG G 30 23.93 25.75 1.95
CA ARG G 30 25.27 26.17 2.33
C ARG G 30 25.78 25.41 3.54
N PHE G 31 24.97 25.39 4.61
CA PHE G 31 25.41 24.75 5.85
C PHE G 31 25.60 23.25 5.67
N LYS G 32 24.88 22.63 4.73
CA LYS G 32 25.06 21.21 4.48
C LYS G 32 26.43 20.89 3.91
N SER G 33 27.05 21.85 3.22
CA SER G 33 28.31 21.58 2.52
C SER G 33 29.39 21.13 3.48
N TYR G 34 29.59 21.86 4.56
CA TYR G 34 30.57 21.49 5.58
C TYR G 34 29.93 20.82 6.78
N GLU G 35 28.67 20.37 6.66
CA GLU G 35 28.06 19.59 7.73
C GLU G 35 28.79 18.26 7.91
N GLN G 36 29.20 17.65 6.81
CA GLN G 36 30.00 16.42 6.88
C GLN G 36 31.34 16.67 7.58
N LYS G 37 31.89 17.88 7.42
CA LYS G 37 33.18 18.20 8.04
C LYS G 37 33.10 18.10 9.56
N ILE G 38 31.97 18.49 10.14
CA ILE G 38 31.83 18.45 11.58
C ILE G 38 31.67 17.02 12.08
N PHE G 39 30.98 16.17 11.30
CA PHE G 39 30.85 14.76 11.68
C PHE G 39 32.22 14.08 11.70
N GLN G 40 33.03 14.34 10.67
CA GLN G 40 34.35 13.70 10.60
C GLN G 40 35.29 14.23 11.68
N ARG G 41 35.13 15.50 12.07
CA ARG G 41 35.91 16.04 13.18
C ARG G 41 35.62 15.28 14.47
N ASP G 42 34.35 15.21 14.85
CA ASP G 42 33.93 14.45 16.02
C ASP G 42 33.91 12.95 15.77
N ARG G 43 34.21 12.51 14.54
CA ARG G 43 34.20 11.09 14.16
C ARG G 43 32.81 10.49 14.30
N TYR G 44 31.81 11.22 13.79
CA TYR G 44 30.41 10.79 13.80
C TYR G 44 29.97 10.38 15.21
N THR G 45 30.51 11.05 16.22
CA THR G 45 30.28 10.69 17.61
C THR G 45 29.64 11.85 18.37
N CYS G 46 28.68 11.53 19.21
CA CYS G 46 28.09 12.53 20.08
C CYS G 46 29.12 13.04 21.08
N GLN G 47 28.97 14.30 21.46
CA GLN G 47 29.88 14.94 22.41
C GLN G 47 29.28 15.09 23.79
N PHE G 48 28.13 14.47 24.05
CA PHE G 48 27.48 14.53 25.35
C PHE G 48 27.36 13.15 25.99
N CYS G 49 26.83 12.16 25.27
CA CYS G 49 26.68 10.81 25.78
C CYS G 49 27.54 9.81 25.03
N GLY G 50 28.39 10.26 24.10
CA GLY G 50 29.28 9.38 23.40
C GLY G 50 28.64 8.45 22.39
N PHE G 51 27.37 8.66 22.06
CA PHE G 51 26.70 7.81 21.09
C PHE G 51 27.33 7.98 19.71
N GLN G 52 27.40 6.88 18.96
CA GLN G 52 28.03 6.87 17.64
C GLN G 52 27.09 6.22 16.64
N ALA G 53 26.95 6.85 15.48
CA ALA G 53 26.14 6.33 14.38
C ALA G 53 26.47 7.12 13.13
N ARG G 54 26.19 6.51 11.98
CA ARG G 54 26.38 7.17 10.70
C ARG G 54 25.13 7.87 10.21
N LEU G 55 23.98 7.58 10.79
CA LEU G 55 22.71 8.13 10.35
C LEU G 55 21.99 8.78 11.53
N TYR G 56 21.30 9.88 11.25
CA TYR G 56 20.50 10.61 12.22
C TYR G 56 21.36 11.18 13.35
N GLN G 57 22.26 12.10 13.02
CA GLN G 57 23.03 12.87 13.99
C GLN G 57 22.89 14.35 13.65
N ASP G 58 22.74 15.18 14.69
CA ASP G 58 22.50 16.61 14.50
C ASP G 58 23.77 17.41 14.78
N ILE G 59 23.71 18.69 14.41
CA ILE G 59 24.79 19.64 14.67
C ILE G 59 24.18 20.79 15.44
N VAL G 60 24.45 20.85 16.74
CA VAL G 60 23.91 21.88 17.61
C VAL G 60 25.02 22.84 18.01
N ASN G 61 24.61 24.05 18.41
CA ASN G 61 25.54 25.06 18.90
C ASN G 61 25.64 24.97 20.41
N LEU G 62 26.88 24.87 20.92
CA LEU G 62 27.08 24.70 22.36
C LEU G 62 26.53 25.89 23.13
N ASP G 63 26.74 27.11 22.63
CA ASP G 63 26.34 28.31 23.35
C ASP G 63 24.85 28.58 23.28
N GLY G 64 24.09 27.82 22.49
CA GLY G 64 22.68 28.09 22.31
C GLY G 64 22.37 29.32 21.47
N ASP G 65 23.38 30.09 21.08
CA ASP G 65 23.21 31.25 20.21
C ASP G 65 23.48 30.81 18.78
N TYR G 66 22.44 30.73 17.97
CA TYR G 66 22.54 30.20 16.63
C TYR G 66 22.81 31.29 15.59
N THR G 67 23.38 32.42 16.01
CA THR G 67 24.02 33.37 15.12
C THR G 67 25.53 33.27 15.16
N ASN G 68 26.08 32.45 16.06
CA ASN G 68 27.50 32.19 16.14
C ASN G 68 27.77 30.82 15.52
N ASN G 69 28.62 30.78 14.49
CA ASN G 69 28.79 29.56 13.70
C ASN G 69 30.26 29.16 13.55
N ARG G 70 31.14 29.68 14.39
CA ARG G 70 32.53 29.22 14.36
C ARG G 70 32.58 27.75 14.76
N LEU G 71 33.40 26.97 14.04
CA LEU G 71 33.37 25.52 14.18
C LEU G 71 33.74 25.07 15.59
N SER G 72 34.37 25.92 16.38
CA SER G 72 34.68 25.59 17.77
C SER G 72 33.46 25.87 18.66
N ASN G 73 32.28 25.67 18.09
CA ASN G 73 31.03 25.71 18.87
C ASN G 73 29.97 24.79 18.30
N LEU G 74 30.21 24.16 17.15
CA LEU G 74 29.26 23.23 16.54
C LEU G 74 29.72 21.82 16.87
N VAL G 75 28.94 21.11 17.69
CA VAL G 75 29.28 19.77 18.12
C VAL G 75 28.22 18.80 17.60
N THR G 76 28.64 17.55 17.39
CA THR G 76 27.73 16.50 16.96
C THR G 76 26.99 15.93 18.17
N ALA G 77 25.70 15.68 18.00
CA ALA G 77 24.88 15.16 19.08
C ALA G 77 23.75 14.31 18.50
N CYS G 78 23.43 13.22 19.20
CA CYS G 78 22.30 12.39 18.80
C CYS G 78 20.99 13.14 19.03
N CYS G 79 19.91 12.59 18.47
CA CYS G 79 18.60 13.23 18.57
C CYS G 79 18.04 13.23 20.00
N PHE G 80 18.60 12.41 20.90
CA PHE G 80 18.16 12.46 22.29
C PHE G 80 18.71 13.70 22.99
N CYS G 81 19.97 14.04 22.72
CA CYS G 81 20.56 15.24 23.32
C CYS G 81 20.23 16.50 22.55
N ALA G 82 20.03 16.37 21.23
CA ALA G 82 19.77 17.55 20.41
C ALA G 82 18.48 18.26 20.80
N GLN G 83 17.48 17.50 21.26
CA GLN G 83 16.22 18.10 21.68
C GLN G 83 16.30 18.74 23.07
N CYS G 84 17.35 18.46 23.84
CA CYS G 84 17.49 19.10 25.13
C CYS G 84 17.74 20.60 25.00
N PHE G 85 18.43 21.02 23.95
CA PHE G 85 18.65 22.43 23.70
C PHE G 85 17.38 23.17 23.29
N PHE G 86 16.28 22.45 23.02
CA PHE G 86 15.04 23.05 22.54
C PHE G 86 13.84 22.41 23.23
N VAL G 87 13.80 22.47 24.56
CA VAL G 87 12.69 21.88 25.31
C VAL G 87 11.38 22.55 24.96
N GLU G 88 11.41 23.83 24.60
CA GLU G 88 10.19 24.56 24.28
C GLU G 88 9.47 24.01 23.05
N SER G 89 10.18 23.30 22.17
CA SER G 89 9.60 22.78 20.94
C SER G 89 9.61 21.26 20.88
N VAL G 90 10.02 20.58 21.95
CA VAL G 90 10.01 19.12 21.96
C VAL G 90 8.56 18.63 21.92
N GLY G 91 8.28 17.70 21.02
CA GLY G 91 6.93 17.22 20.82
C GLY G 91 6.05 18.15 20.01
N VAL G 92 6.62 19.21 19.43
CA VAL G 92 5.87 20.19 18.66
C VAL G 92 6.38 20.14 17.21
N GLY G 93 5.44 20.14 16.27
CA GLY G 93 5.82 20.11 14.87
C GLY G 93 6.45 18.81 14.43
N GLY G 94 6.34 17.76 15.24
CA GLY G 94 6.96 16.49 14.94
C GLY G 94 8.39 16.33 15.40
N TYR G 95 8.99 17.38 15.96
CA TYR G 95 10.39 17.32 16.40
C TYR G 95 10.50 16.45 17.64
N GLY G 96 10.55 15.14 17.42
CA GLY G 96 10.79 14.20 18.50
C GLY G 96 9.69 14.22 19.53
N GLY G 97 10.07 14.13 20.79
CA GLY G 97 9.13 14.08 21.89
C GLY G 97 9.75 13.42 23.10
N GLY G 98 9.00 13.44 24.19
CA GLY G 98 9.46 12.82 25.42
C GLY G 98 8.67 13.35 26.61
N THR G 99 9.24 13.12 27.79
CA THR G 99 8.62 13.53 29.04
C THR G 99 9.72 13.88 30.03
N LEU G 100 9.38 14.76 30.97
CA LEU G 100 10.31 15.19 32.01
C LEU G 100 10.11 14.35 33.28
N ILE G 101 11.20 14.08 33.97
CA ILE G 101 11.20 13.27 35.19
C ILE G 101 12.11 13.94 36.22
N TYR G 102 12.20 13.32 37.40
CA TYR G 102 13.01 13.79 38.51
C TYR G 102 13.95 12.66 38.90
N LEU G 103 15.16 12.67 38.32
CA LEU G 103 16.14 11.60 38.51
C LEU G 103 17.49 12.25 38.82
N PRO G 104 17.70 12.67 40.07
CA PRO G 104 18.99 13.29 40.44
C PRO G 104 20.16 12.32 40.49
N GLU G 105 19.94 11.03 40.24
CA GLU G 105 21.00 10.04 40.36
C GLU G 105 21.92 10.00 39.15
N LEU G 106 21.58 10.69 38.07
CA LEU G 106 22.42 10.69 36.88
C LEU G 106 22.12 11.94 36.07
N THR G 107 23.11 12.35 35.27
CA THR G 107 22.96 13.50 34.41
C THR G 107 22.10 13.14 33.19
N GLN G 108 21.74 14.17 32.43
CA GLN G 108 21.09 13.92 31.14
C GLN G 108 22.03 13.18 30.18
N ALA G 109 23.34 13.42 30.31
CA ALA G 109 24.31 12.71 29.48
C ALA G 109 24.34 11.23 29.80
N GLU G 110 23.98 10.85 31.03
CA GLU G 110 23.92 9.43 31.38
C GLU G 110 22.58 8.83 30.98
N LEU G 111 21.48 9.55 31.23
CA LEU G 111 20.16 9.03 30.93
C LEU G 111 19.98 8.76 29.44
N ASN G 112 20.55 9.63 28.60
CA ASN G 112 20.47 9.42 27.16
C ASN G 112 21.31 8.21 26.73
N SER G 113 22.56 8.14 27.20
CA SER G 113 23.39 6.98 26.92
C SER G 113 22.82 5.71 27.51
N LEU G 114 21.93 5.82 28.49
CA LEU G 114 21.23 4.64 29.01
C LEU G 114 20.02 4.29 28.15
N CYS G 115 19.27 5.30 27.70
CA CYS G 115 18.11 5.06 26.86
C CYS G 115 18.50 4.44 25.52
N HIS G 116 19.71 4.75 25.03
CA HIS G 116 20.21 4.08 23.84
C HIS G 116 20.33 2.58 24.07
N VAL G 117 20.76 2.19 25.29
CA VAL G 117 20.93 0.78 25.60
C VAL G 117 19.57 0.12 25.81
N LEU G 118 18.63 0.83 26.42
CA LEU G 118 17.33 0.25 26.72
C LEU G 118 16.52 0.03 25.45
N PHE G 119 16.42 1.05 24.59
CA PHE G 119 15.62 0.93 23.39
C PHE G 119 16.16 -0.13 22.45
N CYS G 120 17.49 -0.24 22.36
CA CYS G 120 18.10 -1.27 21.52
C CYS G 120 17.71 -2.67 21.97
N ALA G 121 17.52 -2.87 23.27
CA ALA G 121 17.09 -4.16 23.80
C ALA G 121 15.58 -4.36 23.70
N ILE G 122 14.81 -3.31 23.45
CA ILE G 122 13.38 -3.47 23.25
C ILE G 122 13.07 -3.94 21.84
N THR G 123 13.71 -3.32 20.85
CA THR G 123 13.49 -3.68 19.45
C THR G 123 14.11 -5.04 19.14
N ASN G 124 15.44 -5.11 19.12
CA ASN G 124 16.15 -6.37 18.87
C ASN G 124 15.97 -7.27 20.09
N ASP G 125 14.80 -7.92 20.13
CA ASP G 125 14.42 -8.74 21.28
C ASP G 125 15.32 -9.97 21.37
N THR G 126 16.02 -10.09 22.50
CA THR G 126 16.87 -11.26 22.77
C THR G 126 16.67 -11.79 24.19
N GLY G 127 15.55 -11.44 24.83
CA GLY G 127 15.29 -11.91 26.17
C GLY G 127 15.23 -10.80 27.20
N TYR G 128 16.16 -9.85 27.10
CA TYR G 128 16.22 -8.72 28.04
C TYR G 128 15.09 -7.71 27.83
N LYS G 129 14.19 -7.96 26.88
CA LYS G 129 13.13 -7.00 26.57
C LYS G 129 12.18 -6.81 27.75
N SER G 130 12.06 -7.82 28.61
CA SER G 130 11.19 -7.70 29.77
C SER G 130 11.68 -6.62 30.73
N SER G 131 12.92 -6.74 31.19
CA SER G 131 13.48 -5.74 32.11
C SER G 131 13.73 -4.41 31.39
N ALA G 132 13.94 -4.44 30.08
CA ALA G 132 14.19 -3.20 29.34
C ALA G 132 12.99 -2.27 29.39
N GLN G 133 11.78 -2.82 29.26
CA GLN G 133 10.58 -1.99 29.33
C GLN G 133 10.32 -1.52 30.76
N ASN G 134 10.53 -2.40 31.75
CA ASN G 134 10.26 -2.03 33.13
C ASN G 134 11.12 -0.85 33.59
N ILE G 135 12.37 -0.80 33.13
CA ILE G 135 13.25 0.29 33.53
C ILE G 135 12.79 1.61 32.91
N TYR G 136 12.49 1.59 31.61
CA TYR G 136 12.02 2.80 30.94
C TYR G 136 10.69 3.28 31.51
N ARG G 137 9.81 2.34 31.87
CA ARG G 137 8.53 2.69 32.46
C ARG G 137 8.65 3.12 33.91
N SER G 138 9.70 2.67 34.62
CA SER G 138 9.93 3.15 35.97
C SER G 138 10.40 4.59 35.97
N PHE G 139 11.21 4.98 34.98
CA PHE G 139 11.62 6.37 34.84
C PHE G 139 10.44 7.25 34.47
N LYS G 140 9.72 6.90 33.40
CA LYS G 140 8.61 7.71 32.93
C LYS G 140 7.52 7.87 33.97
N PHE G 141 7.50 7.02 34.99
CA PHE G 141 6.55 7.18 36.10
C PHE G 141 6.91 8.36 36.99
N ARG G 142 8.14 8.85 36.92
CA ARG G 142 8.55 10.01 37.71
C ARG G 142 7.99 11.32 37.16
N SER G 143 7.26 11.27 36.04
CA SER G 143 6.62 12.48 35.52
C SER G 143 5.62 13.07 36.51
N GLN G 144 5.16 12.27 37.49
CA GLN G 144 4.28 12.80 38.52
C GLN G 144 5.03 13.69 39.49
N ILE G 145 6.32 13.41 39.72
CA ILE G 145 7.10 14.24 40.64
C ILE G 145 7.23 15.66 40.10
N VAL G 146 7.42 15.79 38.79
CA VAL G 146 7.55 17.12 38.18
C VAL G 146 6.21 17.87 38.25
N GLU G 147 5.10 17.16 38.13
CA GLU G 147 3.79 17.84 38.15
C GLU G 147 3.41 18.29 39.55
N GLU G 148 3.83 17.56 40.59
CA GLU G 148 3.54 17.98 41.96
C GLU G 148 4.43 19.12 42.42
N LYS G 149 5.48 19.45 41.67
CA LYS G 149 6.35 20.58 41.97
C LYS G 149 5.98 21.84 41.20
N PHE G 150 5.35 21.70 40.02
CA PHE G 150 5.07 22.83 39.15
C PHE G 150 3.64 22.87 38.63
N GLY G 151 2.80 21.92 38.99
CA GLY G 151 1.42 21.92 38.55
C GLY G 151 1.13 20.81 37.55
N GLU G 152 -0.16 20.52 37.38
CA GLU G 152 -0.58 19.48 36.46
C GLU G 152 -0.20 19.84 35.02
N GLY G 153 0.03 18.81 34.21
CA GLY G 153 0.34 18.99 32.81
C GLY G 153 1.77 19.44 32.54
N THR G 154 2.45 19.94 33.58
CA THR G 154 3.79 20.46 33.41
C THR G 154 4.85 19.38 33.25
N SER G 155 4.46 18.10 33.25
CA SER G 155 5.42 17.03 33.00
C SER G 155 5.82 16.94 31.54
N ASP G 156 5.10 17.63 30.63
CA ASP G 156 5.40 17.60 29.21
C ASP G 156 6.38 18.72 28.85
N PRO G 157 7.38 18.42 28.00
CA PRO G 157 8.40 19.44 27.69
C PRO G 157 7.87 20.69 27.02
N ALA G 158 6.73 20.62 26.33
CA ALA G 158 6.24 21.78 25.60
C ALA G 158 5.68 22.83 26.55
N ILE G 159 4.71 22.45 27.39
CA ILE G 159 4.17 23.38 28.37
C ILE G 159 5.26 23.86 29.30
N PHE G 160 6.12 22.95 29.75
CA PHE G 160 7.18 23.28 30.70
C PHE G 160 8.14 24.32 30.12
N GLY G 161 8.74 24.03 28.96
CA GLY G 161 9.69 24.95 28.37
C GLY G 161 9.09 26.28 28.01
N GLN G 162 7.81 26.30 27.65
CA GLN G 162 7.13 27.56 27.37
C GLN G 162 6.81 28.32 28.65
N LEU G 163 6.53 27.60 29.74
CA LEU G 163 6.22 28.26 31.01
C LEU G 163 7.41 29.07 31.51
N MET G 164 8.62 28.50 31.43
CA MET G 164 9.81 29.24 31.84
C MET G 164 10.08 30.41 30.90
N ILE G 165 9.79 30.23 29.61
CA ILE G 165 10.00 31.31 28.65
C ILE G 165 8.98 32.43 28.87
N ASP G 166 7.70 32.08 28.95
CA ASP G 166 6.65 33.06 29.14
C ASP G 166 6.72 33.75 30.50
N SER G 167 7.60 33.31 31.39
CA SER G 167 7.79 33.95 32.68
C SER G 167 9.03 34.83 32.73
N GLY G 168 9.98 34.65 31.81
CA GLY G 168 11.13 35.50 31.71
C GLY G 168 12.46 34.89 32.09
N VAL G 169 12.54 33.57 32.23
CA VAL G 169 13.79 32.92 32.61
C VAL G 169 14.66 32.74 31.36
N ASN G 170 15.83 33.38 31.37
CA ASN G 170 16.82 33.20 30.31
C ASN G 170 18.24 33.04 30.80
N SER G 171 18.56 33.48 32.01
CA SER G 171 19.92 33.34 32.53
C SER G 171 20.23 31.87 32.84
N GLU G 172 21.42 31.43 32.43
CA GLU G 172 21.83 30.07 32.72
C GLU G 172 21.96 29.83 34.22
N GLU G 173 22.29 30.87 34.99
CA GLU G 173 22.40 30.74 36.43
C GLU G 173 21.05 30.45 37.08
N ILE G 174 19.96 30.71 36.37
CA ILE G 174 18.61 30.44 36.86
C ILE G 174 17.99 29.22 36.18
N ARG G 175 18.29 29.01 34.91
CA ARG G 175 17.77 27.86 34.17
C ARG G 175 18.26 26.56 34.79
N GLU G 176 19.58 26.34 34.80
CA GLU G 176 20.15 25.16 35.45
C GLU G 176 19.94 25.15 36.96
N LYS G 177 19.31 26.17 37.53
CA LYS G 177 18.94 26.22 38.94
C LYS G 177 17.52 25.71 39.18
N LEU G 178 16.59 26.09 38.30
CA LEU G 178 15.21 25.63 38.45
C LEU G 178 15.02 24.23 37.86
N PHE G 179 15.65 23.95 36.73
CA PHE G 179 15.62 22.61 36.13
C PHE G 179 16.48 21.62 36.89
N LYS G 180 16.84 21.95 38.13
CA LYS G 180 17.72 21.08 38.90
C LYS G 180 17.07 19.72 39.12
N ASN G 181 17.86 18.66 38.91
CA ASN G 181 17.46 17.27 39.08
C ASN G 181 16.33 16.85 38.14
N ILE G 182 16.01 17.67 37.14
CA ILE G 182 15.00 17.36 36.15
C ILE G 182 15.70 16.86 34.89
N ARG G 183 15.17 15.77 34.31
CA ARG G 183 15.72 15.18 33.11
C ARG G 183 14.63 15.06 32.05
N LEU G 184 15.04 15.14 30.78
CA LEU G 184 14.14 14.91 29.67
C LEU G 184 14.27 13.44 29.25
N LEU G 185 13.23 12.65 29.53
CA LEU G 185 13.21 11.24 29.15
C LEU G 185 12.65 11.13 27.75
N PRO G 186 13.45 10.76 26.75
CA PRO G 186 12.91 10.66 25.38
C PRO G 186 11.90 9.53 25.27
N SER G 187 10.77 9.83 24.65
CA SER G 187 9.71 8.84 24.49
C SER G 187 10.11 7.84 23.41
N ARG G 188 9.95 6.55 23.73
CA ARG G 188 10.31 5.50 22.77
C ARG G 188 9.42 5.55 21.54
N ALA G 189 8.12 5.75 21.73
CA ALA G 189 7.17 5.72 20.62
C ALA G 189 7.42 6.83 19.61
N LYS G 190 8.14 7.89 20.00
CA LYS G 190 8.42 8.97 19.07
C LYS G 190 9.63 8.68 18.20
N PHE G 191 10.70 8.17 18.80
CA PHE G 191 11.97 7.97 18.10
C PHE G 191 12.08 6.58 17.47
N ARG G 192 11.02 5.77 17.51
CA ARG G 192 11.05 4.45 16.91
C ARG G 192 11.44 4.49 15.44
N LYS G 193 11.23 5.62 14.76
CA LYS G 193 11.67 5.75 13.38
C LYS G 193 13.18 5.65 13.26
N GLN G 194 13.91 6.04 14.30
CA GLN G 194 15.37 5.94 14.32
C GLN G 194 15.89 4.80 15.17
N ILE G 195 15.13 4.35 16.18
CA ILE G 195 15.54 3.20 16.98
C ILE G 195 15.65 1.97 16.10
N GLU G 196 14.71 1.79 15.17
CA GLU G 196 14.75 0.63 14.28
C GLU G 196 15.80 0.77 13.20
N LYS G 197 16.06 1.99 12.73
CA LYS G 197 17.05 2.19 11.69
C LYS G 197 18.48 1.96 12.21
N TRP G 198 18.74 2.36 13.46
CA TRP G 198 20.06 2.15 14.04
C TRP G 198 20.37 0.68 14.29
N ALA G 199 19.34 -0.16 14.41
CA ALA G 199 19.57 -1.58 14.70
C ALA G 199 20.35 -2.25 13.57
N ALA G 200 19.81 -2.20 12.36
CA ALA G 200 20.49 -2.81 11.21
C ALA G 200 21.52 -1.87 10.62
N SER G 201 21.08 -0.68 10.18
CA SER G 201 21.98 0.28 9.55
C SER G 201 22.75 1.07 10.60
N ARG H 7 -47.55 13.88 13.01
CA ARG H 7 -46.44 14.38 12.21
C ARG H 7 -46.70 14.03 10.74
N CYS H 8 -47.24 14.98 9.99
CA CYS H 8 -47.66 14.80 8.61
C CYS H 8 -46.59 15.38 7.68
N GLU H 9 -46.94 16.21 6.69
CA GLU H 9 -46.00 16.87 5.81
C GLU H 9 -46.31 18.36 5.81
N LEU H 10 -45.27 19.18 5.89
CA LEU H 10 -45.39 20.63 5.75
C LEU H 10 -44.72 21.05 4.46
N LYS H 11 -45.42 21.89 3.69
CA LYS H 11 -44.90 22.38 2.43
C LYS H 11 -45.53 23.74 2.15
N LEU H 12 -44.75 24.62 1.55
CA LEU H 12 -45.21 25.98 1.25
C LEU H 12 -45.92 25.97 -0.10
N ILE H 13 -47.21 26.31 -0.09
CA ILE H 13 -48.04 26.31 -1.28
C ILE H 13 -48.46 27.74 -1.57
N ALA H 14 -48.22 28.20 -2.80
CA ALA H 14 -48.60 29.53 -3.25
C ALA H 14 -49.69 29.41 -4.31
N SER H 15 -50.89 29.05 -3.86
CA SER H 15 -52.03 28.87 -4.74
C SER H 15 -52.67 30.22 -5.06
N PRO H 16 -53.43 30.30 -6.18
CA PRO H 16 -54.06 31.57 -6.54
C PRO H 16 -55.04 32.09 -5.50
N GLY H 17 -56.24 31.53 -5.46
CA GLY H 17 -57.26 32.01 -4.55
C GLY H 17 -57.86 30.95 -3.67
N SER H 18 -57.05 29.99 -3.23
CA SER H 18 -57.52 28.97 -2.30
C SER H 18 -57.70 29.50 -0.89
N TRP H 19 -57.18 30.69 -0.60
CA TRP H 19 -57.39 31.29 0.72
C TRP H 19 -58.81 31.79 0.89
N ARG H 20 -59.46 32.20 -0.20
CA ARG H 20 -60.87 32.55 -0.14
C ARG H 20 -61.72 31.35 0.26
N LEU H 21 -61.39 30.17 -0.27
CA LEU H 21 -62.06 28.94 0.14
C LEU H 21 -61.74 28.57 1.57
N TYR H 22 -60.74 29.20 2.19
CA TYR H 22 -60.39 28.98 3.58
C TYR H 22 -60.93 30.07 4.50
N SER H 23 -60.95 31.32 4.04
CA SER H 23 -61.52 32.39 4.84
C SER H 23 -63.03 32.30 4.89
N ALA H 24 -63.66 31.87 3.79
CA ALA H 24 -65.11 31.71 3.77
C ALA H 24 -65.56 30.42 4.45
N ARG H 25 -64.67 29.43 4.56
CA ARG H 25 -65.00 28.20 5.26
C ARG H 25 -64.75 28.29 6.76
N LYS H 26 -64.05 29.32 7.22
CA LYS H 26 -63.87 29.55 8.65
C LYS H 26 -65.00 30.34 9.27
N ILE H 27 -65.77 31.07 8.46
CA ILE H 27 -66.88 31.88 8.95
C ILE H 27 -68.20 31.26 8.52
N ASP H 28 -68.25 29.94 8.45
CA ASP H 28 -69.43 29.22 8.02
C ASP H 28 -70.17 28.61 9.20
N GLU H 29 -71.47 28.41 9.03
CA GLU H 29 -72.28 27.83 10.10
C GLU H 29 -72.06 26.32 10.21
N ARG H 30 -72.12 25.61 9.07
CA ARG H 30 -71.89 24.16 9.09
C ARG H 30 -70.43 23.82 9.40
N PHE H 31 -69.52 24.79 9.26
CA PHE H 31 -68.13 24.53 9.60
C PHE H 31 -67.92 24.46 11.11
N LYS H 32 -68.68 25.23 11.88
CA LYS H 32 -68.57 25.18 13.34
C LYS H 32 -68.99 23.82 13.89
N SER H 33 -69.74 23.03 13.12
CA SER H 33 -70.13 21.70 13.58
C SER H 33 -68.96 20.74 13.51
N TYR H 34 -68.31 20.63 12.35
CA TYR H 34 -67.22 19.70 12.16
C TYR H 34 -65.89 20.21 12.70
N GLU H 35 -65.78 21.51 13.02
CA GLU H 35 -64.51 22.05 13.50
C GLU H 35 -64.17 21.50 14.88
N GLN H 36 -65.01 21.79 15.88
CA GLN H 36 -64.75 21.30 17.22
C GLN H 36 -64.79 19.79 17.32
N LYS H 37 -65.44 19.11 16.38
CA LYS H 37 -65.45 17.65 16.36
C LYS H 37 -64.15 17.11 15.78
N ILE H 38 -63.70 17.64 14.64
CA ILE H 38 -62.44 17.21 14.05
C ILE H 38 -61.24 17.73 14.84
N PHE H 39 -61.42 18.78 15.64
CA PHE H 39 -60.33 19.20 16.53
C PHE H 39 -60.10 18.20 17.64
N GLN H 40 -61.15 17.48 18.06
CA GLN H 40 -60.99 16.42 19.04
C GLN H 40 -60.43 15.15 18.42
N ARG H 41 -60.46 15.04 17.09
CA ARG H 41 -59.80 13.93 16.41
C ARG H 41 -58.29 14.02 16.50
N ASP H 42 -57.77 15.12 17.05
CA ASP H 42 -56.34 15.30 17.27
C ASP H 42 -56.02 15.65 18.71
N ARG H 43 -57.01 15.71 19.60
CA ARG H 43 -56.83 16.14 20.99
C ARG H 43 -56.26 17.54 21.06
N TYR H 44 -56.73 18.42 20.17
CA TYR H 44 -56.32 19.82 20.10
C TYR H 44 -54.81 19.99 19.92
N THR H 45 -54.14 18.97 19.40
CA THR H 45 -52.70 19.01 19.15
C THR H 45 -52.46 19.07 17.64
N CYS H 46 -51.48 19.89 17.24
CA CYS H 46 -51.15 20.02 15.83
C CYS H 46 -50.69 18.68 15.25
N GLN H 47 -50.91 18.52 13.95
CA GLN H 47 -50.55 17.29 13.25
C GLN H 47 -49.23 17.39 12.50
N PHE H 48 -48.56 18.55 12.56
CA PHE H 48 -47.27 18.74 11.90
C PHE H 48 -46.13 18.86 12.88
N CYS H 49 -46.24 19.74 13.87
CA CYS H 49 -45.19 19.94 14.86
C CYS H 49 -45.51 19.34 16.22
N GLY H 50 -46.78 19.09 16.53
CA GLY H 50 -47.15 18.53 17.81
C GLY H 50 -47.46 19.56 18.88
N PHE H 51 -47.89 20.76 18.49
CA PHE H 51 -48.20 21.82 19.44
C PHE H 51 -49.63 21.64 19.95
N GLN H 52 -49.78 21.54 21.27
CA GLN H 52 -51.08 21.37 21.91
C GLN H 52 -51.53 22.71 22.51
N ALA H 53 -52.78 23.07 22.26
CA ALA H 53 -53.35 24.30 22.79
C ALA H 53 -54.86 24.23 22.69
N ARG H 54 -55.53 24.71 23.75
CA ARG H 54 -56.98 24.77 23.75
C ARG H 54 -57.52 25.97 22.99
N LEU H 55 -56.68 26.95 22.68
CA LEU H 55 -57.09 28.17 22.00
C LEU H 55 -56.28 28.38 20.74
N TYR H 56 -56.90 29.03 19.75
CA TYR H 56 -56.26 29.37 18.47
C TYR H 56 -55.70 28.13 17.78
N GLN H 57 -56.62 27.32 17.27
CA GLN H 57 -56.28 26.12 16.53
C GLN H 57 -57.11 26.08 15.25
N ASP H 58 -56.43 26.02 14.10
CA ASP H 58 -57.08 26.00 12.80
C ASP H 58 -57.02 24.60 12.20
N ILE H 59 -57.79 24.43 11.11
CA ILE H 59 -57.91 23.15 10.43
C ILE H 59 -57.56 23.36 8.96
N VAL H 60 -56.78 22.43 8.39
CA VAL H 60 -56.36 22.50 7.01
C VAL H 60 -56.61 21.15 6.33
N ASN H 61 -56.74 21.20 5.00
CA ASN H 61 -56.94 20.01 4.19
C ASN H 61 -55.58 19.44 3.76
N LEU H 62 -55.48 18.11 3.78
CA LEU H 62 -54.22 17.48 3.36
C LEU H 62 -54.03 17.53 1.86
N ASP H 63 -55.12 17.42 1.10
CA ASP H 63 -55.03 17.41 -0.35
C ASP H 63 -54.89 18.80 -0.96
N GLY H 64 -54.88 19.86 -0.15
CA GLY H 64 -54.73 21.20 -0.67
C GLY H 64 -55.98 21.76 -1.32
N ASP H 65 -56.86 20.88 -1.79
CA ASP H 65 -58.12 21.29 -2.39
C ASP H 65 -59.08 21.71 -1.30
N TYR H 66 -59.52 22.96 -1.33
CA TYR H 66 -60.42 23.50 -0.32
C TYR H 66 -61.88 23.49 -0.77
N THR H 67 -62.21 22.65 -1.75
CA THR H 67 -63.60 22.35 -2.09
C THR H 67 -64.05 21.02 -1.52
N ASN H 68 -63.13 20.05 -1.42
CA ASN H 68 -63.41 18.78 -0.76
C ASN H 68 -63.27 18.94 0.74
N ASN H 69 -64.25 18.43 1.50
CA ASN H 69 -64.27 18.57 2.96
C ASN H 69 -64.69 17.24 3.58
N ARG H 70 -63.72 16.33 3.70
CA ARG H 70 -63.91 15.06 4.39
C ARG H 70 -63.11 15.06 5.69
N LEU H 71 -63.63 14.34 6.68
CA LEU H 71 -62.95 14.30 7.98
C LEU H 71 -61.60 13.59 7.89
N SER H 72 -61.45 12.68 6.93
CA SER H 72 -60.17 12.00 6.73
C SER H 72 -59.21 12.79 5.85
N ASN H 73 -59.22 14.11 5.98
CA ASN H 73 -58.26 14.98 5.29
C ASN H 73 -58.10 16.29 6.02
N LEU H 74 -58.88 16.49 7.08
CA LEU H 74 -58.80 17.69 7.90
C LEU H 74 -57.96 17.42 9.14
N VAL H 75 -56.97 18.26 9.38
CA VAL H 75 -56.04 18.08 10.49
C VAL H 75 -55.91 19.38 11.26
N THR H 76 -55.71 19.27 12.57
CA THR H 76 -55.55 20.43 13.43
C THR H 76 -54.12 20.96 13.33
N ALA H 77 -54.00 22.29 13.25
CA ALA H 77 -52.69 22.93 13.19
C ALA H 77 -52.85 24.38 13.64
N CYS H 78 -51.90 24.86 14.43
CA CYS H 78 -51.91 26.24 14.88
C CYS H 78 -51.63 27.18 13.71
N CYS H 79 -51.69 28.49 13.99
CA CYS H 79 -51.48 29.48 12.94
C CYS H 79 -50.08 29.42 12.33
N PHE H 80 -49.14 28.77 13.01
CA PHE H 80 -47.80 28.60 12.45
C PHE H 80 -47.83 27.72 11.21
N CYS H 81 -48.27 26.47 11.37
CA CYS H 81 -48.32 25.53 10.27
C CYS H 81 -49.49 25.79 9.33
N ALA H 82 -50.52 26.51 9.79
CA ALA H 82 -51.68 26.78 8.95
C ALA H 82 -51.34 27.79 7.85
N GLN H 83 -50.53 28.80 8.17
CA GLN H 83 -50.15 29.79 7.19
C GLN H 83 -49.06 29.31 6.24
N CYS H 84 -48.61 28.05 6.38
CA CYS H 84 -47.66 27.50 5.42
C CYS H 84 -48.33 27.20 4.09
N PHE H 85 -49.62 26.87 4.10
CA PHE H 85 -50.37 26.56 2.90
C PHE H 85 -50.92 27.79 2.20
N PHE H 86 -50.74 28.98 2.77
CA PHE H 86 -51.18 30.22 2.16
C PHE H 86 -50.07 31.27 2.25
N VAL H 87 -48.93 30.95 1.64
CA VAL H 87 -47.81 31.89 1.60
C VAL H 87 -48.22 33.19 0.92
N GLU H 88 -49.20 33.11 0.01
CA GLU H 88 -49.67 34.31 -0.68
C GLU H 88 -50.42 35.26 0.25
N SER H 89 -51.03 34.72 1.31
CA SER H 89 -51.88 35.52 2.19
C SER H 89 -51.18 35.99 3.45
N VAL H 90 -50.01 35.43 3.78
CA VAL H 90 -49.31 35.82 4.99
C VAL H 90 -48.85 37.27 4.87
N GLY H 91 -49.20 38.08 5.87
CA GLY H 91 -48.86 39.49 5.88
C GLY H 91 -49.84 40.39 5.14
N VAL H 92 -50.82 39.82 4.44
CA VAL H 92 -51.79 40.59 3.68
C VAL H 92 -53.08 40.65 4.48
N GLY H 93 -53.49 41.86 4.85
CA GLY H 93 -54.74 42.03 5.57
C GLY H 93 -54.74 41.55 7.00
N GLY H 94 -53.56 41.37 7.60
CA GLY H 94 -53.46 40.94 8.97
C GLY H 94 -53.49 39.44 9.19
N TYR H 95 -53.68 38.65 8.14
CA TYR H 95 -53.71 37.20 8.28
C TYR H 95 -52.33 36.66 8.63
N GLY H 96 -52.04 36.54 9.93
CA GLY H 96 -50.76 36.03 10.35
C GLY H 96 -49.63 36.99 10.05
N GLY H 97 -48.44 36.43 9.85
CA GLY H 97 -47.26 37.22 9.57
C GLY H 97 -46.00 36.39 9.57
N GLY H 98 -45.00 36.81 8.80
CA GLY H 98 -43.75 36.08 8.75
C GLY H 98 -42.82 36.65 7.71
N THR H 99 -41.66 36.01 7.61
CA THR H 99 -40.64 36.39 6.63
C THR H 99 -39.87 35.13 6.22
N LEU H 100 -39.72 34.94 4.92
CA LEU H 100 -39.02 33.77 4.41
C LEU H 100 -37.52 33.90 4.60
N ILE H 101 -36.88 32.78 4.94
CA ILE H 101 -35.45 32.74 5.20
C ILE H 101 -34.86 31.50 4.52
N TYR H 102 -33.55 31.52 4.34
CA TYR H 102 -32.82 30.39 3.75
C TYR H 102 -32.20 29.61 4.90
N LEU H 103 -32.96 28.65 5.44
CA LEU H 103 -32.53 27.84 6.58
C LEU H 103 -32.68 26.38 6.22
N PRO H 104 -31.69 25.80 5.53
CA PRO H 104 -31.77 24.38 5.16
C PRO H 104 -31.48 23.41 6.30
N GLU H 105 -31.14 23.90 7.48
CA GLU H 105 -30.82 23.01 8.59
C GLU H 105 -32.08 22.32 9.11
N LEU H 106 -33.02 23.10 9.66
CA LEU H 106 -34.24 22.57 10.24
C LEU H 106 -35.37 22.61 9.22
N THR H 107 -36.20 21.57 9.23
CA THR H 107 -37.36 21.54 8.36
C THR H 107 -38.40 22.57 8.83
N GLN H 108 -39.45 22.74 8.02
CA GLN H 108 -40.49 23.70 8.37
C GLN H 108 -41.19 23.32 9.66
N ALA H 109 -41.29 22.02 9.95
CA ALA H 109 -41.86 21.59 11.22
C ALA H 109 -40.86 21.74 12.36
N GLU H 110 -39.59 21.44 12.10
CA GLU H 110 -38.56 21.62 13.12
C GLU H 110 -38.37 23.09 13.49
N LEU H 111 -38.77 24.00 12.61
CA LEU H 111 -38.72 25.43 12.89
C LEU H 111 -39.97 25.91 13.62
N ASN H 112 -41.14 25.43 13.21
CA ASN H 112 -42.39 25.84 13.86
C ASN H 112 -42.45 25.36 15.29
N SER H 113 -42.09 24.09 15.54
CA SER H 113 -42.08 23.56 16.90
C SER H 113 -41.05 24.26 17.77
N LEU H 114 -39.96 24.74 17.17
CA LEU H 114 -38.93 25.43 17.93
C LEU H 114 -39.41 26.81 18.38
N CYS H 115 -40.15 27.51 17.52
CA CYS H 115 -40.62 28.86 17.85
C CYS H 115 -41.54 28.84 19.07
N HIS H 116 -42.25 27.73 19.30
CA HIS H 116 -43.13 27.64 20.45
C HIS H 116 -42.34 27.72 21.75
N VAL H 117 -41.24 26.99 21.85
CA VAL H 117 -40.40 27.07 23.04
C VAL H 117 -39.65 28.39 23.09
N LEU H 118 -39.25 28.90 21.93
CA LEU H 118 -38.57 30.19 21.88
C LEU H 118 -39.49 31.31 22.33
N PHE H 119 -40.68 31.41 21.73
CA PHE H 119 -41.63 32.43 22.14
C PHE H 119 -42.16 32.20 23.55
N CYS H 120 -42.13 30.96 24.04
CA CYS H 120 -42.50 30.70 25.43
C CYS H 120 -41.47 31.30 26.38
N ALA H 121 -40.18 31.05 26.14
CA ALA H 121 -39.14 31.62 26.97
C ALA H 121 -39.03 33.13 26.84
N ILE H 122 -39.60 33.71 25.79
CA ILE H 122 -39.58 35.16 25.62
C ILE H 122 -40.65 35.81 26.48
N THR H 123 -41.87 35.27 26.46
CA THR H 123 -42.94 35.81 27.29
C THR H 123 -42.74 35.46 28.75
N ASN H 124 -42.71 34.16 29.08
CA ASN H 124 -42.45 33.70 30.44
C ASN H 124 -40.94 33.66 30.66
N ASP H 125 -40.37 34.85 30.84
CA ASP H 125 -38.92 35.00 30.99
C ASP H 125 -38.43 34.32 32.26
N THR H 126 -37.72 33.19 32.09
CA THR H 126 -37.10 32.48 33.21
C THR H 126 -35.58 32.50 33.12
N GLY H 127 -35.01 33.30 32.23
CA GLY H 127 -33.58 33.36 32.02
C GLY H 127 -33.13 32.92 30.64
N TYR H 128 -33.98 32.24 29.88
CA TYR H 128 -33.66 31.78 28.54
C TYR H 128 -34.23 32.70 27.46
N LYS H 129 -34.69 33.89 27.82
CA LYS H 129 -35.21 34.83 26.84
C LYS H 129 -34.08 35.46 26.03
N SER H 130 -33.02 35.92 26.71
CA SER H 130 -31.90 36.55 26.01
C SER H 130 -31.25 35.57 25.04
N SER H 131 -31.13 34.30 25.43
CA SER H 131 -30.61 33.30 24.51
C SER H 131 -31.55 33.10 23.33
N ALA H 132 -32.86 33.15 23.59
CA ALA H 132 -33.83 32.95 22.52
C ALA H 132 -33.83 34.10 21.52
N GLN H 133 -33.63 35.33 22.01
CA GLN H 133 -33.64 36.48 21.11
C GLN H 133 -32.44 36.47 20.19
N ASN H 134 -31.28 36.04 20.69
CA ASN H 134 -30.12 35.86 19.82
C ASN H 134 -30.32 34.72 18.82
N ILE H 135 -31.25 33.81 19.10
CA ILE H 135 -31.57 32.73 18.18
C ILE H 135 -32.56 33.21 17.12
N TYR H 136 -33.63 33.90 17.56
CA TYR H 136 -34.67 34.34 16.65
C TYR H 136 -34.13 35.32 15.63
N ARG H 137 -33.37 36.33 16.08
CA ARG H 137 -32.80 37.31 15.17
C ARG H 137 -31.74 36.71 14.25
N SER H 138 -31.14 35.59 14.64
CA SER H 138 -30.17 34.94 13.76
C SER H 138 -30.85 34.30 12.56
N PHE H 139 -32.10 33.84 12.73
CA PHE H 139 -32.83 33.30 11.58
C PHE H 139 -33.43 34.40 10.73
N LYS H 140 -34.07 35.39 11.36
CA LYS H 140 -34.64 36.51 10.62
C LYS H 140 -33.58 37.25 9.80
N PHE H 141 -32.32 37.15 10.20
CA PHE H 141 -31.23 37.72 9.40
C PHE H 141 -31.01 36.96 8.10
N ARG H 142 -31.42 35.70 8.04
CA ARG H 142 -31.32 34.92 6.80
C ARG H 142 -32.31 35.37 5.73
N SER H 143 -33.18 36.33 6.05
CA SER H 143 -34.14 36.81 5.06
C SER H 143 -33.44 37.50 3.89
N GLN H 144 -32.29 38.14 4.15
CA GLN H 144 -31.55 38.76 3.06
C GLN H 144 -30.98 37.72 2.10
N ILE H 145 -30.70 36.51 2.58
CA ILE H 145 -30.22 35.45 1.70
C ILE H 145 -31.29 35.10 0.67
N VAL H 146 -32.56 35.17 1.08
CA VAL H 146 -33.65 34.97 0.13
C VAL H 146 -33.72 36.12 -0.87
N GLU H 147 -33.55 37.35 -0.39
CA GLU H 147 -33.61 38.50 -1.28
C GLU H 147 -32.45 38.48 -2.29
N GLU H 148 -31.24 38.18 -1.82
CA GLU H 148 -30.07 38.11 -2.69
C GLU H 148 -30.04 36.85 -3.55
N LYS H 149 -31.16 36.12 -3.62
CA LYS H 149 -31.32 35.01 -4.53
C LYS H 149 -32.48 35.21 -5.51
N PHE H 150 -33.49 35.99 -5.15
CA PHE H 150 -34.64 36.23 -6.00
C PHE H 150 -34.81 37.70 -6.39
N GLY H 151 -34.85 38.59 -5.42
CA GLY H 151 -35.01 40.00 -5.73
C GLY H 151 -35.24 40.81 -4.47
N GLU H 152 -35.40 42.11 -4.67
CA GLU H 152 -35.63 43.02 -3.55
C GLU H 152 -37.04 42.83 -2.99
N GLY H 153 -37.14 42.88 -1.66
CA GLY H 153 -38.40 42.72 -0.98
C GLY H 153 -38.98 41.33 -0.98
N THR H 154 -38.44 40.41 -1.77
CA THR H 154 -38.99 39.06 -1.88
C THR H 154 -38.83 38.24 -0.60
N SER H 155 -38.24 38.79 0.45
CA SER H 155 -38.23 38.10 1.74
C SER H 155 -39.63 38.02 2.33
N ASP H 156 -40.50 38.97 1.98
CA ASP H 156 -41.87 38.94 2.47
C ASP H 156 -42.65 37.83 1.77
N PRO H 157 -43.51 37.11 2.49
CA PRO H 157 -44.27 36.03 1.85
C PRO H 157 -45.24 36.51 0.78
N ALA H 158 -45.71 37.76 0.87
CA ALA H 158 -46.65 38.25 -0.13
C ALA H 158 -45.95 38.46 -1.47
N ILE H 159 -44.73 39.00 -1.46
CA ILE H 159 -44.03 39.28 -2.71
C ILE H 159 -43.47 37.99 -3.31
N PHE H 160 -42.81 37.17 -2.49
CA PHE H 160 -42.33 35.87 -2.97
C PHE H 160 -43.48 35.02 -3.48
N GLY H 161 -44.58 34.95 -2.73
CA GLY H 161 -45.74 34.24 -3.22
C GLY H 161 -46.26 34.82 -4.51
N GLN H 162 -46.22 36.14 -4.66
CA GLN H 162 -46.68 36.77 -5.88
C GLN H 162 -45.81 36.38 -7.06
N LEU H 163 -44.56 36.02 -6.79
CA LEU H 163 -43.71 35.46 -7.85
C LEU H 163 -44.15 34.04 -8.20
N MET H 164 -44.25 33.17 -7.19
CA MET H 164 -44.63 31.78 -7.43
C MET H 164 -46.05 31.68 -7.99
N ILE H 165 -46.96 32.53 -7.50
CA ILE H 165 -48.33 32.51 -8.03
C ILE H 165 -48.39 33.04 -9.45
N ASP H 166 -47.43 33.87 -9.83
CA ASP H 166 -47.33 34.37 -11.20
C ASP H 166 -46.17 33.73 -11.97
N SER H 167 -45.44 32.80 -11.36
CA SER H 167 -44.36 32.12 -12.07
C SER H 167 -44.90 31.27 -13.21
N GLY H 168 -45.96 30.51 -12.95
CA GLY H 168 -46.53 29.62 -13.94
C GLY H 168 -46.12 28.17 -13.83
N VAL H 169 -45.26 27.83 -12.88
CA VAL H 169 -44.82 26.45 -12.70
C VAL H 169 -46.00 25.62 -12.24
N ASN H 170 -46.61 24.89 -13.16
CA ASN H 170 -47.78 24.08 -12.86
C ASN H 170 -47.44 22.66 -12.43
N SER H 171 -46.28 22.15 -12.81
CA SER H 171 -45.85 20.83 -12.38
C SER H 171 -45.30 20.91 -10.97
N GLU H 172 -45.93 20.21 -10.03
CA GLU H 172 -45.54 20.28 -8.63
C GLU H 172 -44.18 19.61 -8.38
N GLU H 173 -43.75 18.72 -9.28
CA GLU H 173 -42.44 18.09 -9.10
C GLU H 173 -41.31 19.11 -9.15
N ILE H 174 -41.50 20.22 -9.87
CA ILE H 174 -40.46 21.23 -9.96
C ILE H 174 -40.53 22.24 -8.82
N ARG H 175 -41.72 22.49 -8.26
CA ARG H 175 -41.85 23.44 -7.16
C ARG H 175 -40.97 23.06 -5.97
N GLU H 176 -40.60 21.78 -5.84
CA GLU H 176 -39.70 21.37 -4.77
C GLU H 176 -38.30 21.93 -4.99
N LYS H 177 -37.85 21.98 -6.25
CA LYS H 177 -36.54 22.54 -6.53
C LYS H 177 -36.53 24.05 -6.42
N LEU H 178 -37.65 24.71 -6.70
CA LEU H 178 -37.72 26.16 -6.60
C LEU H 178 -37.72 26.61 -5.14
N PHE H 179 -38.56 25.97 -4.31
CA PHE H 179 -38.66 26.29 -2.89
C PHE H 179 -37.80 25.37 -2.04
N LYS H 180 -36.70 24.85 -2.60
CA LYS H 180 -35.82 23.97 -1.85
C LYS H 180 -35.05 24.76 -0.81
N ASN H 181 -35.07 24.26 0.43
CA ASN H 181 -34.32 24.87 1.55
C ASN H 181 -34.81 26.28 1.86
N ILE H 182 -36.13 26.47 1.79
CA ILE H 182 -36.75 27.76 2.11
C ILE H 182 -37.83 27.52 3.15
N ARG H 183 -37.73 28.21 4.29
CA ARG H 183 -38.68 28.11 5.37
C ARG H 183 -39.39 29.44 5.57
N LEU H 184 -40.53 29.40 6.26
CA LEU H 184 -41.29 30.59 6.61
C LEU H 184 -41.15 30.82 8.11
N LEU H 185 -40.45 31.90 8.48
CA LEU H 185 -40.25 32.24 9.88
C LEU H 185 -41.39 33.13 10.35
N PRO H 186 -42.30 32.64 11.20
CA PRO H 186 -43.41 33.47 11.64
C PRO H 186 -42.94 34.63 12.52
N SER H 187 -43.67 35.74 12.43
CA SER H 187 -43.31 36.94 13.17
C SER H 187 -43.84 36.87 14.59
N ARG H 188 -42.97 37.19 15.56
CA ARG H 188 -43.38 37.22 16.96
C ARG H 188 -44.36 38.36 17.24
N ALA H 189 -44.23 39.47 16.50
CA ALA H 189 -45.04 40.65 16.78
C ALA H 189 -46.50 40.43 16.38
N LYS H 190 -46.74 39.80 15.24
CA LYS H 190 -48.11 39.59 14.78
C LYS H 190 -48.85 38.53 15.60
N PHE H 191 -48.16 37.83 16.50
CA PHE H 191 -48.76 36.76 17.29
C PHE H 191 -48.64 37.01 18.79
N ARG H 192 -48.40 38.25 19.21
CA ARG H 192 -48.24 38.54 20.63
C ARG H 192 -49.51 38.29 21.42
N LYS H 193 -50.67 38.29 20.76
CA LYS H 193 -51.92 37.98 21.44
C LYS H 193 -52.12 36.48 21.64
N GLN H 194 -51.47 35.65 20.83
CA GLN H 194 -51.58 34.21 20.95
C GLN H 194 -50.51 33.60 21.84
N ILE H 195 -49.29 34.12 21.78
CA ILE H 195 -48.20 33.56 22.59
C ILE H 195 -48.47 33.78 24.08
N GLU H 196 -48.81 35.01 24.46
CA GLU H 196 -49.13 35.28 25.85
C GLU H 196 -50.35 34.50 26.31
N LYS H 197 -51.30 34.28 25.41
CA LYS H 197 -52.47 33.46 25.75
C LYS H 197 -52.09 32.00 25.92
N TRP H 198 -51.12 31.51 25.15
CA TRP H 198 -50.66 30.14 25.31
C TRP H 198 -49.88 29.95 26.60
N ALA H 199 -49.21 31.00 27.07
CA ALA H 199 -48.44 30.90 28.31
C ALA H 199 -49.35 30.66 29.51
N ALA H 200 -50.46 31.41 29.59
CA ALA H 200 -51.40 31.27 30.70
C ALA H 200 -52.44 30.19 30.39
N SER H 201 -53.36 30.48 29.49
CA SER H 201 -54.43 29.55 29.13
C SER H 201 -53.90 28.33 28.38
N ARG I 1 -29.24 -22.81 28.09
CA ARG I 1 -29.32 -23.13 26.68
C ARG I 1 -29.56 -24.63 26.47
N CYS I 2 -30.81 -24.99 26.25
CA CYS I 2 -31.21 -26.38 26.07
C CYS I 2 -31.48 -26.66 24.58
N GLU I 3 -32.10 -27.80 24.30
CA GLU I 3 -32.32 -28.26 22.94
C GLU I 3 -33.75 -27.93 22.52
N LEU I 4 -33.89 -27.14 21.44
CA LEU I 4 -35.18 -26.80 20.89
C LEU I 4 -35.53 -27.80 19.78
N LYS I 5 -36.71 -28.40 19.86
CA LYS I 5 -37.14 -29.39 18.89
C LYS I 5 -38.63 -29.24 18.62
N LEU I 6 -39.01 -29.48 17.36
CA LEU I 6 -40.42 -29.49 17.00
C LEU I 6 -41.12 -30.66 17.71
N ILE I 7 -42.17 -30.35 18.46
CA ILE I 7 -42.90 -31.33 19.23
C ILE I 7 -44.39 -31.16 18.97
N ALA I 8 -45.04 -32.23 18.50
CA ALA I 8 -46.49 -32.29 18.39
C ALA I 8 -47.02 -33.29 19.41
N SER I 9 -48.22 -33.02 19.92
CA SER I 9 -48.77 -33.79 21.01
C SER I 9 -50.29 -33.85 20.89
N PRO I 10 -50.92 -34.93 21.34
CA PRO I 10 -52.39 -35.02 21.22
C PRO I 10 -53.12 -33.91 21.94
N GLY I 11 -52.68 -33.54 23.14
CA GLY I 11 -53.38 -32.51 23.90
C GLY I 11 -52.56 -31.83 24.97
N SER I 12 -51.28 -31.57 24.69
CA SER I 12 -50.46 -30.84 25.66
C SER I 12 -50.82 -29.36 25.69
N TRP I 13 -51.29 -28.81 24.56
CA TRP I 13 -51.72 -27.42 24.55
C TRP I 13 -52.95 -27.19 25.39
N ARG I 14 -53.73 -28.24 25.66
CA ARG I 14 -54.87 -28.12 26.57
C ARG I 14 -54.41 -27.97 28.00
N LEU I 15 -53.53 -28.85 28.47
CA LEU I 15 -52.99 -28.75 29.81
C LEU I 15 -52.12 -27.50 29.98
N TYR I 16 -51.41 -27.11 28.91
CA TYR I 16 -50.58 -25.91 28.99
C TYR I 16 -51.43 -24.67 29.21
N SER I 17 -52.48 -24.49 28.39
CA SER I 17 -53.35 -23.33 28.57
C SER I 17 -54.16 -23.45 29.86
N ALA I 18 -54.40 -24.67 30.34
CA ALA I 18 -55.05 -24.85 31.63
C ALA I 18 -54.15 -24.46 32.78
N ARG I 19 -52.84 -24.38 32.55
CA ARG I 19 -51.89 -23.94 33.56
C ARG I 19 -51.64 -22.44 33.51
N LYS I 20 -51.93 -21.79 32.38
CA LYS I 20 -51.70 -20.36 32.25
C LYS I 20 -52.55 -19.57 33.23
N ILE I 21 -53.79 -20.00 33.46
CA ILE I 21 -54.69 -19.31 34.37
C ILE I 21 -54.92 -20.15 35.62
N ASP I 22 -53.90 -20.91 36.02
CA ASP I 22 -53.96 -21.67 37.26
C ASP I 22 -53.98 -20.71 38.45
N GLU I 23 -54.24 -21.28 39.63
CA GLU I 23 -54.21 -20.48 40.85
C GLU I 23 -52.84 -20.47 41.51
N ARG I 24 -52.09 -21.56 41.42
CA ARG I 24 -50.76 -21.63 42.01
C ARG I 24 -49.64 -21.31 41.04
N PHE I 25 -49.83 -21.58 39.74
CA PHE I 25 -48.84 -21.20 38.76
C PHE I 25 -48.60 -19.69 38.77
N LYS I 26 -49.65 -18.90 39.02
CA LYS I 26 -49.52 -17.46 39.08
C LYS I 26 -48.59 -17.01 40.19
N SER I 27 -48.54 -17.75 41.30
CA SER I 27 -47.76 -17.32 42.45
C SER I 27 -46.27 -17.32 42.14
N TYR I 28 -45.75 -18.42 41.59
CA TYR I 28 -44.33 -18.54 41.27
C TYR I 28 -44.05 -18.33 39.80
N GLU I 29 -44.99 -17.78 39.04
CA GLU I 29 -44.79 -17.56 37.61
C GLU I 29 -43.70 -16.54 37.34
N GLN I 30 -43.94 -15.28 37.74
CA GLN I 30 -43.02 -14.20 37.43
C GLN I 30 -41.63 -14.48 38.02
N LYS I 31 -41.56 -15.20 39.14
CA LYS I 31 -40.28 -15.52 39.75
C LYS I 31 -39.43 -16.43 38.87
N ILE I 32 -40.05 -17.19 37.96
CA ILE I 32 -39.26 -18.02 37.06
C ILE I 32 -38.59 -17.16 35.99
N PHE I 33 -39.28 -16.12 35.51
CA PHE I 33 -38.65 -15.16 34.61
C PHE I 33 -37.43 -14.50 35.27
N GLN I 34 -37.47 -14.34 36.60
CA GLN I 34 -36.33 -13.75 37.30
C GLN I 34 -35.13 -14.70 37.28
N ARG I 35 -35.38 -16.00 37.50
CA ARG I 35 -34.29 -16.96 37.56
C ARG I 35 -33.54 -17.03 36.23
N ASP I 36 -34.29 -17.15 35.13
CA ASP I 36 -33.69 -17.17 33.80
C ASP I 36 -33.41 -15.78 33.25
N ARG I 37 -33.54 -14.74 34.08
CA ARG I 37 -33.20 -13.37 33.72
C ARG I 37 -34.01 -12.87 32.53
N TYR I 38 -35.28 -13.27 32.47
CA TYR I 38 -36.21 -12.85 31.40
C TYR I 38 -35.62 -13.14 30.02
N THR I 39 -35.03 -14.32 29.89
CA THR I 39 -34.40 -14.74 28.64
C THR I 39 -34.79 -16.18 28.34
N CYS I 40 -35.14 -16.44 27.09
CA CYS I 40 -35.45 -17.81 26.68
C CYS I 40 -34.20 -18.66 26.70
N GLN I 41 -34.35 -19.91 27.14
CA GLN I 41 -33.24 -20.85 27.19
C GLN I 41 -32.99 -21.53 25.86
N PHE I 42 -33.39 -20.92 24.75
CA PHE I 42 -33.20 -21.51 23.44
C PHE I 42 -32.48 -20.56 22.49
N CYS I 43 -33.22 -19.65 21.85
CA CYS I 43 -32.62 -18.71 20.92
C CYS I 43 -31.96 -17.52 21.62
N GLY I 44 -32.04 -17.43 22.94
CA GLY I 44 -31.36 -16.39 23.68
C GLY I 44 -32.03 -15.04 23.66
N PHE I 45 -33.24 -14.93 23.10
CA PHE I 45 -33.91 -13.64 23.05
C PHE I 45 -34.31 -13.20 24.47
N GLN I 46 -34.15 -11.90 24.73
CA GLN I 46 -34.36 -11.33 26.05
C GLN I 46 -35.31 -10.15 25.96
N ALA I 47 -36.37 -10.18 26.77
CA ALA I 47 -37.32 -9.08 26.86
C ALA I 47 -38.11 -9.23 28.15
N ARG I 48 -38.87 -8.19 28.48
CA ARG I 48 -39.66 -8.16 29.69
C ARG I 48 -41.14 -8.40 29.43
N LEU I 49 -41.52 -8.77 28.20
CA LEU I 49 -42.91 -8.93 27.84
C LEU I 49 -43.07 -10.16 26.93
N TYR I 50 -44.25 -10.78 27.01
CA TYR I 50 -44.63 -11.88 26.14
C TYR I 50 -43.66 -13.05 26.22
N GLN I 51 -43.24 -13.38 27.44
CA GLN I 51 -42.35 -14.51 27.68
C GLN I 51 -43.14 -15.69 28.22
N ASP I 52 -43.01 -16.85 27.57
CA ASP I 52 -43.73 -18.04 27.94
C ASP I 52 -42.92 -18.88 28.94
N ILE I 53 -43.60 -19.86 29.52
CA ILE I 53 -42.97 -20.84 30.40
C ILE I 53 -43.36 -22.22 29.88
N VAL I 54 -42.38 -22.95 29.35
CA VAL I 54 -42.62 -24.27 28.78
C VAL I 54 -41.93 -25.32 29.65
N ASN I 55 -42.43 -26.55 29.53
CA ASN I 55 -41.86 -27.69 30.23
C ASN I 55 -41.00 -28.49 29.26
N LEU I 56 -39.79 -28.87 29.72
CA LEU I 56 -38.87 -29.58 28.85
C LEU I 56 -39.40 -30.94 28.44
N ASP I 57 -40.09 -31.63 29.35
CA ASP I 57 -40.60 -32.97 29.07
C ASP I 57 -41.99 -32.96 28.43
N GLY I 58 -42.62 -31.79 28.30
CA GLY I 58 -43.93 -31.71 27.71
C GLY I 58 -45.08 -32.16 28.59
N ASP I 59 -44.80 -32.62 29.79
CA ASP I 59 -45.85 -33.00 30.75
C ASP I 59 -46.17 -31.77 31.59
N TYR I 60 -47.25 -31.07 31.24
CA TYR I 60 -47.61 -29.83 31.92
C TYR I 60 -48.41 -30.07 33.19
N THR I 61 -48.49 -31.32 33.64
CA THR I 61 -48.97 -31.63 34.99
C THR I 61 -47.81 -31.72 35.98
N ASN I 62 -46.60 -31.99 35.51
CA ASN I 62 -45.40 -32.02 36.32
C ASN I 62 -44.71 -30.67 36.18
N ASN I 63 -44.87 -29.81 37.18
CA ASN I 63 -44.34 -28.46 37.10
C ASN I 63 -43.33 -28.17 38.20
N ARG I 64 -42.27 -28.98 38.27
CA ARG I 64 -41.20 -28.69 39.20
C ARG I 64 -40.25 -27.65 38.62
N LEU I 65 -39.33 -27.18 39.46
CA LEU I 65 -38.45 -26.09 39.06
C LEU I 65 -37.42 -26.53 38.03
N SER I 66 -36.89 -27.75 38.16
CA SER I 66 -35.97 -28.29 37.16
C SER I 66 -36.69 -28.78 35.90
N ASN I 67 -37.74 -28.07 35.48
CA ASN I 67 -38.48 -28.42 34.28
C ASN I 67 -38.97 -27.17 33.57
N LEU I 68 -39.37 -26.15 34.32
CA LEU I 68 -39.92 -24.93 33.73
C LEU I 68 -38.81 -23.99 33.31
N VAL I 69 -38.87 -23.55 32.06
CA VAL I 69 -37.87 -22.64 31.51
C VAL I 69 -38.59 -21.53 30.74
N THR I 70 -38.00 -20.34 30.77
CA THR I 70 -38.54 -19.22 30.01
C THR I 70 -38.33 -19.43 28.52
N ALA I 71 -39.30 -18.99 27.73
CA ALA I 71 -39.23 -19.14 26.27
C ALA I 71 -40.00 -18.03 25.61
N CYS I 72 -39.42 -17.44 24.57
CA CYS I 72 -40.13 -16.47 23.75
C CYS I 72 -41.17 -17.19 22.89
N CYS I 73 -42.14 -16.43 22.41
CA CYS I 73 -43.26 -17.01 21.67
C CYS I 73 -42.85 -17.62 20.33
N PHE I 74 -41.63 -17.35 19.85
CA PHE I 74 -41.14 -18.07 18.67
C PHE I 74 -40.74 -19.49 19.03
N CYS I 75 -40.18 -19.69 20.22
CA CYS I 75 -39.71 -21.01 20.64
C CYS I 75 -40.79 -21.81 21.34
N ALA I 76 -41.68 -21.14 22.09
CA ALA I 76 -42.74 -21.86 22.79
C ALA I 76 -43.72 -22.52 21.83
N GLN I 77 -43.97 -21.89 20.68
CA GLN I 77 -44.88 -22.46 19.69
C GLN I 77 -44.33 -23.71 19.01
N CYS I 78 -43.09 -24.09 19.31
CA CYS I 78 -42.52 -25.31 18.75
C CYS I 78 -42.85 -26.56 19.57
N PHE I 79 -43.44 -26.39 20.76
CA PHE I 79 -43.88 -27.51 21.58
C PHE I 79 -45.33 -27.91 21.31
N PHE I 80 -46.08 -27.09 20.55
CA PHE I 80 -47.45 -27.38 20.17
C PHE I 80 -47.63 -27.01 18.68
N VAL I 81 -46.97 -27.78 17.81
CA VAL I 81 -47.02 -27.49 16.39
C VAL I 81 -48.44 -27.65 15.85
N GLU I 82 -49.19 -28.63 16.38
CA GLU I 82 -50.56 -28.84 15.94
C GLU I 82 -51.48 -27.68 16.31
N SER I 83 -51.07 -26.83 17.25
CA SER I 83 -51.87 -25.69 17.68
C SER I 83 -51.30 -24.36 17.19
N VAL I 84 -50.32 -24.39 16.30
CA VAL I 84 -49.72 -23.16 15.78
C VAL I 84 -50.67 -22.53 14.78
N GLY I 85 -50.89 -21.22 14.91
CA GLY I 85 -51.87 -20.54 14.10
C GLY I 85 -53.29 -20.96 14.37
N VAL I 86 -53.54 -21.69 15.45
CA VAL I 86 -54.84 -22.26 15.76
C VAL I 86 -55.41 -21.46 16.92
N GLY I 87 -56.30 -20.52 16.61
CA GLY I 87 -56.98 -19.74 17.64
C GLY I 87 -56.16 -18.57 18.16
N GLY I 88 -55.56 -17.80 17.25
CA GLY I 88 -54.78 -16.64 17.61
C GLY I 88 -53.43 -16.93 18.23
N TYR I 89 -53.11 -18.19 18.52
CA TYR I 89 -51.84 -18.56 19.15
C TYR I 89 -50.76 -18.60 18.07
N GLY I 90 -50.17 -17.44 17.78
CA GLY I 90 -49.03 -17.33 16.90
C GLY I 90 -49.32 -17.77 15.47
N GLY I 91 -48.29 -18.26 14.82
CA GLY I 91 -48.42 -18.70 13.45
C GLY I 91 -47.06 -19.10 12.92
N GLY I 92 -47.08 -19.89 11.86
CA GLY I 92 -45.83 -20.38 11.29
C GLY I 92 -46.05 -21.06 9.96
N THR I 93 -44.92 -21.38 9.31
CA THR I 93 -44.92 -22.10 8.04
C THR I 93 -43.66 -22.95 7.99
N LEU I 94 -43.84 -24.27 8.02
CA LEU I 94 -42.71 -25.19 8.10
C LEU I 94 -41.91 -25.19 6.79
N ILE I 95 -40.59 -25.20 6.92
CA ILE I 95 -39.68 -25.08 5.79
C ILE I 95 -38.59 -26.14 5.93
N TYR I 96 -37.74 -26.22 4.90
CA TYR I 96 -36.62 -27.15 4.86
C TYR I 96 -35.32 -26.36 4.87
N LEU I 97 -34.55 -26.52 5.94
CA LEU I 97 -33.27 -25.83 6.09
C LEU I 97 -32.14 -26.85 6.16
N PRO I 98 -31.14 -26.76 5.28
CA PRO I 98 -30.07 -27.78 5.31
C PRO I 98 -29.14 -27.65 6.51
N GLU I 99 -29.00 -26.46 7.09
CA GLU I 99 -28.00 -26.23 8.12
C GLU I 99 -28.61 -25.67 9.41
N LEU I 100 -29.17 -24.47 9.37
CA LEU I 100 -29.59 -23.80 10.60
C LEU I 100 -30.65 -24.60 11.34
N THR I 101 -30.51 -24.68 12.67
CA THR I 101 -31.43 -25.41 13.51
C THR I 101 -32.62 -24.53 13.88
N GLN I 102 -33.51 -25.07 14.71
CA GLN I 102 -34.68 -24.32 15.13
C GLN I 102 -34.31 -23.20 16.10
N ALA I 103 -33.29 -23.41 16.93
CA ALA I 103 -32.87 -22.37 17.86
C ALA I 103 -32.26 -21.19 17.11
N GLU I 104 -31.35 -21.46 16.18
CA GLU I 104 -30.72 -20.38 15.42
C GLU I 104 -31.70 -19.68 14.49
N LEU I 105 -32.67 -20.41 13.95
CA LEU I 105 -33.62 -19.81 13.02
C LEU I 105 -34.52 -18.80 13.72
N ASN I 106 -34.94 -19.09 14.95
CA ASN I 106 -35.85 -18.20 15.65
C ASN I 106 -35.17 -16.89 16.02
N SER I 107 -33.93 -16.96 16.51
CA SER I 107 -33.22 -15.73 16.87
C SER I 107 -32.85 -14.92 15.63
N LEU I 108 -32.68 -15.57 14.48
CA LEU I 108 -32.41 -14.83 13.25
C LEU I 108 -33.63 -14.04 12.81
N CYS I 109 -34.83 -14.63 12.96
CA CYS I 109 -36.04 -13.89 12.66
C CYS I 109 -36.23 -12.71 13.61
N HIS I 110 -35.81 -12.86 14.87
CA HIS I 110 -35.86 -11.76 15.83
C HIS I 110 -35.14 -10.53 15.29
N VAL I 111 -33.97 -10.73 14.68
CA VAL I 111 -33.18 -9.60 14.20
C VAL I 111 -33.68 -9.13 12.83
N LEU I 112 -34.22 -10.05 12.01
CA LEU I 112 -34.78 -9.64 10.73
C LEU I 112 -35.99 -8.73 10.93
N PHE I 113 -36.84 -9.04 11.92
CA PHE I 113 -38.00 -8.20 12.17
C PHE I 113 -37.62 -6.89 12.83
N CYS I 114 -36.51 -6.87 13.56
CA CYS I 114 -36.03 -5.61 14.14
C CYS I 114 -35.70 -4.60 13.07
N ALA I 115 -35.34 -5.06 11.86
CA ALA I 115 -35.10 -4.17 10.73
C ALA I 115 -36.30 -4.05 9.81
N ILE I 116 -37.26 -4.97 9.90
CA ILE I 116 -38.46 -4.89 9.05
C ILE I 116 -39.44 -3.86 9.62
N THR I 117 -39.73 -3.95 10.92
CA THR I 117 -40.65 -3.00 11.53
C THR I 117 -39.99 -1.62 11.67
N ASN I 118 -38.80 -1.57 12.24
CA ASN I 118 -38.04 -0.32 12.35
C ASN I 118 -37.20 -0.19 11.09
N ASP I 119 -37.76 0.48 10.08
CA ASP I 119 -37.09 0.64 8.79
C ASP I 119 -35.83 1.47 8.93
N THR I 120 -34.72 0.82 9.28
CA THR I 120 -33.43 1.47 9.42
C THR I 120 -32.62 1.47 8.12
N GLY I 121 -33.23 1.07 7.01
CA GLY I 121 -32.53 0.87 5.76
C GLY I 121 -32.21 -0.57 5.44
N TYR I 122 -32.64 -1.51 6.29
CA TYR I 122 -32.39 -2.93 6.08
C TYR I 122 -33.68 -3.73 5.93
N LYS I 123 -34.80 -3.03 5.68
CA LYS I 123 -36.07 -3.73 5.50
C LYS I 123 -36.06 -4.59 4.25
N SER I 124 -35.50 -4.07 3.15
CA SER I 124 -35.38 -4.85 1.92
C SER I 124 -34.42 -6.02 2.12
N SER I 125 -33.36 -5.83 2.90
CA SER I 125 -32.43 -6.92 3.19
C SER I 125 -33.10 -8.00 4.02
N ALA I 126 -33.86 -7.61 5.05
CA ALA I 126 -34.47 -8.58 5.94
C ALA I 126 -35.60 -9.34 5.25
N GLN I 127 -36.42 -8.64 4.46
CA GLN I 127 -37.50 -9.30 3.75
C GLN I 127 -36.96 -10.31 2.74
N ASN I 128 -35.96 -9.91 1.95
CA ASN I 128 -35.40 -10.81 0.96
C ASN I 128 -34.78 -12.04 1.60
N ILE I 129 -34.36 -11.95 2.86
CA ILE I 129 -33.85 -13.12 3.57
C ILE I 129 -35.00 -13.93 4.14
N TYR I 130 -36.01 -13.25 4.70
CA TYR I 130 -37.19 -13.95 5.21
C TYR I 130 -37.98 -14.61 4.08
N ARG I 131 -37.89 -14.07 2.87
CA ARG I 131 -38.57 -14.67 1.72
C ARG I 131 -37.78 -15.81 1.10
N SER I 132 -36.47 -15.90 1.37
CA SER I 132 -35.70 -17.07 0.98
C SER I 132 -35.88 -18.23 1.94
N PHE I 133 -36.44 -17.98 3.13
CA PHE I 133 -36.85 -19.04 4.05
C PHE I 133 -38.28 -19.47 3.78
N LYS I 134 -39.20 -18.50 3.71
CA LYS I 134 -40.60 -18.77 3.41
C LYS I 134 -40.77 -19.47 2.07
N PHE I 135 -39.79 -19.32 1.16
CA PHE I 135 -39.85 -20.02 -0.12
C PHE I 135 -39.55 -21.50 0.00
N ARG I 136 -38.86 -21.92 1.06
CA ARG I 136 -38.54 -23.33 1.26
C ARG I 136 -39.74 -24.16 1.67
N SER I 137 -40.94 -23.56 1.74
CA SER I 137 -42.12 -24.32 2.18
C SER I 137 -42.56 -25.33 1.14
N GLN I 138 -42.33 -25.05 -0.15
CA GLN I 138 -42.71 -26.00 -1.19
C GLN I 138 -41.93 -27.31 -1.07
N ILE I 139 -40.70 -27.24 -0.54
CA ILE I 139 -39.91 -28.45 -0.34
C ILE I 139 -40.61 -29.39 0.64
N VAL I 140 -41.32 -28.84 1.62
CA VAL I 140 -42.05 -29.68 2.57
C VAL I 140 -43.31 -30.26 1.94
N GLU I 141 -43.91 -29.54 0.98
CA GLU I 141 -45.13 -30.04 0.34
C GLU I 141 -44.81 -31.15 -0.66
N GLU I 142 -43.77 -30.95 -1.49
CA GLU I 142 -43.39 -31.96 -2.47
C GLU I 142 -42.88 -33.23 -1.81
N LYS I 143 -42.53 -33.18 -0.53
CA LYS I 143 -42.07 -34.34 0.22
C LYS I 143 -43.20 -35.07 0.93
N PHE I 144 -44.19 -34.34 1.44
CA PHE I 144 -45.25 -34.91 2.26
C PHE I 144 -46.62 -34.85 1.60
N GLY I 145 -47.06 -33.67 1.17
CA GLY I 145 -48.35 -33.58 0.52
C GLY I 145 -48.81 -32.14 0.42
N GLU I 146 -49.90 -31.97 -0.33
CA GLU I 146 -50.49 -30.64 -0.54
C GLU I 146 -51.03 -30.10 0.78
N GLY I 147 -50.58 -28.91 1.16
CA GLY I 147 -51.07 -28.25 2.35
C GLY I 147 -50.35 -28.62 3.64
N THR I 148 -49.45 -29.60 3.61
CA THR I 148 -48.75 -30.01 4.81
C THR I 148 -47.68 -29.00 5.25
N SER I 149 -47.49 -27.91 4.51
CA SER I 149 -46.65 -26.82 5.00
C SER I 149 -47.34 -26.02 6.09
N ASP I 150 -48.65 -26.19 6.25
CA ASP I 150 -49.39 -25.55 7.33
C ASP I 150 -49.16 -26.31 8.64
N PRO I 151 -48.91 -25.63 9.75
CA PRO I 151 -48.66 -26.34 11.01
C PRO I 151 -49.87 -27.12 11.54
N ALA I 152 -51.09 -26.75 11.16
CA ALA I 152 -52.26 -27.47 11.65
C ALA I 152 -52.39 -28.85 11.05
N ILE I 153 -51.99 -29.01 9.78
CA ILE I 153 -52.04 -30.31 9.13
C ILE I 153 -50.78 -31.12 9.38
N PHE I 154 -49.61 -30.47 9.29
CA PHE I 154 -48.35 -31.17 9.52
C PHE I 154 -48.26 -31.70 10.94
N GLY I 155 -48.73 -30.91 11.91
CA GLY I 155 -48.68 -31.36 13.29
C GLY I 155 -49.40 -32.68 13.51
N GLN I 156 -50.52 -32.86 12.83
CA GLN I 156 -51.29 -34.11 12.92
C GLN I 156 -50.74 -35.21 12.02
N LEU I 157 -49.61 -34.97 11.36
CA LEU I 157 -48.84 -36.05 10.75
C LEU I 157 -47.77 -36.58 11.69
N MET I 158 -47.23 -35.71 12.54
CA MET I 158 -46.39 -36.15 13.65
C MET I 158 -47.20 -36.83 14.74
N ILE I 159 -48.53 -36.66 14.73
CA ILE I 159 -49.40 -37.32 15.67
C ILE I 159 -50.23 -38.44 15.03
N ASP I 160 -50.46 -38.38 13.72
CA ASP I 160 -51.17 -39.44 13.00
C ASP I 160 -50.74 -40.81 13.51
N SER I 161 -49.46 -41.12 13.33
CA SER I 161 -48.83 -42.20 14.05
C SER I 161 -47.55 -41.80 14.76
N GLY I 162 -46.95 -40.66 14.43
CA GLY I 162 -45.56 -40.44 14.79
C GLY I 162 -44.69 -41.51 14.18
N VAL I 163 -45.03 -41.95 12.96
CA VAL I 163 -44.40 -43.06 12.26
C VAL I 163 -44.17 -44.31 13.12
N ASN I 164 -44.55 -44.25 14.39
CA ASN I 164 -44.74 -45.44 15.24
C ASN I 164 -43.45 -46.23 15.42
N SER I 165 -42.39 -45.55 15.86
CA SER I 165 -41.13 -46.21 16.22
C SER I 165 -40.24 -45.25 17.00
N GLU I 166 -40.72 -44.03 17.23
CA GLU I 166 -40.02 -43.02 18.01
C GLU I 166 -38.67 -42.66 17.41
N GLU I 167 -37.68 -43.56 17.54
CA GLU I 167 -36.34 -43.27 17.04
C GLU I 167 -36.33 -43.11 15.53
N ILE I 168 -37.25 -43.77 14.82
CA ILE I 168 -37.28 -43.68 13.37
C ILE I 168 -37.97 -42.41 12.91
N ARG I 169 -38.99 -41.94 13.64
CA ARG I 169 -39.66 -40.70 13.27
C ARG I 169 -38.75 -39.49 13.42
N GLU I 170 -37.70 -39.59 14.22
CA GLU I 170 -36.75 -38.49 14.34
C GLU I 170 -36.00 -38.25 13.05
N LYS I 171 -35.83 -39.30 12.23
CA LYS I 171 -35.15 -39.16 10.95
C LYS I 171 -36.09 -38.72 9.84
N LEU I 172 -37.40 -38.96 10.00
CA LEU I 172 -38.34 -38.57 8.95
C LEU I 172 -38.53 -37.06 8.90
N PHE I 173 -38.62 -36.42 10.07
CA PHE I 173 -38.81 -34.97 10.15
C PHE I 173 -37.47 -34.26 10.41
N LYS I 174 -36.47 -34.61 9.63
CA LYS I 174 -35.13 -34.03 9.77
C LYS I 174 -35.00 -32.80 8.88
N ASN I 175 -34.21 -31.83 9.36
CA ASN I 175 -33.92 -30.58 8.65
C ASN I 175 -35.18 -29.76 8.40
N ILE I 176 -36.24 -30.01 9.15
CA ILE I 176 -37.51 -29.30 9.01
C ILE I 176 -37.67 -28.36 10.20
N ARG I 177 -37.90 -27.08 9.92
CA ARG I 177 -37.99 -26.06 10.94
C ARG I 177 -39.31 -25.32 10.83
N LEU I 178 -39.76 -24.77 11.95
CA LEU I 178 -40.99 -23.99 12.02
C LEU I 178 -40.63 -22.51 11.90
N LEU I 179 -40.71 -21.98 10.70
CA LEU I 179 -40.45 -20.57 10.48
C LEU I 179 -41.62 -19.74 11.03
N PRO I 180 -41.37 -18.83 11.97
CA PRO I 180 -42.46 -18.03 12.53
C PRO I 180 -43.02 -17.06 11.49
N SER I 181 -44.19 -16.52 11.80
CA SER I 181 -44.90 -15.61 10.91
C SER I 181 -44.70 -14.17 11.36
N ARG I 182 -44.24 -13.33 10.43
CA ARG I 182 -44.15 -11.91 10.71
C ARG I 182 -45.51 -11.28 10.94
N ALA I 183 -46.55 -11.85 10.33
CA ALA I 183 -47.90 -11.28 10.42
C ALA I 183 -48.56 -11.56 11.76
N LYS I 184 -48.62 -12.84 12.15
CA LYS I 184 -49.32 -13.22 13.37
C LYS I 184 -48.67 -12.66 14.63
N PHE I 185 -47.38 -12.32 14.57
CA PHE I 185 -46.66 -11.76 15.70
C PHE I 185 -46.45 -10.26 15.57
N ARG I 186 -47.27 -9.57 14.78
CA ARG I 186 -47.12 -8.13 14.62
C ARG I 186 -47.31 -7.39 15.94
N LYS I 187 -48.15 -7.93 16.83
CA LYS I 187 -48.43 -7.25 18.10
C LYS I 187 -47.21 -7.26 19.01
N GLN I 188 -46.45 -8.36 19.01
CA GLN I 188 -45.28 -8.46 19.87
C GLN I 188 -44.04 -7.83 19.25
N ILE I 189 -43.90 -7.89 17.93
CA ILE I 189 -42.74 -7.28 17.27
C ILE I 189 -42.78 -5.76 17.43
N GLU I 190 -43.93 -5.16 17.14
CA GLU I 190 -44.08 -3.71 17.32
C GLU I 190 -43.97 -3.31 18.79
N LYS I 191 -44.26 -4.23 19.71
CA LYS I 191 -44.11 -3.95 21.13
C LYS I 191 -42.67 -4.03 21.60
N TRP I 192 -41.83 -4.76 20.87
CA TRP I 192 -40.40 -4.84 21.16
C TRP I 192 -39.59 -3.77 20.46
N ALA I 193 -40.25 -2.82 19.80
CA ALA I 193 -39.54 -1.75 19.10
C ALA I 193 -38.95 -0.74 20.09
N ALA I 194 -39.83 -0.06 20.83
CA ALA I 194 -39.40 0.91 21.83
C ALA I 194 -39.28 0.23 23.20
N SER I 195 -40.43 -0.09 23.80
CA SER I 195 -40.44 -0.75 25.10
C SER I 195 -40.28 -2.25 24.94
N ARG J 7 -22.33 41.21 22.63
CA ARG J 7 -21.93 40.54 21.39
C ARG J 7 -20.50 40.93 20.99
N CYS J 8 -19.56 40.00 21.19
CA CYS J 8 -18.15 40.25 20.88
C CYS J 8 -17.78 39.43 19.66
N GLU J 9 -17.18 38.25 19.81
CA GLU J 9 -16.79 37.43 18.68
C GLU J 9 -16.28 36.09 19.21
N LEU J 10 -16.43 35.05 18.40
CA LEU J 10 -16.03 33.70 18.77
C LEU J 10 -15.21 33.05 17.65
N LYS J 11 -14.34 32.13 18.07
CA LYS J 11 -13.51 31.32 17.18
C LYS J 11 -12.86 30.22 18.00
N LEU J 12 -12.61 29.08 17.36
CA LEU J 12 -11.99 27.93 18.01
C LEU J 12 -10.47 28.09 17.96
N ILE J 13 -9.85 28.10 19.13
CA ILE J 13 -8.41 28.32 19.27
C ILE J 13 -7.80 27.14 20.01
N ALA J 14 -6.77 26.54 19.41
CA ALA J 14 -6.06 25.41 20.00
C ALA J 14 -4.61 25.82 20.26
N SER J 15 -4.43 26.70 21.23
CA SER J 15 -3.09 27.15 21.60
C SER J 15 -2.38 26.05 22.39
N PRO J 16 -1.03 26.10 22.46
CA PRO J 16 -0.29 25.05 23.18
C PRO J 16 -0.68 24.91 24.64
N GLY J 17 -0.47 25.96 25.44
CA GLY J 17 -0.73 25.85 26.86
C GLY J 17 -1.48 27.03 27.47
N SER J 18 -2.67 27.31 26.98
CA SER J 18 -3.51 28.36 27.55
C SER J 18 -4.51 27.84 28.57
N TRP J 19 -4.92 26.57 28.47
CA TRP J 19 -5.80 26.01 29.49
C TRP J 19 -5.08 25.86 30.83
N ARG J 20 -3.76 25.70 30.80
CA ARG J 20 -2.98 25.62 32.03
C ARG J 20 -3.05 26.92 32.82
N LEU J 21 -3.28 28.04 32.15
CA LEU J 21 -3.19 29.34 32.82
C LEU J 21 -4.43 29.65 33.64
N TYR J 22 -5.58 29.80 32.98
CA TYR J 22 -6.78 30.26 33.69
C TYR J 22 -7.40 29.18 34.55
N SER J 23 -7.12 27.90 34.27
CA SER J 23 -7.68 26.84 35.10
C SER J 23 -7.13 26.89 36.52
N ALA J 24 -5.87 27.29 36.67
CA ALA J 24 -5.33 27.56 38.00
C ALA J 24 -5.80 28.92 38.52
N ARG J 25 -5.96 29.90 37.62
CA ARG J 25 -6.52 31.18 38.01
C ARG J 25 -7.96 31.04 38.49
N LYS J 26 -8.67 30.02 37.99
CA LYS J 26 -10.07 29.84 38.35
C LYS J 26 -10.25 29.61 39.84
N ILE J 27 -9.23 29.07 40.51
CA ILE J 27 -9.33 28.74 41.93
C ILE J 27 -8.31 29.54 42.72
N ASP J 28 -8.39 30.87 42.65
CA ASP J 28 -7.48 31.75 43.35
C ASP J 28 -8.27 32.71 44.24
N GLU J 29 -7.62 33.14 45.33
CA GLU J 29 -8.25 34.09 46.23
C GLU J 29 -8.25 35.49 45.64
N ARG J 30 -7.08 35.96 45.20
CA ARG J 30 -6.98 37.29 44.60
C ARG J 30 -7.77 37.40 43.31
N PHE J 31 -8.06 36.29 42.64
CA PHE J 31 -8.90 36.33 41.45
C PHE J 31 -10.38 36.36 41.80
N LYS J 32 -10.78 35.60 42.82
CA LYS J 32 -12.19 35.49 43.19
C LYS J 32 -12.80 36.81 43.64
N SER J 33 -11.97 37.83 43.93
CA SER J 33 -12.49 39.13 44.33
C SER J 33 -12.99 39.88 43.10
N TYR J 34 -12.06 40.31 42.24
CA TYR J 34 -12.43 41.20 41.14
C TYR J 34 -13.10 40.47 39.99
N GLU J 35 -13.12 39.14 39.98
CA GLU J 35 -13.88 38.44 38.95
C GLU J 35 -15.38 38.62 39.16
N GLN J 36 -15.82 38.61 40.42
CA GLN J 36 -17.23 38.84 40.73
C GLN J 36 -17.60 40.31 40.59
N LYS J 37 -16.63 41.22 40.62
CA LYS J 37 -16.90 42.61 40.29
C LYS J 37 -16.90 42.84 38.78
N ILE J 38 -16.15 42.02 38.04
CA ILE J 38 -16.15 42.10 36.58
C ILE J 38 -17.25 41.27 35.95
N PHE J 39 -17.61 40.14 36.56
CA PHE J 39 -18.71 39.34 36.03
C PHE J 39 -20.05 40.05 36.18
N GLN J 40 -20.20 40.87 37.21
CA GLN J 40 -21.46 41.59 37.41
C GLN J 40 -21.49 42.92 36.68
N ARG J 41 -20.35 43.59 36.51
CA ARG J 41 -20.32 44.84 35.77
C ARG J 41 -20.46 44.62 34.27
N ASP J 42 -20.18 43.41 33.78
CA ASP J 42 -20.27 43.09 32.36
C ASP J 42 -21.63 42.46 32.04
N ARG J 43 -22.68 43.13 32.52
CA ARG J 43 -24.07 42.75 32.26
C ARG J 43 -24.45 41.39 32.85
N TYR J 44 -23.51 40.72 33.51
CA TYR J 44 -23.73 39.38 34.09
C TYR J 44 -24.33 38.42 33.06
N THR J 45 -23.90 38.55 31.81
CA THR J 45 -24.39 37.72 30.72
C THR J 45 -23.23 37.45 29.77
N CYS J 46 -23.24 36.25 29.18
CA CYS J 46 -22.19 35.88 28.23
C CYS J 46 -22.13 36.88 27.09
N GLN J 47 -20.91 37.35 26.79
CA GLN J 47 -20.70 38.38 25.78
C GLN J 47 -20.55 37.83 24.38
N PHE J 48 -21.05 36.62 24.12
CA PHE J 48 -20.99 36.04 22.79
C PHE J 48 -22.38 35.59 22.35
N CYS J 49 -22.89 34.55 23.01
CA CYS J 49 -24.24 34.07 22.72
C CYS J 49 -25.30 34.89 23.44
N GLY J 50 -25.06 35.21 24.71
CA GLY J 50 -25.99 35.99 25.49
C GLY J 50 -26.82 35.17 26.45
N PHE J 51 -26.19 34.18 27.10
CA PHE J 51 -26.87 33.35 28.07
C PHE J 51 -26.71 33.97 29.46
N GLN J 52 -27.83 34.31 30.08
CA GLN J 52 -27.84 34.90 31.41
C GLN J 52 -27.95 33.81 32.46
N ALA J 53 -27.05 33.84 33.44
CA ALA J 53 -27.03 32.82 34.49
C ALA J 53 -26.32 33.38 35.70
N ARG J 54 -26.81 33.00 36.88
CA ARG J 54 -26.19 33.39 38.14
C ARG J 54 -25.17 32.36 38.63
N LEU J 55 -25.14 31.17 38.05
CA LEU J 55 -24.23 30.11 38.47
C LEU J 55 -23.53 29.52 37.26
N TYR J 56 -22.36 28.94 37.52
CA TYR J 56 -21.56 28.23 36.53
C TYR J 56 -21.23 29.14 35.33
N GLN J 57 -20.34 30.09 35.60
CA GLN J 57 -19.84 31.02 34.59
C GLN J 57 -18.32 31.07 34.67
N ASP J 58 -17.68 31.22 33.51
CA ASP J 58 -16.24 31.31 33.41
C ASP J 58 -15.83 32.71 32.99
N ILE J 59 -14.52 32.96 33.05
CA ILE J 59 -13.93 34.22 32.62
C ILE J 59 -12.85 33.92 31.59
N VAL J 60 -12.92 34.59 30.44
CA VAL J 60 -12.01 34.34 29.33
C VAL J 60 -11.38 35.66 28.90
N ASN J 61 -10.19 35.56 28.31
CA ASN J 61 -9.47 36.72 27.80
C ASN J 61 -9.62 36.80 26.29
N LEU J 62 -9.95 37.99 25.79
CA LEU J 62 -10.20 38.16 24.37
C LEU J 62 -8.94 37.90 23.54
N ASP J 63 -7.80 38.35 24.02
CA ASP J 63 -6.55 38.20 23.27
C ASP J 63 -5.98 36.79 23.35
N GLY J 64 -6.63 35.87 24.04
CA GLY J 64 -6.18 34.49 24.10
C GLY J 64 -4.98 34.26 25.00
N ASP J 65 -4.19 35.31 25.23
CA ASP J 65 -3.00 35.23 26.07
C ASP J 65 -3.39 35.62 27.49
N TYR J 66 -3.61 34.62 28.33
CA TYR J 66 -4.10 34.83 29.69
C TYR J 66 -3.02 35.33 30.65
N THR J 67 -1.88 35.80 30.14
CA THR J 67 -0.85 36.38 30.97
C THR J 67 -1.11 37.85 31.28
N ASN J 68 -2.24 38.40 30.84
CA ASN J 68 -2.56 39.81 30.99
C ASN J 68 -3.94 39.92 31.62
N ASN J 69 -3.99 40.34 32.88
CA ASN J 69 -5.25 40.39 33.62
C ASN J 69 -5.78 41.81 33.74
N ARG J 70 -5.99 42.48 32.61
CA ARG J 70 -6.60 43.80 32.62
C ARG J 70 -8.11 43.68 32.47
N LEU J 71 -8.83 44.63 33.08
CA LEU J 71 -10.28 44.56 33.11
C LEU J 71 -10.88 44.74 31.72
N SER J 72 -10.24 45.52 30.86
CA SER J 72 -10.71 45.72 29.49
C SER J 72 -10.37 44.56 28.57
N ASN J 73 -10.13 43.38 29.13
CA ASN J 73 -9.89 42.17 28.34
C ASN J 73 -10.58 40.94 28.91
N LEU J 74 -11.09 40.99 30.14
CA LEU J 74 -11.81 39.87 30.73
C LEU J 74 -13.30 40.04 30.45
N VAL J 75 -13.91 39.04 29.82
CA VAL J 75 -15.33 39.09 29.48
C VAL J 75 -16.03 37.88 30.07
N THR J 76 -17.31 38.05 30.34
CA THR J 76 -18.13 36.95 30.86
C THR J 76 -18.49 35.99 29.74
N ALA J 77 -18.41 34.69 30.04
CA ALA J 77 -18.75 33.66 29.07
C ALA J 77 -19.23 32.42 29.79
N CYS J 78 -20.15 31.70 29.16
CA CYS J 78 -20.65 30.45 29.70
C CYS J 78 -19.72 29.30 29.33
N CYS J 79 -20.02 28.11 29.84
CA CYS J 79 -19.16 26.96 29.60
C CYS J 79 -19.21 26.51 28.14
N PHE J 80 -20.31 26.79 27.45
CA PHE J 80 -20.43 26.39 26.04
C PHE J 80 -19.42 27.11 25.18
N CYS J 81 -19.19 28.40 25.45
CA CYS J 81 -18.25 29.19 24.67
C CYS J 81 -16.86 29.25 25.27
N ALA J 82 -16.73 28.94 26.57
CA ALA J 82 -15.41 29.01 27.20
C ALA J 82 -14.47 27.94 26.66
N GLN J 83 -14.98 26.72 26.46
CA GLN J 83 -14.16 25.64 25.94
C GLN J 83 -13.80 25.83 24.46
N CYS J 84 -14.33 26.85 23.80
CA CYS J 84 -13.97 27.12 22.42
C CYS J 84 -12.57 27.71 22.28
N PHE J 85 -12.07 28.35 23.32
CA PHE J 85 -10.70 28.87 23.32
C PHE J 85 -9.70 27.85 23.83
N PHE J 86 -10.16 26.65 24.20
CA PHE J 86 -9.30 25.58 24.70
C PHE J 86 -9.72 24.26 24.06
N VAL J 87 -9.85 24.27 22.73
CA VAL J 87 -10.29 23.07 22.01
C VAL J 87 -9.32 21.91 22.24
N GLU J 88 -8.04 22.22 22.45
CA GLU J 88 -7.04 21.19 22.70
C GLU J 88 -7.23 20.50 24.04
N SER J 89 -8.14 20.98 24.89
CA SER J 89 -8.33 20.42 26.22
C SER J 89 -9.72 19.86 26.47
N VAL J 90 -10.67 20.07 25.56
CA VAL J 90 -12.04 19.63 25.79
C VAL J 90 -12.08 18.12 25.88
N GLY J 91 -12.71 17.61 26.94
CA GLY J 91 -12.76 16.18 27.22
C GLY J 91 -11.57 15.65 27.99
N VAL J 92 -10.38 16.24 27.79
CA VAL J 92 -9.19 15.83 28.52
C VAL J 92 -9.17 16.54 29.87
N GLY J 93 -9.16 15.77 30.95
CA GLY J 93 -9.17 16.31 32.28
C GLY J 93 -10.53 16.58 32.87
N GLY J 94 -11.60 16.04 32.27
CA GLY J 94 -12.94 16.29 32.75
C GLY J 94 -13.48 17.67 32.50
N TYR J 95 -12.79 18.47 31.69
CA TYR J 95 -13.24 19.83 31.39
C TYR J 95 -14.24 19.78 30.24
N GLY J 96 -15.51 19.60 30.60
CA GLY J 96 -16.61 19.60 29.65
C GLY J 96 -16.46 18.54 28.56
N GLY J 97 -17.24 18.73 27.51
CA GLY J 97 -17.21 17.82 26.38
C GLY J 97 -17.73 18.50 25.14
N GLY J 98 -17.43 17.88 23.99
CA GLY J 98 -17.86 18.43 22.72
C GLY J 98 -17.54 17.46 21.60
N THR J 99 -18.05 17.80 20.41
CA THR J 99 -17.83 16.98 19.23
C THR J 99 -17.82 17.91 18.02
N LEU J 100 -16.65 18.04 17.38
CA LEU J 100 -16.51 18.94 16.24
C LEU J 100 -17.36 18.45 15.07
N ILE J 101 -18.08 19.38 14.45
CA ILE J 101 -18.97 19.08 13.34
C ILE J 101 -18.69 20.08 12.22
N TYR J 102 -19.12 19.69 11.01
CA TYR J 102 -19.01 20.54 9.83
C TYR J 102 -20.36 21.25 9.66
N LEU J 103 -20.45 22.46 10.21
CA LEU J 103 -21.67 23.26 10.19
C LEU J 103 -21.32 24.64 9.67
N PRO J 104 -21.16 24.76 8.34
CA PRO J 104 -20.77 26.07 7.77
C PRO J 104 -21.84 27.14 7.89
N GLU J 105 -23.09 26.76 8.12
CA GLU J 105 -24.18 27.73 8.08
C GLU J 105 -24.16 28.65 9.30
N LEU J 106 -24.19 28.07 10.49
CA LEU J 106 -24.22 28.85 11.72
C LEU J 106 -22.81 29.19 12.19
N THR J 107 -22.74 30.15 13.09
CA THR J 107 -21.50 30.48 13.80
C THR J 107 -21.49 29.78 15.15
N GLN J 108 -20.33 29.82 15.81
CA GLN J 108 -20.23 29.25 17.16
C GLN J 108 -21.09 30.02 18.15
N ALA J 109 -21.35 31.30 17.88
CA ALA J 109 -22.22 32.08 18.77
C ALA J 109 -23.68 31.70 18.58
N GLU J 110 -24.08 31.38 17.35
CA GLU J 110 -25.46 30.98 17.10
C GLU J 110 -25.73 29.56 17.60
N LEU J 111 -24.80 28.64 17.33
CA LEU J 111 -25.00 27.25 17.74
C LEU J 111 -25.00 27.11 19.26
N ASN J 112 -24.14 27.85 19.95
CA ASN J 112 -24.07 27.74 21.41
C ASN J 112 -25.34 28.27 22.06
N SER J 113 -25.80 29.45 21.64
CA SER J 113 -27.06 29.97 22.14
C SER J 113 -28.22 29.05 21.80
N LEU J 114 -28.15 28.36 20.66
CA LEU J 114 -29.21 27.45 20.27
C LEU J 114 -29.30 26.24 21.18
N CYS J 115 -28.17 25.78 21.71
CA CYS J 115 -28.18 24.57 22.53
C CYS J 115 -28.77 24.82 23.91
N HIS J 116 -28.64 26.05 24.43
CA HIS J 116 -29.19 26.36 25.75
C HIS J 116 -30.70 26.14 25.80
N VAL J 117 -31.40 26.54 24.73
CA VAL J 117 -32.84 26.31 24.68
C VAL J 117 -33.12 24.83 24.40
N LEU J 118 -32.26 24.17 23.62
CA LEU J 118 -32.44 22.73 23.39
C LEU J 118 -32.34 21.95 24.68
N PHE J 119 -31.35 22.28 25.51
CA PHE J 119 -31.18 21.60 26.80
C PHE J 119 -32.14 22.11 27.86
N CYS J 120 -32.79 23.26 27.62
CA CYS J 120 -33.87 23.69 28.49
C CYS J 120 -35.16 22.93 28.20
N ALA J 121 -35.32 22.45 26.97
CA ALA J 121 -36.50 21.69 26.58
C ALA J 121 -36.33 20.18 26.74
N ILE J 122 -35.12 19.70 27.03
CA ILE J 122 -34.89 18.27 27.26
C ILE J 122 -35.02 17.92 28.73
N THR J 123 -34.36 18.68 29.60
CA THR J 123 -34.45 18.43 31.04
C THR J 123 -35.83 18.83 31.57
N ASN J 124 -36.19 20.09 31.40
CA ASN J 124 -37.52 20.58 31.78
C ASN J 124 -38.50 20.18 30.68
N ASP J 125 -38.90 18.92 30.71
CA ASP J 125 -39.77 18.36 29.68
C ASP J 125 -41.12 19.07 29.66
N THR J 126 -41.22 20.15 28.88
CA THR J 126 -42.47 20.85 28.68
C THR J 126 -43.23 20.34 27.46
N GLY J 127 -42.94 19.12 27.01
CA GLY J 127 -43.61 18.54 25.87
C GLY J 127 -42.88 18.67 24.54
N TYR J 128 -41.66 19.21 24.54
CA TYR J 128 -40.91 19.43 23.32
C TYR J 128 -39.53 18.77 23.41
N LYS J 129 -39.43 17.67 24.16
CA LYS J 129 -38.13 17.02 24.36
C LYS J 129 -37.69 16.29 23.09
N SER J 130 -38.60 15.52 22.48
CA SER J 130 -38.24 14.78 21.27
C SER J 130 -37.89 15.73 20.13
N SER J 131 -38.57 16.87 20.05
CA SER J 131 -38.25 17.85 19.02
C SER J 131 -36.83 18.36 19.15
N ALA J 132 -36.33 18.46 20.38
CA ALA J 132 -34.96 18.94 20.59
C ALA J 132 -33.94 17.86 20.28
N GLN J 133 -34.20 16.61 20.68
CA GLN J 133 -33.26 15.53 20.42
C GLN J 133 -33.11 15.25 18.94
N ASN J 134 -34.16 15.44 18.15
CA ASN J 134 -34.06 15.22 16.70
C ASN J 134 -33.26 16.29 15.99
N ILE J 135 -32.91 17.38 16.66
CA ILE J 135 -32.05 18.41 16.09
C ILE J 135 -30.64 18.34 16.68
N TYR J 136 -30.54 18.03 17.98
CA TYR J 136 -29.23 17.82 18.58
C TYR J 136 -28.51 16.64 17.93
N ARG J 137 -29.25 15.68 17.38
CA ARG J 137 -28.68 14.57 16.65
C ARG J 137 -28.64 14.82 15.14
N SER J 138 -29.31 15.87 14.66
CA SER J 138 -29.13 16.30 13.28
C SER J 138 -27.85 17.09 13.08
N PHE J 139 -27.27 17.60 14.17
CA PHE J 139 -26.00 18.31 14.14
C PHE J 139 -24.82 17.41 14.48
N LYS J 140 -24.97 16.54 15.47
CA LYS J 140 -23.92 15.59 15.81
C LYS J 140 -23.66 14.59 14.70
N PHE J 141 -24.53 14.54 13.69
CA PHE J 141 -24.28 13.71 12.51
C PHE J 141 -23.11 14.24 11.69
N ARG J 142 -22.90 15.56 11.69
CA ARG J 142 -21.83 16.17 10.91
C ARG J 142 -20.44 15.83 11.42
N SER J 143 -20.34 15.20 12.60
CA SER J 143 -19.04 14.81 13.13
C SER J 143 -18.32 13.84 12.21
N GLN J 144 -19.05 13.12 11.36
CA GLN J 144 -18.40 12.27 10.35
C GLN J 144 -17.67 13.11 9.32
N ILE J 145 -18.28 14.22 8.89
CA ILE J 145 -17.68 15.06 7.86
C ILE J 145 -16.33 15.60 8.32
N VAL J 146 -16.19 15.87 9.62
CA VAL J 146 -14.89 16.25 10.15
C VAL J 146 -13.90 15.09 10.02
N GLU J 147 -14.38 13.87 10.25
CA GLU J 147 -13.51 12.70 10.11
C GLU J 147 -13.33 12.26 8.66
N GLU J 148 -14.17 12.74 7.75
CA GLU J 148 -13.92 12.54 6.33
C GLU J 148 -12.70 13.32 5.88
N LYS J 149 -12.61 14.58 6.29
CA LYS J 149 -11.58 15.48 5.78
C LYS J 149 -10.26 15.31 6.54
N PHE J 150 -10.32 15.15 7.86
CA PHE J 150 -9.13 15.15 8.70
C PHE J 150 -8.76 13.77 9.25
N GLY J 151 -9.56 12.74 8.96
CA GLY J 151 -9.26 11.40 9.42
C GLY J 151 -9.99 11.05 10.70
N GLU J 152 -9.74 9.83 11.15
CA GLU J 152 -10.48 9.28 12.28
C GLU J 152 -10.03 9.90 13.59
N GLY J 153 -10.96 9.97 14.55
CA GLY J 153 -10.70 10.57 15.84
C GLY J 153 -10.83 12.08 15.89
N THR J 154 -10.67 12.76 14.75
CA THR J 154 -10.72 14.23 14.73
C THR J 154 -12.10 14.77 15.08
N SER J 155 -13.14 13.94 15.12
CA SER J 155 -14.43 14.39 15.62
C SER J 155 -14.35 14.76 17.09
N ASP J 156 -13.37 14.23 17.81
CA ASP J 156 -13.13 14.64 19.19
C ASP J 156 -12.26 15.90 19.20
N PRO J 157 -12.64 16.92 19.97
CA PRO J 157 -11.89 18.19 19.92
C PRO J 157 -10.45 18.08 20.42
N ALA J 158 -10.15 17.09 21.26
CA ALA J 158 -8.78 16.95 21.77
C ALA J 158 -7.87 16.29 20.74
N ILE J 159 -8.37 15.25 20.06
CA ILE J 159 -7.57 14.58 19.03
C ILE J 159 -7.28 15.54 17.88
N PHE J 160 -8.25 16.36 17.52
CA PHE J 160 -8.03 17.37 16.48
C PHE J 160 -7.12 18.48 16.97
N GLY J 161 -7.16 18.81 18.26
CA GLY J 161 -6.37 19.91 18.78
C GLY J 161 -4.88 19.63 18.77
N GLN J 162 -4.49 18.35 18.86
CA GLN J 162 -3.08 18.01 18.90
C GLN J 162 -2.49 17.74 17.52
N LEU J 163 -3.31 17.29 16.57
CA LEU J 163 -2.81 17.09 15.21
C LEU J 163 -2.33 18.39 14.59
N MET J 164 -2.93 19.52 14.99
CA MET J 164 -2.49 20.81 14.48
C MET J 164 -1.19 21.25 15.13
N ILE J 165 -1.02 20.96 16.42
CA ILE J 165 0.23 21.27 17.10
C ILE J 165 1.34 20.32 16.69
N ASP J 166 0.99 19.12 16.21
CA ASP J 166 1.98 18.15 15.76
C ASP J 166 2.51 18.46 14.36
N SER J 167 1.88 19.37 13.63
CA SER J 167 2.24 19.66 12.25
C SER J 167 3.00 20.96 12.07
N GLY J 168 2.71 21.97 12.89
CA GLY J 168 3.36 23.25 12.75
C GLY J 168 2.38 24.41 12.68
N VAL J 169 1.10 24.10 12.89
CA VAL J 169 0.06 25.12 12.88
C VAL J 169 0.25 26.06 14.06
N ASN J 170 0.79 27.25 13.80
CA ASN J 170 1.01 28.25 14.82
C ASN J 170 0.29 29.56 14.53
N SER J 171 0.26 30.00 13.27
CA SER J 171 -0.25 31.31 12.92
C SER J 171 -1.76 31.38 13.13
N GLU J 172 -2.31 32.59 12.94
CA GLU J 172 -3.74 32.79 13.05
C GLU J 172 -4.48 32.33 11.81
N GLU J 173 -3.95 32.63 10.63
CA GLU J 173 -4.65 32.29 9.40
C GLU J 173 -4.70 30.78 9.19
N ILE J 174 -3.56 30.10 9.37
CA ILE J 174 -3.54 28.64 9.29
C ILE J 174 -4.52 28.04 10.28
N ARG J 175 -4.75 28.73 11.41
CA ARG J 175 -5.73 28.25 12.38
C ARG J 175 -7.16 28.45 11.89
N GLU J 176 -7.43 29.60 11.28
CA GLU J 176 -8.80 29.89 10.84
C GLU J 176 -9.25 28.95 9.74
N LYS J 177 -8.44 28.84 8.68
CA LYS J 177 -8.82 28.08 7.50
C LYS J 177 -9.11 26.62 7.82
N LEU J 178 -8.47 26.08 8.85
CA LEU J 178 -8.74 24.69 9.24
C LEU J 178 -10.05 24.59 10.01
N PHE J 179 -10.24 25.46 11.02
CA PHE J 179 -11.53 25.52 11.69
C PHE J 179 -12.61 26.18 10.85
N LYS J 180 -12.33 26.52 9.60
CA LYS J 180 -13.37 27.07 8.73
C LYS J 180 -14.51 26.07 8.57
N ASN J 181 -15.73 26.52 8.85
CA ASN J 181 -16.93 25.70 8.78
C ASN J 181 -16.89 24.56 9.79
N ILE J 182 -16.18 24.77 10.90
CA ILE J 182 -16.07 23.78 11.97
C ILE J 182 -16.52 24.43 13.28
N ARG J 183 -17.54 23.86 13.89
CA ARG J 183 -18.04 24.30 15.19
C ARG J 183 -17.85 23.18 16.21
N LEU J 184 -17.75 23.56 17.47
CA LEU J 184 -17.60 22.62 18.58
C LEU J 184 -18.98 22.44 19.21
N LEU J 185 -19.68 21.39 18.79
CA LEU J 185 -21.00 21.10 19.34
C LEU J 185 -20.85 20.56 20.76
N PRO J 186 -21.36 21.24 21.78
CA PRO J 186 -21.19 20.76 23.15
C PRO J 186 -21.94 19.47 23.39
N SER J 187 -21.40 18.67 24.31
CA SER J 187 -21.99 17.38 24.66
C SER J 187 -22.95 17.56 25.83
N ARG J 188 -24.16 17.01 25.68
CA ARG J 188 -25.20 17.20 26.69
C ARG J 188 -24.87 16.47 27.99
N ALA J 189 -24.38 15.23 27.88
CA ALA J 189 -24.09 14.45 29.08
C ALA J 189 -22.96 15.05 29.91
N LYS J 190 -22.07 15.84 29.30
CA LYS J 190 -20.95 16.42 30.04
C LYS J 190 -21.33 17.68 30.81
N PHE J 191 -22.48 18.28 30.50
CA PHE J 191 -22.91 19.51 31.15
C PHE J 191 -24.24 19.34 31.88
N ARG J 192 -24.65 18.11 32.18
CA ARG J 192 -25.96 17.89 32.78
C ARG J 192 -26.06 18.48 34.17
N LYS J 193 -24.95 18.56 34.90
CA LYS J 193 -24.99 19.17 36.23
C LYS J 193 -25.21 20.67 36.15
N GLN J 194 -24.67 21.33 35.11
CA GLN J 194 -24.85 22.76 34.95
C GLN J 194 -26.22 23.09 34.36
N ILE J 195 -26.72 22.27 33.44
CA ILE J 195 -27.99 22.54 32.78
C ILE J 195 -29.14 22.41 33.77
N GLU J 196 -29.18 21.31 34.51
CA GLU J 196 -30.24 21.13 35.51
C GLU J 196 -30.18 22.21 36.58
N LYS J 197 -28.99 22.71 36.89
CA LYS J 197 -28.86 23.78 37.88
C LYS J 197 -29.49 25.07 37.38
N TRP J 198 -29.37 25.35 36.08
CA TRP J 198 -29.96 26.55 35.50
C TRP J 198 -31.48 26.50 35.52
N ALA J 199 -32.08 25.33 35.67
CA ALA J 199 -33.53 25.20 35.69
C ALA J 199 -34.15 25.66 37.00
N ALA J 200 -33.38 25.67 38.09
CA ALA J 200 -33.91 26.03 39.40
C ALA J 200 -33.18 27.18 40.07
N SER J 201 -32.06 27.65 39.51
CA SER J 201 -31.29 28.73 40.11
C SER J 201 -32.05 30.05 40.08
N ARG K 7 41.52 -26.21 4.66
CA ARG K 7 41.76 -27.35 5.53
C ARG K 7 42.99 -28.12 5.08
N CYS K 8 43.32 -29.18 5.83
CA CYS K 8 44.42 -30.06 5.46
C CYS K 8 43.89 -31.18 4.58
N GLU K 9 44.72 -32.20 4.33
CA GLU K 9 44.37 -33.30 3.45
C GLU K 9 44.49 -34.62 4.20
N LEU K 10 43.59 -35.55 3.89
CA LEU K 10 43.55 -36.86 4.54
C LEU K 10 44.04 -37.95 3.59
N LYS K 11 44.53 -39.03 4.19
CA LYS K 11 45.05 -40.18 3.48
C LYS K 11 45.37 -41.28 4.49
N LEU K 12 45.10 -42.53 4.11
CA LEU K 12 45.35 -43.65 5.01
C LEU K 12 46.85 -43.97 5.05
N ILE K 13 47.37 -44.16 6.25
CA ILE K 13 48.79 -44.37 6.47
C ILE K 13 48.98 -45.64 7.30
N ALA K 14 49.74 -46.59 6.77
CA ALA K 14 50.10 -47.82 7.48
C ALA K 14 51.57 -47.70 7.85
N SER K 15 51.83 -47.24 9.08
CA SER K 15 53.19 -47.01 9.54
C SER K 15 53.72 -48.22 10.29
N PRO K 16 54.96 -48.62 10.01
CA PRO K 16 55.50 -49.83 10.67
C PRO K 16 55.56 -49.72 12.18
N GLY K 17 55.93 -48.57 12.72
CA GLY K 17 56.04 -48.42 14.16
C GLY K 17 55.82 -47.01 14.65
N SER K 18 55.20 -46.16 13.84
CA SER K 18 54.93 -44.79 14.25
C SER K 18 53.76 -44.69 15.23
N TRP K 19 52.94 -45.73 15.35
CA TRP K 19 51.90 -45.71 16.36
C TRP K 19 52.50 -45.90 17.75
N ARG K 20 53.52 -46.75 17.87
CA ARG K 20 54.22 -46.91 19.15
C ARG K 20 54.76 -45.58 19.64
N LEU K 21 55.35 -44.78 18.74
CA LEU K 21 55.84 -43.47 19.10
C LEU K 21 54.68 -42.54 19.48
N TYR K 22 53.61 -42.57 18.70
CA TYR K 22 52.49 -41.65 18.92
C TYR K 22 51.83 -41.89 20.27
N SER K 23 51.60 -43.16 20.63
CA SER K 23 50.97 -43.46 21.90
C SER K 23 51.84 -43.03 23.07
N ALA K 24 53.16 -43.14 22.93
CA ALA K 24 54.05 -42.73 24.01
C ALA K 24 54.02 -41.22 24.22
N ARG K 25 53.88 -40.46 23.13
CA ARG K 25 53.84 -39.00 23.24
C ARG K 25 52.59 -38.54 23.99
N LYS K 26 51.57 -39.37 24.10
CA LYS K 26 50.35 -39.01 24.81
C LYS K 26 50.47 -39.21 26.31
N ILE K 27 51.37 -40.07 26.77
CA ILE K 27 51.51 -40.36 28.19
C ILE K 27 52.78 -39.71 28.72
N ASP K 28 52.94 -38.41 28.43
CA ASP K 28 54.12 -37.67 28.87
C ASP K 28 53.68 -36.28 29.31
N GLU K 29 54.13 -35.88 30.50
CA GLU K 29 53.80 -34.55 31.02
C GLU K 29 54.39 -33.43 30.15
N ARG K 30 55.44 -33.74 29.38
CA ARG K 30 56.03 -32.73 28.50
C ARG K 30 55.10 -32.41 27.34
N PHE K 31 54.69 -33.44 26.60
CA PHE K 31 53.83 -33.21 25.43
C PHE K 31 52.44 -32.76 25.83
N LYS K 32 52.01 -33.02 27.06
CA LYS K 32 50.71 -32.54 27.52
C LYS K 32 50.69 -31.02 27.64
N SER K 33 51.84 -30.40 27.89
CA SER K 33 51.90 -28.95 27.99
C SER K 33 51.79 -28.30 26.63
N TYR K 34 52.58 -28.76 25.66
CA TYR K 34 52.52 -28.20 24.31
C TYR K 34 51.23 -28.58 23.59
N GLU K 35 50.51 -29.58 24.08
CA GLU K 35 49.25 -29.97 23.44
C GLU K 35 48.15 -28.96 23.70
N GLN K 36 48.22 -28.24 24.83
CA GLN K 36 47.20 -27.24 25.12
C GLN K 36 47.45 -25.96 24.35
N LYS K 37 48.73 -25.58 24.16
CA LYS K 37 49.04 -24.44 23.31
C LYS K 37 48.77 -24.73 21.85
N ILE K 38 48.73 -26.01 21.46
CA ILE K 38 48.41 -26.36 20.08
C ILE K 38 46.93 -26.65 19.91
N PHE K 39 46.21 -26.96 21.00
CA PHE K 39 44.75 -26.94 20.94
C PHE K 39 44.25 -25.53 20.64
N GLN K 40 44.95 -24.51 21.14
CA GLN K 40 44.52 -23.13 20.93
C GLN K 40 44.91 -22.61 19.55
N ARG K 41 46.07 -23.05 19.03
CA ARG K 41 46.49 -22.60 17.72
C ARG K 41 45.57 -23.11 16.62
N ASP K 42 44.80 -24.16 16.88
CA ASP K 42 43.83 -24.69 15.93
C ASP K 42 42.40 -24.63 16.47
N ARG K 43 42.21 -24.02 17.65
CA ARG K 43 40.89 -23.72 18.19
C ARG K 43 40.06 -24.97 18.42
N TYR K 44 40.69 -25.99 19.03
CA TYR K 44 40.02 -27.24 19.40
C TYR K 44 39.34 -27.92 18.22
N THR K 45 39.68 -27.52 17.00
CA THR K 45 38.99 -27.97 15.80
C THR K 45 39.90 -28.87 14.98
N CYS K 46 39.36 -30.00 14.54
CA CYS K 46 40.10 -30.91 13.67
C CYS K 46 40.38 -30.23 12.33
N GLN K 47 41.63 -30.33 11.87
CA GLN K 47 42.05 -29.67 10.64
C GLN K 47 41.69 -30.44 9.39
N PHE K 48 40.86 -31.48 9.49
CA PHE K 48 40.49 -32.29 8.35
C PHE K 48 39.01 -32.22 8.02
N CYS K 49 38.13 -32.38 9.01
CA CYS K 49 36.70 -32.38 8.78
C CYS K 49 35.99 -31.19 9.41
N GLY K 50 36.59 -30.53 10.40
CA GLY K 50 35.98 -29.40 11.05
C GLY K 50 35.26 -29.70 12.35
N PHE K 51 35.60 -30.79 13.03
CA PHE K 51 34.96 -31.15 14.28
C PHE K 51 35.64 -30.44 15.44
N GLN K 52 34.82 -29.92 16.36
CA GLN K 52 35.30 -29.13 17.49
C GLN K 52 34.75 -29.70 18.78
N ALA K 53 35.62 -29.86 19.78
CA ALA K 53 35.21 -30.39 21.07
C ALA K 53 36.28 -30.05 22.09
N ARG K 54 35.90 -30.12 23.37
CA ARG K 54 36.80 -29.84 24.47
C ARG K 54 37.38 -31.11 25.10
N LEU K 55 37.10 -32.27 24.52
CA LEU K 55 37.60 -33.54 25.05
C LEU K 55 37.91 -34.49 23.91
N TYR K 56 38.82 -35.42 24.17
CA TYR K 56 39.13 -36.53 23.27
C TYR K 56 39.61 -36.06 21.91
N GLN K 57 40.30 -34.92 21.86
CA GLN K 57 40.94 -34.45 20.64
C GLN K 57 42.42 -34.81 20.68
N ASP K 58 42.94 -35.27 19.55
CA ASP K 58 44.30 -35.77 19.45
C ASP K 58 45.15 -34.88 18.56
N ILE K 59 46.47 -35.02 18.72
CA ILE K 59 47.45 -34.33 17.89
C ILE K 59 48.26 -35.37 17.15
N VAL K 60 48.61 -35.07 15.90
CA VAL K 60 49.36 -35.97 15.04
C VAL K 60 50.39 -35.16 14.27
N ASN K 61 51.19 -35.86 13.46
CA ASN K 61 52.15 -35.25 12.57
C ASN K 61 51.63 -35.37 11.13
N LEU K 62 51.69 -34.26 10.39
CA LEU K 62 51.25 -34.27 9.00
C LEU K 62 52.07 -35.25 8.17
N ASP K 63 53.39 -35.16 8.27
CA ASP K 63 54.27 -36.05 7.51
C ASP K 63 54.31 -37.46 8.06
N GLY K 64 53.54 -37.77 9.11
CA GLY K 64 53.58 -39.07 9.73
C GLY K 64 54.86 -39.40 10.47
N ASP K 65 55.88 -38.55 10.38
CA ASP K 65 57.14 -38.78 11.07
C ASP K 65 57.08 -38.17 12.45
N TYR K 66 57.56 -38.92 13.44
CA TYR K 66 57.59 -38.48 14.82
C TYR K 66 59.00 -38.13 15.30
N THR K 67 59.97 -38.12 14.40
CA THR K 67 61.28 -37.55 14.68
C THR K 67 61.36 -36.09 14.28
N ASN K 68 60.22 -35.44 14.03
CA ASN K 68 60.13 -34.02 13.68
C ASN K 68 58.85 -33.49 14.32
N ASN K 69 58.94 -33.12 15.59
CA ASN K 69 57.80 -32.66 16.36
C ASN K 69 57.78 -31.14 16.47
N ARG K 70 57.86 -30.46 15.33
CA ARG K 70 57.77 -29.00 15.31
C ARG K 70 56.32 -28.55 15.28
N LEU K 71 56.09 -27.32 15.74
CA LEU K 71 54.73 -26.80 15.83
C LEU K 71 54.07 -26.72 14.46
N SER K 72 54.84 -26.36 13.43
CA SER K 72 54.27 -26.22 12.09
C SER K 72 54.17 -27.57 11.37
N ASN K 73 53.93 -28.64 12.14
CA ASN K 73 53.68 -29.95 11.56
C ASN K 73 52.73 -30.75 12.45
N LEU K 74 52.49 -30.27 13.66
CA LEU K 74 51.55 -30.89 14.57
C LEU K 74 50.23 -30.14 14.52
N VAL K 75 49.18 -30.84 14.06
CA VAL K 75 47.86 -30.25 13.96
C VAL K 75 46.89 -31.08 14.80
N THR K 76 45.77 -30.46 15.15
CA THR K 76 44.74 -31.13 15.95
C THR K 76 43.85 -31.97 15.05
N ALA K 77 43.44 -33.13 15.54
CA ALA K 77 42.57 -34.03 14.78
C ALA K 77 41.65 -34.74 15.75
N CYS K 78 40.47 -35.10 15.25
CA CYS K 78 39.51 -35.88 16.03
C CYS K 78 39.96 -37.34 16.11
N CYS K 79 39.31 -38.08 17.01
CA CYS K 79 39.66 -39.49 17.19
C CYS K 79 39.32 -40.33 15.96
N PHE K 80 38.44 -39.85 15.10
CA PHE K 80 38.13 -40.58 13.87
C PHE K 80 39.24 -40.43 12.85
N CYS K 81 39.66 -39.19 12.58
CA CYS K 81 40.72 -38.95 11.61
C CYS K 81 42.11 -39.27 12.17
N ALA K 82 42.25 -39.34 13.49
CA ALA K 82 43.55 -39.66 14.08
C ALA K 82 43.96 -41.09 13.75
N GLN K 83 43.01 -42.04 13.84
CA GLN K 83 43.32 -43.43 13.53
C GLN K 83 43.51 -43.68 12.04
N CYS K 84 43.43 -42.65 11.20
CA CYS K 84 43.77 -42.79 9.79
C CYS K 84 45.27 -42.78 9.55
N PHE K 85 46.06 -42.40 10.54
CA PHE K 85 47.52 -42.41 10.45
C PHE K 85 48.14 -43.68 10.99
N PHE K 86 47.36 -44.53 11.67
CA PHE K 86 47.85 -45.78 12.25
C PHE K 86 46.88 -46.91 11.89
N VAL K 87 46.76 -47.16 10.58
CA VAL K 87 45.83 -48.18 10.10
C VAL K 87 46.18 -49.55 10.65
N GLU K 88 47.48 -49.88 10.70
CA GLU K 88 47.92 -51.18 11.19
C GLU K 88 47.61 -51.38 12.67
N SER K 89 47.32 -50.31 13.40
CA SER K 89 47.07 -50.39 14.84
C SER K 89 45.60 -50.26 15.20
N VAL K 90 44.72 -49.93 14.25
CA VAL K 90 43.30 -49.83 14.53
C VAL K 90 42.76 -51.22 14.83
N GLY K 91 42.12 -51.37 15.99
CA GLY K 91 41.66 -52.66 16.43
C GLY K 91 42.69 -53.50 17.14
N VAL K 92 43.85 -52.94 17.47
CA VAL K 92 44.91 -53.64 18.17
C VAL K 92 45.22 -52.86 19.44
N GLY K 93 45.24 -53.57 20.58
CA GLY K 93 45.51 -52.93 21.85
C GLY K 93 44.41 -51.99 22.32
N GLY K 94 43.16 -52.27 21.99
CA GLY K 94 42.07 -51.42 22.38
C GLY K 94 42.09 -50.03 21.79
N TYR K 95 42.84 -49.82 20.71
CA TYR K 95 42.97 -48.51 20.08
C TYR K 95 41.93 -48.39 18.98
N GLY K 96 40.73 -47.95 19.35
CA GLY K 96 39.67 -47.72 18.41
C GLY K 96 39.22 -49.00 17.70
N GLY K 97 38.59 -48.80 16.55
CA GLY K 97 38.10 -49.91 15.76
C GLY K 97 37.33 -49.40 14.56
N GLY K 98 37.20 -50.28 13.58
CA GLY K 98 36.48 -49.91 12.37
C GLY K 98 36.54 -51.02 11.35
N THR K 99 36.11 -50.69 10.13
CA THR K 99 36.09 -51.64 9.03
C THR K 99 36.33 -50.90 7.73
N LEU K 100 37.16 -51.47 6.86
CA LEU K 100 37.45 -50.87 5.57
C LEU K 100 36.32 -51.17 4.58
N ILE K 101 35.94 -50.14 3.82
CA ILE K 101 34.85 -50.24 2.85
C ILE K 101 35.29 -49.58 1.55
N TYR K 102 34.62 -49.97 0.47
CA TYR K 102 34.84 -49.36 -0.85
C TYR K 102 33.81 -48.25 -1.02
N LEU K 103 34.21 -47.01 -0.75
CA LEU K 103 33.35 -45.84 -0.84
C LEU K 103 33.99 -44.87 -1.83
N PRO K 104 33.82 -45.10 -3.14
CA PRO K 104 34.57 -44.33 -4.13
C PRO K 104 34.17 -42.86 -4.23
N GLU K 105 32.86 -42.59 -4.35
CA GLU K 105 32.38 -41.25 -4.63
C GLU K 105 32.39 -40.33 -3.41
N LEU K 106 33.15 -40.67 -2.37
CA LEU K 106 33.24 -39.85 -1.18
C LEU K 106 34.62 -40.02 -0.56
N THR K 107 35.24 -38.90 -0.17
CA THR K 107 36.57 -38.94 0.40
C THR K 107 36.51 -39.29 1.89
N GLN K 108 37.70 -39.56 2.45
CA GLN K 108 37.77 -39.92 3.87
C GLN K 108 37.43 -38.75 4.77
N ALA K 109 37.79 -37.52 4.36
CA ALA K 109 37.43 -36.35 5.14
C ALA K 109 35.93 -36.13 5.16
N GLU K 110 35.22 -36.51 4.10
CA GLU K 110 33.77 -36.35 4.07
C GLU K 110 33.07 -37.46 4.84
N LEU K 111 33.62 -38.67 4.82
CA LEU K 111 32.98 -39.78 5.52
C LEU K 111 33.09 -39.63 7.04
N ASN K 112 34.21 -39.08 7.52
CA ASN K 112 34.38 -38.92 8.96
C ASN K 112 33.43 -37.86 9.52
N SER K 113 33.33 -36.71 8.85
CA SER K 113 32.43 -35.66 9.30
C SER K 113 30.97 -36.08 9.23
N LEU K 114 30.65 -37.11 8.45
CA LEU K 114 29.28 -37.60 8.39
C LEU K 114 28.93 -38.44 9.61
N CYS K 115 29.85 -39.30 10.06
CA CYS K 115 29.58 -40.14 11.21
C CYS K 115 29.38 -39.32 12.47
N HIS K 116 29.95 -38.11 12.53
CA HIS K 116 29.65 -37.21 13.64
C HIS K 116 28.17 -36.90 13.71
N VAL K 117 27.55 -36.59 12.58
CA VAL K 117 26.12 -36.32 12.55
C VAL K 117 25.33 -37.61 12.74
N LEU K 118 25.82 -38.71 12.19
CA LEU K 118 25.12 -39.99 12.31
C LEU K 118 25.04 -40.43 13.76
N PHE K 119 26.18 -40.56 14.43
CA PHE K 119 26.20 -41.00 15.81
C PHE K 119 25.56 -39.97 16.74
N CYS K 120 25.48 -38.71 16.31
CA CYS K 120 24.70 -37.72 17.04
C CYS K 120 23.21 -38.07 17.04
N ALA K 121 22.76 -38.87 16.09
CA ALA K 121 21.38 -39.31 16.02
C ALA K 121 21.16 -40.69 16.62
N ILE K 122 22.15 -41.58 16.53
CA ILE K 122 22.00 -42.90 17.14
C ILE K 122 22.01 -42.80 18.66
N THR K 123 22.92 -41.99 19.22
CA THR K 123 22.95 -41.79 20.66
C THR K 123 21.78 -40.92 21.12
N ASN K 124 21.73 -39.68 20.63
CA ASN K 124 20.64 -38.76 20.96
C ASN K 124 19.42 -39.12 20.11
N ASP K 125 18.80 -40.24 20.47
CA ASP K 125 17.66 -40.76 19.74
C ASP K 125 16.46 -39.83 19.87
N THR K 126 16.30 -38.91 18.92
CA THR K 126 15.19 -37.97 18.91
C THR K 126 14.26 -38.17 17.72
N GLY K 127 14.37 -39.30 17.02
CA GLY K 127 13.50 -39.58 15.90
C GLY K 127 14.22 -39.76 14.58
N TYR K 128 15.53 -40.01 14.63
CA TYR K 128 16.33 -40.23 13.43
C TYR K 128 17.23 -41.46 13.55
N LYS K 129 17.12 -42.23 14.64
CA LYS K 129 18.04 -43.34 14.86
C LYS K 129 17.89 -44.41 13.78
N SER K 130 16.65 -44.71 13.40
CA SER K 130 16.41 -45.75 12.40
C SER K 130 17.08 -45.41 11.08
N SER K 131 16.92 -44.17 10.62
CA SER K 131 17.56 -43.75 9.38
C SER K 131 19.07 -43.76 9.50
N ALA K 132 19.59 -43.32 10.64
CA ALA K 132 21.04 -43.27 10.84
C ALA K 132 21.67 -44.65 10.86
N GLN K 133 20.91 -45.66 11.29
CA GLN K 133 21.46 -47.01 11.40
C GLN K 133 21.60 -47.69 10.05
N ASN K 134 20.56 -47.60 9.20
CA ASN K 134 20.61 -48.24 7.90
C ASN K 134 21.74 -47.68 7.03
N ILE K 135 21.94 -46.36 7.08
CA ILE K 135 23.03 -45.74 6.32
C ILE K 135 24.37 -46.26 6.80
N TYR K 136 24.55 -46.32 8.12
CA TYR K 136 25.78 -46.85 8.70
C TYR K 136 25.97 -48.32 8.32
N ARG K 137 24.88 -49.07 8.19
CA ARG K 137 24.98 -50.47 7.79
C ARG K 137 25.08 -50.62 6.28
N SER K 138 24.50 -49.69 5.51
CA SER K 138 24.70 -49.68 4.08
C SER K 138 26.15 -49.37 3.71
N PHE K 139 26.89 -48.70 4.59
CA PHE K 139 28.31 -48.46 4.37
C PHE K 139 29.13 -49.69 4.72
N LYS K 140 28.89 -50.27 5.91
CA LYS K 140 29.66 -51.44 6.32
C LYS K 140 29.42 -52.63 5.42
N PHE K 141 28.35 -52.62 4.62
CA PHE K 141 28.14 -53.66 3.62
C PHE K 141 29.19 -53.59 2.52
N ARG K 142 29.75 -52.41 2.28
CA ARG K 142 30.80 -52.25 1.28
C ARG K 142 32.11 -52.92 1.66
N SER K 143 32.20 -53.50 2.86
CA SER K 143 33.43 -54.17 3.27
C SER K 143 33.73 -55.39 2.41
N GLN K 144 32.69 -55.99 1.83
CA GLN K 144 32.90 -57.17 0.99
C GLN K 144 33.62 -56.82 -0.31
N ILE K 145 33.47 -55.58 -0.79
CA ILE K 145 34.18 -55.18 -2.00
C ILE K 145 35.68 -55.13 -1.73
N VAL K 146 36.08 -54.75 -0.51
CA VAL K 146 37.49 -54.74 -0.16
C VAL K 146 38.04 -56.16 -0.13
N GLU K 147 37.28 -57.10 0.43
CA GLU K 147 37.75 -58.48 0.51
C GLU K 147 37.76 -59.17 -0.85
N GLU K 148 36.90 -58.73 -1.77
CA GLU K 148 36.86 -59.29 -3.12
C GLU K 148 37.82 -58.58 -4.08
N LYS K 149 38.89 -58.00 -3.54
CA LYS K 149 40.02 -57.52 -4.33
C LYS K 149 41.37 -57.81 -3.67
N PHE K 150 41.44 -57.96 -2.35
CA PHE K 150 42.70 -58.13 -1.65
C PHE K 150 42.75 -59.40 -0.80
N GLY K 151 41.67 -60.16 -0.74
CA GLY K 151 41.64 -61.40 0.01
C GLY K 151 40.70 -61.34 1.19
N GLU K 152 40.50 -62.52 1.79
CA GLU K 152 39.60 -62.63 2.93
C GLU K 152 40.18 -61.94 4.15
N GLY K 153 39.30 -61.28 4.92
CA GLY K 153 39.70 -60.60 6.13
C GLY K 153 40.27 -59.22 5.95
N THR K 154 40.54 -58.79 4.71
CA THR K 154 41.16 -57.49 4.47
C THR K 154 40.25 -56.32 4.83
N SER K 155 38.97 -56.58 5.11
CA SER K 155 38.09 -55.52 5.61
C SER K 155 38.50 -55.06 7.00
N ASP K 156 39.31 -55.84 7.71
CA ASP K 156 39.81 -55.45 9.02
C ASP K 156 40.98 -54.47 8.84
N PRO K 157 40.98 -53.35 9.56
CA PRO K 157 42.10 -52.40 9.42
C PRO K 157 43.39 -52.90 10.02
N ALA K 158 43.33 -53.73 11.07
CA ALA K 158 44.54 -54.18 11.75
C ALA K 158 45.39 -55.05 10.84
N ILE K 159 44.78 -55.98 10.11
CA ILE K 159 45.57 -56.88 9.29
C ILE K 159 45.87 -56.27 7.93
N PHE K 160 45.02 -55.36 7.44
CA PHE K 160 45.25 -54.75 6.14
C PHE K 160 46.55 -53.95 6.12
N GLY K 161 46.84 -53.22 7.19
CA GLY K 161 48.08 -52.47 7.25
C GLY K 161 49.31 -53.36 7.19
N GLN K 162 49.29 -54.46 7.95
CA GLN K 162 50.42 -55.38 7.95
C GLN K 162 50.61 -56.06 6.60
N LEU K 163 49.55 -56.16 5.79
CA LEU K 163 49.72 -56.70 4.44
C LEU K 163 50.61 -55.80 3.59
N MET K 164 50.41 -54.49 3.67
CA MET K 164 51.21 -53.56 2.87
C MET K 164 52.57 -53.29 3.52
N ILE K 165 52.64 -53.31 4.85
CA ILE K 165 53.93 -53.14 5.52
C ILE K 165 54.88 -54.27 5.14
N ASP K 166 54.34 -55.48 4.96
CA ASP K 166 55.16 -56.62 4.56
C ASP K 166 55.38 -56.71 3.05
N SER K 167 54.45 -56.17 2.26
CA SER K 167 54.60 -56.26 0.81
C SER K 167 55.69 -55.32 0.29
N GLY K 168 55.73 -54.09 0.80
CA GLY K 168 56.79 -53.17 0.45
C GLY K 168 56.33 -51.81 -0.04
N VAL K 169 55.08 -51.46 0.22
CA VAL K 169 54.54 -50.17 -0.20
C VAL K 169 55.36 -49.06 0.44
N ASN K 170 56.39 -48.59 -0.27
CA ASN K 170 57.30 -47.58 0.23
C ASN K 170 56.95 -46.20 -0.30
N SER K 171 57.11 -46.02 -1.62
CA SER K 171 56.93 -44.72 -2.22
C SER K 171 55.48 -44.26 -2.08
N GLU K 172 55.31 -42.94 -1.88
CA GLU K 172 53.98 -42.36 -1.78
C GLU K 172 53.17 -42.59 -3.04
N GLU K 173 53.84 -42.64 -4.20
CA GLU K 173 53.14 -42.81 -5.47
C GLU K 173 52.37 -44.13 -5.51
N ILE K 174 53.00 -45.22 -5.08
CA ILE K 174 52.34 -46.52 -5.09
C ILE K 174 51.20 -46.55 -4.07
N ARG K 175 51.42 -45.98 -2.88
CA ARG K 175 50.42 -46.00 -1.84
C ARG K 175 49.14 -45.28 -2.24
N GLU K 176 49.19 -44.43 -3.26
CA GLU K 176 48.01 -43.71 -3.72
C GLU K 176 47.17 -44.54 -4.69
N LYS K 177 47.74 -45.58 -5.29
CA LYS K 177 47.00 -46.44 -6.21
C LYS K 177 46.38 -47.65 -5.54
N LEU K 178 46.99 -48.14 -4.46
CA LEU K 178 46.44 -49.26 -3.72
C LEU K 178 45.37 -48.83 -2.71
N PHE K 179 45.30 -47.54 -2.39
CA PHE K 179 44.28 -47.00 -1.51
C PHE K 179 43.17 -46.29 -2.29
N LYS K 180 43.16 -46.40 -3.61
CA LYS K 180 42.21 -45.67 -4.44
C LYS K 180 40.78 -46.04 -4.08
N ASN K 181 40.03 -45.06 -3.60
CA ASN K 181 38.61 -45.24 -3.29
C ASN K 181 38.39 -46.26 -2.18
N ILE K 182 39.31 -46.28 -1.21
CA ILE K 182 39.23 -47.16 -0.06
C ILE K 182 39.18 -46.29 1.20
N ARG K 183 38.09 -46.38 1.95
CA ARG K 183 37.88 -45.56 3.12
C ARG K 183 37.66 -46.45 4.34
N LEU K 184 38.02 -45.91 5.51
CA LEU K 184 37.89 -46.62 6.78
C LEU K 184 36.65 -46.13 7.51
N LEU K 185 35.70 -47.04 7.74
CA LEU K 185 34.47 -46.70 8.45
C LEU K 185 34.67 -46.98 9.94
N PRO K 186 34.72 -45.97 10.79
CA PRO K 186 34.89 -46.22 12.22
C PRO K 186 33.66 -46.88 12.82
N SER K 187 33.90 -47.69 13.86
CA SER K 187 32.84 -48.45 14.50
C SER K 187 32.15 -47.61 15.57
N ARG K 188 30.81 -47.67 15.58
CA ARG K 188 30.04 -47.01 16.62
C ARG K 188 30.28 -47.65 17.98
N ALA K 189 30.53 -48.96 18.01
CA ALA K 189 30.65 -49.67 19.28
C ALA K 189 31.95 -49.30 19.99
N LYS K 190 33.06 -49.28 19.26
CA LYS K 190 34.37 -49.05 19.88
C LYS K 190 34.51 -47.63 20.44
N PHE K 191 33.66 -46.69 20.01
CA PHE K 191 33.72 -45.31 20.48
C PHE K 191 32.50 -44.92 21.29
N ARG K 192 31.80 -45.88 21.90
CA ARG K 192 30.52 -45.58 22.54
C ARG K 192 30.69 -44.63 23.72
N LYS K 193 31.77 -44.78 24.49
CA LYS K 193 32.01 -43.90 25.61
C LYS K 193 32.32 -42.48 25.15
N GLN K 194 32.95 -42.34 23.99
CA GLN K 194 33.33 -41.02 23.50
C GLN K 194 32.11 -40.28 22.95
N ILE K 195 31.25 -40.97 22.19
CA ILE K 195 30.09 -40.31 21.59
C ILE K 195 29.13 -39.83 22.67
N GLU K 196 28.89 -40.66 23.69
CA GLU K 196 28.03 -40.26 24.80
C GLU K 196 28.63 -39.13 25.62
N LYS K 197 29.88 -38.75 25.37
CA LYS K 197 30.48 -37.59 26.04
C LYS K 197 30.29 -36.31 25.24
N TRP K 198 30.42 -36.38 23.92
CA TRP K 198 30.23 -35.20 23.09
C TRP K 198 28.77 -34.73 23.09
N ALA K 199 27.83 -35.68 23.20
CA ALA K 199 26.43 -35.31 23.32
C ALA K 199 26.16 -34.55 24.62
N ALA K 200 26.98 -34.79 25.64
CA ALA K 200 26.84 -34.11 26.93
C ALA K 200 27.72 -32.86 27.01
N SER K 201 29.01 -33.01 26.77
CA SER K 201 29.96 -31.91 26.88
C SER K 201 29.76 -30.88 25.75
N ARG L 7 -18.12 39.59 -26.98
CA ARG L 7 -18.69 38.68 -26.00
C ARG L 7 -20.01 39.23 -25.47
N CYS L 8 -21.08 38.45 -25.60
CA CYS L 8 -22.40 38.89 -25.17
C CYS L 8 -22.84 38.16 -23.90
N GLU L 9 -23.85 37.31 -24.01
CA GLU L 9 -24.37 36.60 -22.82
C GLU L 9 -25.09 35.35 -23.28
N LEU L 10 -24.69 34.20 -22.74
CA LEU L 10 -25.31 32.92 -23.06
C LEU L 10 -26.27 32.49 -21.94
N LYS L 11 -27.16 31.58 -22.30
CA LYS L 11 -28.12 30.98 -21.38
C LYS L 11 -28.83 29.85 -22.11
N LEU L 12 -29.29 28.87 -21.34
CA LEU L 12 -30.02 27.73 -21.88
C LEU L 12 -31.50 28.09 -21.95
N ILE L 13 -32.05 28.12 -23.17
CA ILE L 13 -33.42 28.53 -23.41
C ILE L 13 -34.21 27.33 -23.90
N ALA L 14 -35.32 27.04 -23.22
CA ALA L 14 -36.25 25.98 -23.61
C ALA L 14 -37.54 26.67 -24.07
N SER L 15 -37.63 26.91 -25.38
CA SER L 15 -38.74 27.60 -26.02
C SER L 15 -39.67 26.62 -26.72
N PRO L 16 -40.96 26.96 -26.88
CA PRO L 16 -41.91 26.02 -27.48
C PRO L 16 -41.54 25.59 -28.89
N GLY L 17 -41.54 26.54 -29.83
CA GLY L 17 -41.22 26.20 -31.20
C GLY L 17 -40.28 27.19 -31.87
N SER L 18 -39.43 27.85 -31.06
CA SER L 18 -38.49 28.81 -31.62
C SER L 18 -37.40 28.13 -32.45
N TRP L 19 -37.18 26.83 -32.26
CA TRP L 19 -36.26 26.11 -33.13
C TRP L 19 -36.86 25.95 -34.52
N ARG L 20 -38.12 25.49 -34.59
CA ARG L 20 -38.81 25.38 -35.87
C ARG L 20 -38.95 26.73 -36.57
N LEU L 21 -38.90 27.83 -35.81
CA LEU L 21 -38.91 29.16 -36.39
C LEU L 21 -37.70 29.35 -37.32
N TYR L 22 -36.50 29.32 -36.74
CA TYR L 22 -35.30 29.55 -37.53
C TYR L 22 -34.82 28.31 -38.27
N SER L 23 -35.38 27.13 -37.96
CA SER L 23 -35.09 25.96 -38.78
C SER L 23 -35.51 26.19 -40.22
N ALA L 24 -36.57 26.97 -40.44
CA ALA L 24 -36.93 27.42 -41.78
C ALA L 24 -36.14 28.64 -42.22
N ARG L 25 -35.60 29.42 -41.26
CA ARG L 25 -34.76 30.55 -41.63
C ARG L 25 -33.47 30.08 -42.31
N LYS L 26 -32.83 29.05 -41.75
CA LYS L 26 -31.54 28.61 -42.24
C LYS L 26 -31.59 28.09 -43.66
N ILE L 27 -32.79 27.75 -44.16
CA ILE L 27 -32.96 27.26 -45.52
C ILE L 27 -33.61 28.29 -46.42
N ASP L 28 -33.73 29.54 -45.96
CA ASP L 28 -34.29 30.60 -46.77
C ASP L 28 -33.22 31.15 -47.72
N GLU L 29 -33.65 31.50 -48.94
CA GLU L 29 -32.69 31.95 -49.94
C GLU L 29 -32.34 33.43 -49.79
N ARG L 30 -33.28 34.24 -49.28
CA ARG L 30 -32.93 35.61 -48.92
C ARG L 30 -31.95 35.63 -47.76
N PHE L 31 -32.00 34.61 -46.91
CA PHE L 31 -31.05 34.48 -45.81
C PHE L 31 -29.61 34.32 -46.29
N LYS L 32 -29.42 33.95 -47.56
CA LYS L 32 -28.06 33.84 -48.10
C LYS L 32 -27.40 35.22 -48.20
N SER L 33 -28.07 36.17 -48.84
CA SER L 33 -27.55 37.53 -48.87
C SER L 33 -27.53 38.15 -47.47
N TYR L 34 -28.42 37.71 -46.59
CA TYR L 34 -28.36 38.09 -45.19
C TYR L 34 -27.02 37.71 -44.58
N GLU L 35 -26.61 36.45 -44.77
CA GLU L 35 -25.51 35.88 -43.99
C GLU L 35 -24.17 36.56 -44.31
N GLN L 36 -23.93 36.87 -45.58
CA GLN L 36 -22.67 37.52 -45.94
C GLN L 36 -22.49 38.85 -45.23
N LYS L 37 -23.58 39.61 -45.09
CA LYS L 37 -23.48 40.91 -44.43
C LYS L 37 -23.25 40.77 -42.93
N ILE L 38 -23.99 39.87 -42.27
CA ILE L 38 -23.87 39.75 -40.82
C ILE L 38 -22.57 39.04 -40.44
N PHE L 39 -22.12 38.08 -41.25
CA PHE L 39 -20.86 37.41 -40.98
C PHE L 39 -19.69 38.39 -41.01
N GLN L 40 -19.66 39.27 -42.01
CA GLN L 40 -18.62 40.30 -42.07
C GLN L 40 -18.78 41.34 -40.98
N ARG L 41 -19.99 41.46 -40.41
CA ARG L 41 -20.20 42.44 -39.33
C ARG L 41 -19.60 41.96 -38.02
N ASP L 42 -19.75 40.68 -37.71
CA ASP L 42 -19.12 40.09 -36.53
C ASP L 42 -17.73 39.52 -36.83
N ARG L 43 -17.25 39.66 -38.07
CA ARG L 43 -15.91 39.25 -38.47
C ARG L 43 -15.69 37.75 -38.30
N TYR L 44 -16.71 36.96 -38.66
CA TYR L 44 -16.61 35.51 -38.69
C TYR L 44 -16.15 34.93 -37.36
N THR L 45 -16.77 35.41 -36.28
CA THR L 45 -16.37 35.00 -34.93
C THR L 45 -17.61 34.90 -34.05
N CYS L 46 -17.72 33.81 -33.31
CA CYS L 46 -18.82 33.63 -32.37
C CYS L 46 -18.79 34.73 -31.31
N GLN L 47 -19.90 35.44 -31.17
CA GLN L 47 -19.99 36.57 -30.25
C GLN L 47 -20.35 36.13 -28.84
N PHE L 48 -19.87 34.95 -28.44
CA PHE L 48 -19.99 34.49 -27.06
C PHE L 48 -18.66 33.94 -26.58
N CYS L 49 -18.16 32.92 -27.28
CA CYS L 49 -16.91 32.26 -26.91
C CYS L 49 -15.71 32.77 -27.69
N GLY L 50 -15.91 33.29 -28.89
CA GLY L 50 -14.83 33.84 -29.68
C GLY L 50 -14.26 32.93 -30.74
N PHE L 51 -14.90 31.81 -31.04
CA PHE L 51 -14.38 30.89 -32.04
C PHE L 51 -14.51 31.50 -33.44
N GLN L 52 -13.39 31.55 -34.16
CA GLN L 52 -13.33 32.14 -35.48
C GLN L 52 -13.30 31.04 -36.53
N ALA L 53 -14.12 31.18 -37.56
CA ALA L 53 -14.18 30.22 -38.65
C ALA L 53 -14.90 30.84 -39.83
N ARG L 54 -14.60 30.32 -41.02
CA ARG L 54 -15.25 30.74 -42.24
C ARG L 54 -16.38 29.81 -42.67
N LEU L 55 -16.61 28.73 -41.91
CA LEU L 55 -17.67 27.78 -42.21
C LEU L 55 -18.40 27.41 -40.93
N TYR L 56 -19.63 26.93 -41.10
CA TYR L 56 -20.44 26.39 -40.00
C TYR L 56 -20.63 27.40 -38.88
N GLN L 57 -21.14 28.58 -39.24
CA GLN L 57 -21.56 29.59 -38.29
C GLN L 57 -23.06 29.83 -38.48
N ASP L 58 -23.82 29.77 -37.40
CA ASP L 58 -25.25 29.96 -37.44
C ASP L 58 -25.61 31.39 -37.05
N ILE L 59 -26.83 31.79 -37.40
CA ILE L 59 -27.36 33.11 -37.08
C ILE L 59 -28.45 32.93 -36.04
N VAL L 60 -28.24 33.49 -34.86
CA VAL L 60 -29.18 33.38 -33.76
C VAL L 60 -29.77 34.75 -33.45
N ASN L 61 -30.83 34.77 -32.65
CA ASN L 61 -31.48 35.99 -32.20
C ASN L 61 -31.25 36.17 -30.71
N LEU L 62 -30.87 37.39 -30.31
CA LEU L 62 -30.49 37.62 -28.92
C LEU L 62 -31.70 37.63 -27.99
N ASP L 63 -32.86 38.06 -28.48
CA ASP L 63 -34.06 38.14 -27.64
C ASP L 63 -34.93 36.89 -27.73
N GLY L 64 -34.45 35.83 -28.40
CA GLY L 64 -35.20 34.60 -28.51
C GLY L 64 -36.41 34.64 -29.42
N ASP L 65 -36.81 35.82 -29.88
CA ASP L 65 -37.95 35.95 -30.80
C ASP L 65 -37.40 35.96 -32.21
N TYR L 66 -37.53 34.83 -32.90
CA TYR L 66 -36.96 34.65 -34.23
C TYR L 66 -37.86 35.15 -35.34
N THR L 67 -38.92 35.89 -35.01
CA THR L 67 -39.71 36.61 -36.01
C THR L 67 -39.13 37.98 -36.31
N ASN L 68 -38.37 38.55 -35.37
CA ASN L 68 -37.71 39.84 -35.56
C ASN L 68 -36.28 39.58 -36.08
N ASN L 69 -36.00 40.02 -37.29
CA ASN L 69 -34.75 39.71 -37.99
C ASN L 69 -34.07 41.02 -38.41
N ARG L 70 -33.67 41.81 -37.43
CA ARG L 70 -32.84 42.99 -37.68
C ARG L 70 -31.40 42.70 -37.26
N LEU L 71 -30.46 43.38 -37.92
CA LEU L 71 -29.05 43.12 -37.68
C LEU L 71 -28.64 43.48 -36.25
N SER L 72 -29.30 44.46 -35.64
CA SER L 72 -29.01 44.79 -34.24
C SER L 72 -29.55 43.76 -33.26
N ASN L 73 -29.99 42.60 -33.75
CA ASN L 73 -30.44 41.51 -32.89
C ASN L 73 -30.03 40.15 -33.46
N LEU L 74 -29.06 40.12 -34.37
CA LEU L 74 -28.55 38.89 -34.96
C LEU L 74 -27.04 38.86 -34.81
N VAL L 75 -26.52 37.86 -34.10
CA VAL L 75 -25.09 37.75 -33.84
C VAL L 75 -24.57 36.45 -34.44
N THR L 76 -23.36 36.50 -34.98
CA THR L 76 -22.71 35.30 -35.47
C THR L 76 -22.28 34.44 -34.29
N ALA L 77 -22.76 33.20 -34.27
CA ALA L 77 -22.42 32.26 -33.19
C ALA L 77 -22.21 30.88 -33.79
N CYS L 78 -21.13 30.23 -33.39
CA CYS L 78 -20.89 28.87 -33.84
C CYS L 78 -21.96 27.93 -33.31
N CYS L 79 -22.10 26.77 -33.95
CA CYS L 79 -23.12 25.80 -33.58
C CYS L 79 -22.96 25.28 -32.16
N PHE L 80 -21.82 25.54 -31.51
CA PHE L 80 -21.63 25.11 -30.13
C PHE L 80 -22.57 25.84 -29.19
N CYS L 81 -22.75 27.15 -29.40
CA CYS L 81 -23.57 27.97 -28.52
C CYS L 81 -24.94 28.29 -29.10
N ALA L 82 -25.18 27.97 -30.37
CA ALA L 82 -26.50 28.22 -30.96
C ALA L 82 -27.54 27.28 -30.38
N GLN L 83 -27.20 26.00 -30.22
CA GLN L 83 -28.13 25.02 -29.66
C GLN L 83 -28.44 25.28 -28.19
N CYS L 84 -27.73 26.20 -27.53
CA CYS L 84 -28.06 26.54 -26.16
C CYS L 84 -29.41 27.24 -26.07
N PHE L 85 -29.81 27.96 -27.12
CA PHE L 85 -31.13 28.56 -27.17
C PHE L 85 -32.21 27.59 -27.62
N PHE L 86 -31.83 26.35 -27.96
CA PHE L 86 -32.75 25.31 -28.41
C PHE L 86 -32.42 24.00 -27.71
N VAL L 87 -32.34 24.07 -26.37
CA VAL L 87 -32.01 22.88 -25.58
C VAL L 87 -33.02 21.77 -25.84
N GLU L 88 -34.30 22.15 -26.00
CA GLU L 88 -35.34 21.17 -26.31
C GLU L 88 -35.19 20.55 -27.69
N SER L 89 -34.27 21.04 -28.51
CA SER L 89 -34.10 20.55 -29.88
C SER L 89 -32.70 20.01 -30.14
N VAL L 90 -31.96 19.69 -29.08
CA VAL L 90 -30.61 19.15 -29.21
C VAL L 90 -30.70 17.63 -29.32
N GLY L 91 -30.21 17.08 -30.44
CA GLY L 91 -30.25 15.67 -30.69
C GLY L 91 -31.48 15.20 -31.45
N VAL L 92 -32.59 15.92 -31.33
CA VAL L 92 -33.81 15.54 -32.04
C VAL L 92 -33.65 15.86 -33.52
N GLY L 93 -33.78 14.84 -34.36
CA GLY L 93 -33.65 15.03 -35.80
C GLY L 93 -32.23 15.24 -36.29
N GLY L 94 -31.24 15.16 -35.42
CA GLY L 94 -29.85 15.31 -35.80
C GLY L 94 -29.29 16.71 -35.64
N TYR L 95 -30.00 17.61 -34.97
CA TYR L 95 -29.49 18.97 -34.75
C TYR L 95 -28.52 18.94 -33.58
N GLY L 96 -27.24 18.81 -33.90
CA GLY L 96 -26.22 18.83 -32.88
C GLY L 96 -26.33 17.64 -31.92
N GLY L 97 -25.79 17.86 -30.72
CA GLY L 97 -25.81 16.85 -29.69
C GLY L 97 -24.94 17.20 -28.51
N GLY L 98 -25.35 16.78 -27.31
CA GLY L 98 -24.58 17.08 -26.13
C GLY L 98 -25.11 16.38 -24.91
N THR L 99 -24.75 16.91 -23.75
CA THR L 99 -25.18 16.34 -22.47
C THR L 99 -25.09 17.43 -21.41
N LEU L 100 -26.12 17.52 -20.57
CA LEU L 100 -26.16 18.53 -19.53
C LEU L 100 -25.35 18.07 -18.31
N ILE L 101 -24.60 19.00 -17.73
CA ILE L 101 -23.69 18.72 -16.64
C ILE L 101 -23.93 19.72 -15.51
N TYR L 102 -23.26 19.49 -14.39
CA TYR L 102 -23.31 20.39 -13.23
C TYR L 102 -21.92 20.98 -13.06
N LEU L 103 -21.66 22.09 -13.75
CA LEU L 103 -20.37 22.77 -13.72
C LEU L 103 -20.59 24.24 -13.38
N PRO L 104 -20.81 24.56 -12.10
CA PRO L 104 -20.95 25.97 -11.71
C PRO L 104 -19.68 26.79 -11.89
N GLU L 105 -18.51 26.16 -12.02
CA GLU L 105 -17.25 26.90 -12.11
C GLU L 105 -17.15 27.64 -13.43
N LEU L 106 -16.99 26.93 -14.54
CA LEU L 106 -16.87 27.57 -15.83
C LEU L 106 -18.25 27.91 -16.39
N THR L 107 -18.38 29.12 -16.94
CA THR L 107 -19.61 29.51 -17.59
C THR L 107 -19.74 28.82 -18.95
N GLN L 108 -20.93 28.93 -19.55
CA GLN L 108 -21.16 28.30 -20.85
C GLN L 108 -20.30 28.95 -21.94
N ALA L 109 -20.09 30.25 -21.86
CA ALA L 109 -19.23 30.93 -22.83
C ALA L 109 -17.80 30.43 -22.77
N GLU L 110 -17.33 30.04 -21.58
CA GLU L 110 -15.98 29.52 -21.43
C GLU L 110 -15.91 28.05 -21.80
N LEU L 111 -16.91 27.26 -21.40
CA LEU L 111 -16.87 25.82 -21.63
C LEU L 111 -16.87 25.50 -23.12
N ASN L 112 -17.57 26.29 -23.93
CA ASN L 112 -17.58 26.03 -25.37
C ASN L 112 -16.28 26.45 -26.04
N SER L 113 -15.75 27.63 -25.68
CA SER L 113 -14.44 28.03 -26.19
C SER L 113 -13.36 27.06 -25.72
N LEU L 114 -13.51 26.48 -24.53
CA LEU L 114 -12.59 25.45 -24.08
C LEU L 114 -12.73 24.18 -24.92
N CYS L 115 -13.94 23.86 -25.37
CA CYS L 115 -14.14 22.66 -26.16
C CYS L 115 -13.53 22.78 -27.55
N HIS L 116 -13.55 23.99 -28.14
CA HIS L 116 -12.94 24.19 -29.45
C HIS L 116 -11.45 23.88 -29.42
N VAL L 117 -10.77 24.25 -28.34
CA VAL L 117 -9.34 23.98 -28.24
C VAL L 117 -9.07 22.50 -27.99
N LEU L 118 -9.88 21.87 -27.15
CA LEU L 118 -9.68 20.45 -26.86
C LEU L 118 -9.92 19.58 -28.09
N PHE L 119 -10.88 19.96 -28.94
CA PHE L 119 -11.11 19.24 -30.19
C PHE L 119 -10.11 19.62 -31.27
N CYS L 120 -9.44 20.76 -31.12
CA CYS L 120 -8.35 21.12 -32.03
C CYS L 120 -7.17 20.17 -31.91
N ALA L 121 -7.02 19.49 -30.77
CA ALA L 121 -5.94 18.54 -30.56
C ALA L 121 -6.38 17.09 -30.62
N ILE L 122 -7.66 16.80 -30.39
CA ILE L 122 -8.14 15.42 -30.49
C ILE L 122 -8.07 14.93 -31.93
N THR L 123 -8.38 15.81 -32.89
CA THR L 123 -8.25 15.45 -34.30
C THR L 123 -6.82 15.66 -34.79
N ASN L 124 -6.27 16.85 -34.54
CA ASN L 124 -4.87 17.13 -34.87
C ASN L 124 -3.99 16.59 -33.75
N ASP L 125 -3.88 15.26 -33.71
CA ASP L 125 -3.09 14.57 -32.68
C ASP L 125 -1.62 14.90 -32.89
N THR L 126 -1.22 16.07 -32.38
CA THR L 126 0.17 16.51 -32.40
C THR L 126 0.89 16.21 -31.09
N GLY L 127 0.29 15.42 -30.22
CA GLY L 127 0.85 15.10 -28.92
C GLY L 127 0.02 15.58 -27.74
N TYR L 128 -1.17 16.13 -27.96
CA TYR L 128 -1.99 16.65 -26.88
C TYR L 128 -3.37 16.00 -26.80
N LYS L 129 -3.66 15.00 -27.66
CA LYS L 129 -4.97 14.38 -27.66
C LYS L 129 -5.25 13.64 -26.35
N SER L 130 -4.20 13.11 -25.71
CA SER L 130 -4.40 12.36 -24.47
C SER L 130 -4.99 13.24 -23.38
N SER L 131 -4.39 14.40 -23.14
CA SER L 131 -4.88 15.28 -22.10
C SER L 131 -6.27 15.83 -22.43
N ALA L 132 -6.52 16.09 -23.71
CA ALA L 132 -7.82 16.66 -24.10
C ALA L 132 -8.96 15.71 -23.81
N GLN L 133 -8.75 14.41 -24.00
CA GLN L 133 -9.81 13.44 -23.72
C GLN L 133 -10.13 13.40 -22.23
N ASN L 134 -9.09 13.27 -21.39
CA ASN L 134 -9.32 13.18 -19.95
C ASN L 134 -10.01 14.41 -19.40
N ILE L 135 -9.78 15.58 -20.00
CA ILE L 135 -10.51 16.78 -19.60
C ILE L 135 -11.95 16.69 -20.07
N TYR L 136 -12.16 16.22 -21.31
CA TYR L 136 -13.51 16.04 -21.81
C TYR L 136 -14.29 14.97 -21.05
N ARG L 137 -13.59 14.10 -20.33
CA ARG L 137 -14.23 13.10 -19.48
C ARG L 137 -14.54 13.63 -18.08
N SER L 138 -13.72 14.55 -17.57
CA SER L 138 -13.95 15.11 -16.24
C SER L 138 -15.23 15.92 -16.18
N PHE L 139 -15.73 16.41 -17.31
CA PHE L 139 -16.98 17.16 -17.37
C PHE L 139 -18.17 16.29 -17.74
N LYS L 140 -17.99 15.35 -18.68
CA LYS L 140 -19.06 14.42 -19.01
C LYS L 140 -19.43 13.53 -17.82
N PHE L 141 -18.55 13.45 -16.81
CA PHE L 141 -18.88 12.71 -15.60
C PHE L 141 -19.98 13.39 -14.80
N ARG L 142 -20.04 14.72 -14.81
CA ARG L 142 -21.05 15.47 -14.08
C ARG L 142 -22.46 15.27 -14.63
N SER L 143 -22.63 14.48 -15.69
CA SER L 143 -23.95 14.20 -16.24
C SER L 143 -24.87 13.51 -15.24
N GLN L 144 -24.31 12.85 -14.23
CA GLN L 144 -25.11 12.17 -13.23
C GLN L 144 -25.52 13.07 -12.07
N ILE L 145 -24.75 14.13 -11.80
CA ILE L 145 -25.14 15.08 -10.76
C ILE L 145 -26.45 15.75 -11.12
N VAL L 146 -26.68 15.98 -12.42
CA VAL L 146 -27.97 16.53 -12.86
C VAL L 146 -29.06 15.48 -12.74
N GLU L 147 -28.74 14.22 -13.07
CA GLU L 147 -29.72 13.15 -12.94
C GLU L 147 -30.14 12.94 -11.49
N GLU L 148 -29.22 13.17 -10.55
CA GLU L 148 -29.50 13.01 -9.13
C GLU L 148 -30.23 14.20 -8.52
N LYS L 149 -30.86 15.04 -9.35
CA LYS L 149 -31.60 16.19 -8.86
C LYS L 149 -32.97 16.25 -9.50
N PHE L 150 -33.09 15.75 -10.73
CA PHE L 150 -34.35 15.79 -11.46
C PHE L 150 -34.84 14.44 -11.95
N GLY L 151 -34.06 13.37 -11.76
CA GLY L 151 -34.48 12.03 -12.10
C GLY L 151 -33.59 11.39 -13.15
N GLU L 152 -33.86 10.10 -13.38
CA GLU L 152 -33.11 9.35 -14.37
C GLU L 152 -33.41 9.87 -15.77
N GLY L 153 -32.38 9.92 -16.60
CA GLY L 153 -32.54 10.38 -17.96
C GLY L 153 -32.71 11.86 -18.13
N THR L 154 -32.53 12.65 -17.07
CA THR L 154 -32.63 14.10 -17.15
C THR L 154 -31.31 14.76 -17.54
N SER L 155 -30.30 13.97 -17.92
CA SER L 155 -29.06 14.52 -18.42
C SER L 155 -29.10 14.81 -19.91
N ASP L 156 -30.02 14.18 -20.64
CA ASP L 156 -30.16 14.47 -22.06
C ASP L 156 -30.72 15.87 -22.25
N PRO L 157 -30.17 16.65 -23.19
CA PRO L 157 -30.67 18.02 -23.37
C PRO L 157 -32.08 18.10 -23.91
N ALA L 158 -32.48 17.17 -24.77
CA ALA L 158 -33.83 17.23 -25.35
C ALA L 158 -34.89 16.87 -24.31
N ILE L 159 -34.62 15.84 -23.49
CA ILE L 159 -35.58 15.45 -22.45
C ILE L 159 -35.70 16.54 -21.39
N PHE L 160 -34.58 17.19 -21.06
CA PHE L 160 -34.57 18.19 -20.00
C PHE L 160 -35.45 19.39 -20.36
N GLY L 161 -35.12 20.07 -21.46
CA GLY L 161 -35.87 21.25 -21.84
C GLY L 161 -37.33 20.99 -22.12
N GLN L 162 -37.65 19.78 -22.60
CA GLN L 162 -39.04 19.44 -22.89
C GLN L 162 -39.86 19.35 -21.61
N LEU L 163 -39.32 18.72 -20.56
CA LEU L 163 -40.04 18.58 -19.31
C LEU L 163 -40.30 19.94 -18.64
N MET L 164 -39.58 20.98 -19.05
CA MET L 164 -39.82 22.33 -18.55
C MET L 164 -40.89 23.05 -19.37
N ILE L 165 -40.93 22.81 -20.68
CA ILE L 165 -41.96 23.43 -21.52
C ILE L 165 -43.34 22.96 -21.09
N ASP L 166 -43.45 21.67 -20.71
CA ASP L 166 -44.74 21.13 -20.29
C ASP L 166 -45.07 21.49 -18.84
N SER L 167 -44.05 21.63 -18.00
CA SER L 167 -44.29 21.91 -16.59
C SER L 167 -44.98 23.25 -16.41
N GLY L 168 -44.37 24.32 -16.90
CA GLY L 168 -44.92 25.65 -16.76
C GLY L 168 -43.84 26.71 -16.68
N VAL L 169 -42.68 26.40 -17.25
CA VAL L 169 -41.53 27.32 -17.23
C VAL L 169 -41.63 28.26 -18.42
N ASN L 170 -41.81 29.55 -18.15
CA ASN L 170 -41.83 30.55 -19.20
C ASN L 170 -41.10 31.81 -18.75
N SER L 171 -41.34 32.23 -17.51
CA SER L 171 -40.73 33.45 -17.00
C SER L 171 -39.21 33.31 -16.92
N GLU L 172 -38.53 34.45 -16.91
CA GLU L 172 -37.07 34.46 -16.98
C GLU L 172 -36.45 33.93 -15.69
N GLU L 173 -36.85 34.48 -14.55
CA GLU L 173 -36.23 34.09 -13.28
C GLU L 173 -36.48 32.62 -12.94
N ILE L 174 -37.61 32.07 -13.41
CA ILE L 174 -37.87 30.65 -13.20
C ILE L 174 -36.87 29.81 -13.97
N ARG L 175 -36.66 30.15 -15.24
CA ARG L 175 -35.72 29.39 -16.07
C ARG L 175 -34.28 29.59 -15.64
N GLU L 176 -33.97 30.66 -14.90
CA GLU L 176 -32.60 30.94 -14.53
C GLU L 176 -32.16 30.13 -13.32
N LYS L 177 -33.05 29.92 -12.35
CA LYS L 177 -32.67 29.18 -11.14
C LYS L 177 -32.62 27.67 -11.38
N LEU L 178 -33.45 27.15 -12.28
CA LEU L 178 -33.41 25.72 -12.56
C LEU L 178 -32.25 25.36 -13.47
N PHE L 179 -31.83 26.26 -14.35
CA PHE L 179 -30.61 26.11 -15.12
C PHE L 179 -29.39 26.61 -14.37
N LYS L 180 -29.50 26.86 -13.07
CA LYS L 180 -28.35 27.25 -12.27
C LYS L 180 -27.33 26.11 -12.24
N ASN L 181 -26.09 26.45 -12.56
CA ASN L 181 -24.97 25.51 -12.56
C ASN L 181 -25.19 24.34 -13.51
N ILE L 182 -26.01 24.51 -14.54
CA ILE L 182 -26.27 23.48 -15.53
C ILE L 182 -25.74 23.97 -16.87
N ARG L 183 -24.62 23.40 -17.30
CA ARG L 183 -24.00 23.73 -18.57
C ARG L 183 -24.40 22.69 -19.63
N LEU L 184 -24.15 23.04 -20.88
CA LEU L 184 -24.45 22.17 -22.02
C LEU L 184 -23.12 21.78 -22.66
N LEU L 185 -22.62 20.61 -22.27
CA LEU L 185 -21.36 20.11 -22.81
C LEU L 185 -21.60 19.54 -24.21
N PRO L 186 -21.02 20.12 -25.26
CA PRO L 186 -21.27 19.62 -26.61
C PRO L 186 -20.59 18.29 -26.84
N SER L 187 -21.27 17.41 -27.59
CA SER L 187 -20.73 16.10 -27.90
C SER L 187 -19.75 16.19 -29.06
N ARG L 188 -18.53 15.66 -28.84
CA ARG L 188 -17.54 15.62 -29.90
C ARG L 188 -18.02 14.79 -31.09
N ALA L 189 -18.87 13.80 -30.83
CA ALA L 189 -19.30 12.88 -31.90
C ALA L 189 -20.16 13.60 -32.93
N LYS L 190 -21.22 14.27 -32.48
CA LYS L 190 -22.19 14.85 -33.41
C LYS L 190 -21.57 15.95 -34.27
N PHE L 191 -20.55 16.64 -33.76
CA PHE L 191 -19.91 17.74 -34.47
C PHE L 191 -18.59 17.34 -35.11
N ARG L 192 -18.38 16.05 -35.36
CA ARG L 192 -17.11 15.60 -35.91
C ARG L 192 -16.91 16.09 -37.35
N LYS L 193 -17.99 16.29 -38.09
CA LYS L 193 -17.86 16.83 -39.45
C LYS L 193 -17.36 18.26 -39.44
N GLN L 194 -17.74 19.05 -38.43
CA GLN L 194 -17.30 20.43 -38.36
C GLN L 194 -15.90 20.56 -37.73
N ILE L 195 -15.56 19.66 -36.80
CA ILE L 195 -14.23 19.70 -36.19
C ILE L 195 -13.16 19.39 -37.23
N GLU L 196 -13.34 18.30 -37.99
CA GLU L 196 -12.39 17.94 -39.03
C GLU L 196 -12.36 18.94 -40.18
N LYS L 197 -13.23 19.94 -40.17
CA LYS L 197 -13.19 21.01 -41.14
C LYS L 197 -12.23 22.12 -40.69
N TRP L 198 -12.57 22.79 -39.59
CA TRP L 198 -11.74 23.89 -39.10
C TRP L 198 -10.30 23.45 -38.83
N ALA L 199 -10.10 22.15 -38.58
CA ALA L 199 -8.75 21.64 -38.38
C ALA L 199 -7.88 21.87 -39.61
N ALA L 200 -8.48 21.97 -40.79
CA ALA L 200 -7.72 22.15 -42.03
C ALA L 200 -8.29 23.26 -42.90
N SER L 201 -9.59 23.52 -42.78
CA SER L 201 -10.25 24.48 -43.67
C SER L 201 -9.67 25.88 -43.48
N ALA L 202 -9.54 26.60 -44.60
CA ALA L 202 -9.03 27.96 -44.60
C ALA L 202 -9.38 28.65 -45.91
ZN ZN M . 19.32 -11.33 -34.45
ZN ZN N . 29.70 12.52 -47.51
ZN ZN O . 5.59 19.46 -18.74
ZN ZN P . -21.44 -4.74 1.01
ZN ZN Q . 10.13 -38.27 3.41
ZN ZN R . 17.27 -11.23 40.03
ZN ZN S . 23.77 12.12 22.49
ZN ZN T . -48.48 23.56 14.22
ZN ZN U . -36.73 -17.95 22.10
ZN ZN V . -22.41 31.77 25.48
ZN ZN W . 37.82 -35.16 12.00
ZN ZN X . -19.53 29.55 -29.49
#